data_2IB1
#
_entry.id   2IB1
#
_cell.length_a   1.000
_cell.length_b   1.000
_cell.length_c   1.000
_cell.angle_alpha   90.00
_cell.angle_beta   90.00
_cell.angle_gamma   90.00
#
_symmetry.space_group_name_H-M   'P 1'
#
_entity_poly.entity_id   1
_entity_poly.type   'polypeptide(L)'
_entity_poly.pdbx_seq_one_letter_code
;PQQQQEEVQRLLMMGEPAKGWQELAGHLGYQAEAVETMACDQMPAYTLLRNWAAQEGNRATLRVLEDALAAIGREDVVQV
LSSPAESSSVV
;
_entity_poly.pdbx_strand_id   A
#
# COMPACT_ATOMS: atom_id res chain seq x y z
N PRO A 1 -1.30 10.07 -4.36
CA PRO A 1 -0.35 9.00 -4.77
C PRO A 1 0.77 8.81 -3.74
N GLN A 2 1.64 9.82 -3.57
CA GLN A 2 2.73 9.73 -2.61
C GLN A 2 2.18 9.76 -1.19
N GLN A 3 1.34 10.74 -0.91
CA GLN A 3 0.71 10.85 0.41
C GLN A 3 -0.05 9.57 0.76
N GLN A 4 -0.35 8.77 -0.27
CA GLN A 4 -1.06 7.50 -0.07
C GLN A 4 -0.15 6.45 0.52
N GLN A 5 1.15 6.72 0.55
CA GLN A 5 2.10 5.79 1.13
C GLN A 5 2.72 6.41 2.37
N GLU A 6 2.97 7.72 2.29
CA GLU A 6 3.52 8.48 3.40
C GLU A 6 2.53 8.53 4.56
N GLU A 7 1.23 8.45 4.24
CA GLU A 7 0.18 8.47 5.27
C GLU A 7 -0.27 7.04 5.61
N VAL A 8 -0.49 6.22 4.58
CA VAL A 8 -0.92 4.84 4.79
C VAL A 8 0.08 4.05 5.61
N GLN A 9 1.36 4.19 5.29
CA GLN A 9 2.41 3.50 6.04
C GLN A 9 2.31 3.81 7.53
N ARG A 10 1.71 4.96 7.88
CA ARG A 10 1.55 5.37 9.28
C ARG A 10 0.37 4.66 9.94
N LEU A 11 0.36 3.33 9.84
CA LEU A 11 -0.72 2.53 10.42
C LEU A 11 -0.29 1.06 10.63
N LEU A 12 0.44 0.51 9.65
CA LEU A 12 0.88 -0.89 9.72
C LEU A 12 2.41 -1.01 9.79
N MET A 13 3.11 -0.23 8.97
CA MET A 13 4.59 -0.27 8.93
C MET A 13 5.21 -0.25 10.32
N MET A 14 4.64 0.56 11.21
CA MET A 14 5.14 0.69 12.58
C MET A 14 5.24 -0.66 13.29
N GLY A 15 6.42 -1.30 13.18
CA GLY A 15 6.63 -2.59 13.81
C GLY A 15 7.01 -3.70 12.82
N GLU A 16 7.08 -3.36 11.52
CA GLU A 16 7.44 -4.34 10.48
C GLU A 16 6.48 -5.54 10.48
N PRO A 17 5.20 -5.31 10.12
CA PRO A 17 4.18 -6.37 10.08
C PRO A 17 4.35 -7.34 8.92
N ALA A 18 3.75 -8.52 9.07
CA ALA A 18 3.79 -9.55 8.04
C ALA A 18 2.55 -9.49 7.13
N LYS A 19 1.64 -8.56 7.44
CA LYS A 19 0.41 -8.39 6.68
C LYS A 19 0.45 -7.10 5.85
N GLY A 20 -0.70 -6.70 5.31
CA GLY A 20 -0.78 -5.49 4.49
C GLY A 20 0.16 -5.51 3.30
N TRP A 21 1.27 -4.75 3.41
CA TRP A 21 2.26 -4.69 2.33
C TRP A 21 2.60 -6.10 1.82
N GLN A 22 2.68 -7.05 2.75
CA GLN A 22 2.98 -8.44 2.39
C GLN A 22 1.81 -9.09 1.67
N GLU A 23 0.61 -8.95 2.25
CA GLU A 23 -0.61 -9.50 1.65
C GLU A 23 -0.79 -8.94 0.22
N LEU A 24 -0.30 -7.72 0.00
CA LEU A 24 -0.38 -7.07 -1.31
C LEU A 24 0.42 -7.87 -2.33
N ALA A 25 1.61 -8.31 -1.92
CA ALA A 25 2.48 -9.10 -2.78
C ALA A 25 1.71 -10.25 -3.42
N GLY A 26 0.70 -10.76 -2.70
CA GLY A 26 -0.13 -11.83 -3.23
C GLY A 26 -0.88 -11.39 -4.48
N HIS A 27 -1.35 -10.15 -4.47
CA HIS A 27 -2.09 -9.57 -5.59
C HIS A 27 -1.14 -8.78 -6.51
N LEU A 28 -0.02 -8.32 -5.95
CA LEU A 28 0.97 -7.54 -6.69
C LEU A 28 1.80 -8.44 -7.61
N GLY A 29 1.80 -9.74 -7.33
CA GLY A 29 2.58 -10.67 -8.15
C GLY A 29 4.03 -10.69 -7.74
N TYR A 30 4.28 -10.51 -6.44
CA TYR A 30 5.64 -10.48 -5.91
C TYR A 30 6.10 -11.89 -5.52
N GLN A 31 7.17 -11.94 -4.72
CA GLN A 31 7.73 -13.22 -4.27
C GLN A 31 8.32 -13.09 -2.87
N ALA A 32 8.38 -14.21 -2.15
CA ALA A 32 8.93 -14.22 -0.78
C ALA A 32 10.35 -13.66 -0.74
N GLU A 33 11.16 -14.01 -1.74
CA GLU A 33 12.54 -13.52 -1.82
C GLU A 33 12.56 -11.99 -1.80
N ALA A 34 11.52 -11.40 -2.39
CA ALA A 34 11.41 -9.94 -2.43
C ALA A 34 10.56 -9.44 -1.27
N VAL A 35 9.56 -10.24 -0.88
CA VAL A 35 8.70 -9.87 0.24
C VAL A 35 9.55 -9.80 1.51
N GLU A 36 10.64 -10.58 1.54
CA GLU A 36 11.55 -10.59 2.67
C GLU A 36 12.34 -9.28 2.73
N THR A 37 12.67 -8.75 1.55
CA THR A 37 13.42 -7.50 1.44
C THR A 37 12.49 -6.29 1.52
N MET A 38 11.32 -6.38 0.86
CA MET A 38 10.34 -5.29 0.84
C MET A 38 10.15 -4.68 2.23
N ALA A 39 10.04 -5.54 3.24
CA ALA A 39 9.87 -5.09 4.63
C ALA A 39 11.01 -4.16 5.06
N CYS A 40 12.17 -4.27 4.41
CA CYS A 40 13.33 -3.43 4.75
C CYS A 40 13.93 -2.74 3.52
N ASP A 41 13.12 -2.53 2.49
CA ASP A 41 13.58 -1.88 1.26
C ASP A 41 13.02 -0.45 1.18
N GLN A 42 13.65 0.47 1.92
CA GLN A 42 13.21 1.86 1.94
C GLN A 42 11.70 1.94 2.19
N MET A 43 11.21 1.07 3.08
CA MET A 43 9.80 0.99 3.42
C MET A 43 9.01 0.33 2.28
N PRO A 44 8.23 -0.72 2.60
CA PRO A 44 7.42 -1.44 1.62
C PRO A 44 6.35 -0.58 0.98
N ALA A 45 5.67 0.21 1.79
CA ALA A 45 4.62 1.11 1.30
C ALA A 45 5.20 2.25 0.47
N TYR A 46 6.38 2.73 0.88
CA TYR A 46 7.05 3.81 0.16
C TYR A 46 7.65 3.32 -1.15
N THR A 47 8.40 2.23 -1.08
CA THR A 47 9.01 1.66 -2.27
C THR A 47 7.93 1.07 -3.21
N LEU A 48 6.78 0.70 -2.63
CA LEU A 48 5.67 0.13 -3.41
C LEU A 48 5.39 0.94 -4.69
N LEU A 49 5.42 2.27 -4.58
CA LEU A 49 5.16 3.13 -5.73
C LEU A 49 6.15 2.86 -6.86
N ARG A 50 7.40 2.58 -6.51
CA ARG A 50 8.42 2.26 -7.51
C ARG A 50 8.48 0.75 -7.76
N ASN A 51 8.20 -0.02 -6.71
CA ASN A 51 8.22 -1.49 -6.79
C ASN A 51 7.01 -2.01 -7.58
N TRP A 52 5.80 -1.66 -7.12
CA TRP A 52 4.58 -2.09 -7.79
C TRP A 52 4.50 -1.51 -9.20
N ALA A 53 4.87 -0.23 -9.33
CA ALA A 53 4.85 0.44 -10.63
C ALA A 53 5.96 -0.10 -11.53
N ALA A 54 7.19 -0.13 -10.99
CA ALA A 54 8.37 -0.62 -11.72
C ALA A 54 8.95 0.47 -12.65
N GLN A 55 8.37 1.67 -12.60
CA GLN A 55 8.84 2.79 -13.42
C GLN A 55 8.43 4.13 -12.80
N GLU A 56 7.18 4.22 -12.33
CA GLU A 56 6.67 5.45 -11.72
C GLU A 56 5.32 5.22 -11.03
N GLY A 57 4.40 4.56 -11.73
CA GLY A 57 3.08 4.28 -11.18
C GLY A 57 1.97 4.46 -12.21
N ASN A 58 0.82 4.96 -11.76
CA ASN A 58 -0.33 5.19 -12.64
C ASN A 58 -0.96 3.88 -13.13
N ARG A 59 -0.17 3.07 -13.85
CA ARG A 59 -0.66 1.79 -14.41
C ARG A 59 -1.19 0.86 -13.31
N ALA A 60 -0.49 0.78 -12.20
CA ALA A 60 -0.90 -0.08 -11.09
C ALA A 60 -1.36 0.78 -9.91
N THR A 61 -2.00 1.91 -10.21
CA THR A 61 -2.49 2.82 -9.16
C THR A 61 -3.82 3.46 -9.54
N LEU A 62 -4.25 4.46 -8.74
CA LEU A 62 -5.51 5.18 -8.97
C LEU A 62 -6.72 4.26 -8.78
N ARG A 63 -6.78 3.20 -9.59
CA ARG A 63 -7.87 2.22 -9.52
C ARG A 63 -7.35 0.84 -9.10
N VAL A 64 -6.08 0.56 -9.42
CA VAL A 64 -5.49 -0.73 -9.08
C VAL A 64 -5.18 -0.83 -7.57
N LEU A 65 -4.86 0.31 -6.97
CA LEU A 65 -4.53 0.39 -5.54
C LEU A 65 -5.64 -0.23 -4.68
N GLU A 66 -6.88 0.18 -4.94
CA GLU A 66 -8.02 -0.33 -4.18
C GLU A 66 -8.23 -1.82 -4.43
N ASP A 67 -8.14 -2.24 -5.68
CA ASP A 67 -8.30 -3.65 -6.04
C ASP A 67 -7.23 -4.48 -5.34
N ALA A 68 -5.97 -4.09 -5.54
CA ALA A 68 -4.84 -4.78 -4.94
C ALA A 68 -4.99 -4.92 -3.42
N LEU A 69 -5.62 -3.93 -2.78
CA LEU A 69 -5.80 -3.96 -1.33
C LEU A 69 -7.15 -4.57 -0.93
N ALA A 70 -8.18 -4.37 -1.76
CA ALA A 70 -9.51 -4.90 -1.47
C ALA A 70 -9.64 -6.38 -1.81
N ALA A 71 -9.02 -6.81 -2.91
CA ALA A 71 -9.08 -8.22 -3.31
C ALA A 71 -8.59 -9.14 -2.18
N ILE A 72 -7.76 -8.59 -1.30
CA ILE A 72 -7.22 -9.34 -0.16
C ILE A 72 -7.94 -8.95 1.15
N GLY A 73 -8.49 -7.74 1.20
CA GLY A 73 -9.18 -7.26 2.39
C GLY A 73 -8.27 -6.48 3.31
N ARG A 74 -7.62 -5.44 2.77
CA ARG A 74 -6.71 -4.63 3.55
C ARG A 74 -7.11 -3.15 3.61
N GLU A 75 -8.37 -2.91 3.99
CA GLU A 75 -8.87 -1.55 4.14
C GLU A 75 -8.57 -1.02 5.54
N ASP A 76 -7.78 -1.78 6.31
CA ASP A 76 -7.37 -1.43 7.65
C ASP A 76 -6.78 -0.02 7.70
N VAL A 77 -6.11 0.36 6.63
CA VAL A 77 -5.48 1.68 6.53
C VAL A 77 -6.33 2.60 5.65
N VAL A 78 -6.86 2.05 4.55
CA VAL A 78 -7.72 2.80 3.65
C VAL A 78 -8.86 3.43 4.44
N GLN A 79 -9.41 2.65 5.38
CA GLN A 79 -10.48 3.12 6.26
C GLN A 79 -9.98 4.31 7.08
N VAL A 80 -8.83 4.14 7.72
CA VAL A 80 -8.23 5.20 8.53
C VAL A 80 -7.92 6.42 7.66
N LEU A 81 -7.27 6.18 6.53
CA LEU A 81 -6.92 7.26 5.60
C LEU A 81 -8.17 8.02 5.15
N SER A 82 -9.26 7.29 4.91
CA SER A 82 -10.51 7.91 4.49
C SER A 82 -11.47 8.14 5.67
N SER A 83 -10.91 8.27 6.87
CA SER A 83 -11.72 8.49 8.08
C SER A 83 -10.83 8.78 9.30
N PRO A 84 -10.06 9.88 9.27
CA PRO A 84 -9.14 10.24 10.37
C PRO A 84 -9.88 10.61 11.67
N ALA A 85 -10.69 11.67 11.63
CA ALA A 85 -11.44 12.12 12.81
C ALA A 85 -12.42 13.24 12.47
N GLU A 86 -13.48 13.35 13.25
CA GLU A 86 -14.49 14.38 13.04
C GLU A 86 -14.30 15.55 14.00
N SER A 87 -14.47 16.77 13.48
CA SER A 87 -14.31 17.98 14.29
C SER A 87 -14.53 19.24 13.44
N SER A 88 -14.18 20.40 13.99
CA SER A 88 -14.33 21.67 13.29
C SER A 88 -15.80 21.92 12.91
N SER A 89 -16.05 22.45 11.71
CA SER A 89 -17.41 22.72 11.25
C SER A 89 -17.51 22.57 9.74
N VAL A 90 -18.52 21.82 9.29
CA VAL A 90 -18.75 21.57 7.87
C VAL A 90 -17.70 20.63 7.27
N VAL A 91 -17.95 20.16 6.05
CA VAL A 91 -17.06 19.24 5.36
C VAL A 91 -15.82 19.97 4.83
N PRO A 1 -1.58 12.71 -2.45
CA PRO A 1 -0.40 12.25 -3.22
C PRO A 1 0.87 12.23 -2.36
N GLN A 2 1.58 11.11 -2.39
CA GLN A 2 2.80 10.92 -1.60
C GLN A 2 2.45 10.78 -0.12
N GLN A 3 1.80 11.79 0.44
CA GLN A 3 1.38 11.75 1.83
C GLN A 3 0.50 10.52 2.09
N GLN A 4 -0.02 9.93 1.02
CA GLN A 4 -0.84 8.73 1.14
C GLN A 4 0.03 7.47 1.19
N GLN A 5 1.32 7.62 0.93
CA GLN A 5 2.25 6.50 0.97
C GLN A 5 3.22 6.68 2.13
N GLU A 6 3.69 7.91 2.36
CA GLU A 6 4.60 8.19 3.48
C GLU A 6 3.86 8.04 4.81
N GLU A 7 2.52 8.17 4.80
CA GLU A 7 1.74 8.03 6.01
C GLU A 7 1.25 6.58 6.18
N VAL A 8 0.82 5.96 5.08
CA VAL A 8 0.33 4.58 5.12
C VAL A 8 1.37 3.65 5.76
N GLN A 9 2.64 3.84 5.42
CA GLN A 9 3.72 3.04 6.01
C GLN A 9 3.69 3.14 7.54
N ARG A 10 3.11 4.24 8.05
CA ARG A 10 3.00 4.43 9.50
C ARG A 10 1.94 3.51 10.10
N LEU A 11 1.13 2.90 9.24
CA LEU A 11 0.08 1.98 9.69
C LEU A 11 0.46 0.53 9.38
N LEU A 12 1.02 0.30 8.20
CA LEU A 12 1.42 -1.05 7.78
C LEU A 12 2.77 -1.44 8.40
N MET A 13 3.71 -0.50 8.39
CA MET A 13 5.03 -0.73 8.95
C MET A 13 5.12 -0.16 10.36
N MET A 14 4.19 -0.58 11.21
CA MET A 14 4.11 -0.11 12.59
C MET A 14 3.65 -1.24 13.52
N GLY A 15 3.07 -0.89 14.67
CA GLY A 15 2.57 -1.90 15.59
C GLY A 15 1.65 -2.90 14.90
N GLU A 16 1.03 -2.47 13.79
CA GLU A 16 0.14 -3.33 13.01
C GLU A 16 0.96 -4.44 12.33
N PRO A 17 0.40 -5.66 12.31
CA PRO A 17 1.05 -6.84 11.72
C PRO A 17 1.80 -6.53 10.42
N ALA A 18 2.91 -7.25 10.22
CA ALA A 18 3.74 -7.08 9.02
C ALA A 18 2.98 -7.38 7.72
N LYS A 19 1.78 -7.97 7.85
CA LYS A 19 0.96 -8.30 6.68
C LYS A 19 0.40 -7.03 6.01
N GLY A 20 -0.61 -7.19 5.15
CA GLY A 20 -1.17 -6.04 4.46
C GLY A 20 -0.41 -5.72 3.19
N TRP A 21 0.73 -5.02 3.34
CA TRP A 21 1.56 -4.68 2.19
C TRP A 21 2.05 -5.97 1.51
N GLN A 22 2.22 -7.03 2.30
CA GLN A 22 2.62 -8.33 1.78
C GLN A 22 1.47 -8.93 0.97
N GLU A 23 0.26 -8.81 1.54
CA GLU A 23 -0.96 -9.31 0.93
C GLU A 23 -1.17 -8.65 -0.44
N LEU A 24 -1.16 -7.31 -0.46
CA LEU A 24 -1.32 -6.58 -1.71
C LEU A 24 -0.19 -6.96 -2.66
N ALA A 25 1.03 -7.06 -2.13
CA ALA A 25 2.18 -7.48 -2.92
C ALA A 25 1.89 -8.86 -3.53
N GLY A 26 1.20 -9.70 -2.76
CA GLY A 26 0.82 -11.02 -3.23
C GLY A 26 -0.17 -10.93 -4.37
N HIS A 27 -1.14 -10.01 -4.24
CA HIS A 27 -2.13 -9.79 -5.28
C HIS A 27 -1.45 -9.23 -6.53
N LEU A 28 -0.37 -8.48 -6.31
CA LEU A 28 0.42 -7.91 -7.41
C LEU A 28 1.18 -9.03 -8.11
N GLY A 29 1.51 -10.09 -7.36
CA GLY A 29 2.22 -11.23 -7.91
C GLY A 29 3.67 -11.28 -7.51
N TYR A 30 4.01 -10.68 -6.36
CA TYR A 30 5.40 -10.67 -5.91
C TYR A 30 5.77 -12.00 -5.25
N GLN A 31 6.93 -12.02 -4.59
CA GLN A 31 7.42 -13.21 -3.92
C GLN A 31 7.79 -12.93 -2.47
N ALA A 32 7.55 -13.91 -1.60
CA ALA A 32 7.87 -13.78 -0.17
C ALA A 32 9.30 -13.30 0.05
N GLU A 33 10.20 -13.61 -0.88
CA GLU A 33 11.60 -13.17 -0.79
C GLU A 33 11.66 -11.65 -0.70
N ALA A 34 10.77 -10.97 -1.41
CA ALA A 34 10.71 -9.52 -1.39
C ALA A 34 10.08 -9.03 -0.08
N VAL A 35 9.26 -9.90 0.52
CA VAL A 35 8.62 -9.58 1.79
C VAL A 35 9.68 -9.43 2.89
N GLU A 36 10.80 -10.13 2.72
CA GLU A 36 11.89 -10.06 3.69
C GLU A 36 12.57 -8.68 3.66
N THR A 37 12.64 -8.11 2.46
CA THR A 37 13.25 -6.79 2.29
C THR A 37 12.20 -5.69 2.45
N MET A 38 11.06 -5.85 1.77
CA MET A 38 9.96 -4.88 1.84
C MET A 38 9.68 -4.43 3.27
N ALA A 39 9.78 -5.37 4.22
CA ALA A 39 9.56 -5.05 5.63
C ALA A 39 10.47 -3.90 6.07
N CYS A 40 11.61 -3.74 5.38
CA CYS A 40 12.56 -2.67 5.68
C CYS A 40 13.16 -2.10 4.38
N ASP A 41 12.37 -2.15 3.30
CA ASP A 41 12.81 -1.66 2.00
C ASP A 41 12.33 -0.22 1.76
N GLN A 42 12.95 0.73 2.47
CA GLN A 42 12.58 2.14 2.35
C GLN A 42 11.05 2.31 2.44
N MET A 43 10.43 1.53 3.34
CA MET A 43 8.97 1.56 3.54
C MET A 43 8.24 0.93 2.36
N PRO A 44 7.36 -0.06 2.62
CA PRO A 44 6.60 -0.74 1.57
C PRO A 44 5.74 0.23 0.77
N ALA A 45 5.06 1.14 1.48
CA ALA A 45 4.19 2.13 0.85
C ALA A 45 4.98 3.07 -0.08
N TYR A 46 6.24 3.34 0.27
CA TYR A 46 7.08 4.21 -0.54
C TYR A 46 7.79 3.42 -1.64
N THR A 47 8.37 2.28 -1.26
CA THR A 47 9.06 1.43 -2.24
C THR A 47 8.09 0.94 -3.32
N LEU A 48 6.84 0.68 -2.91
CA LEU A 48 5.80 0.21 -3.83
C LEU A 48 5.72 1.07 -5.10
N LEU A 49 5.92 2.38 -4.95
CA LEU A 49 5.87 3.29 -6.09
C LEU A 49 6.79 2.80 -7.21
N ARG A 50 7.97 2.36 -6.81
CA ARG A 50 8.95 1.84 -7.77
C ARG A 50 8.87 0.32 -7.88
N ASN A 51 8.39 -0.35 -6.83
CA ASN A 51 8.26 -1.80 -6.85
C ASN A 51 6.99 -2.26 -7.57
N TRP A 52 5.86 -1.62 -7.30
CA TRP A 52 4.59 -1.98 -7.92
C TRP A 52 4.44 -1.32 -9.30
N ALA A 53 4.90 -0.08 -9.42
CA ALA A 53 4.80 0.65 -10.68
C ALA A 53 6.06 0.51 -11.54
N ALA A 54 7.23 0.37 -10.89
CA ALA A 54 8.52 0.26 -11.59
C ALA A 54 9.11 1.63 -11.93
N GLN A 55 8.23 2.61 -12.03
CA GLN A 55 8.61 3.99 -12.35
C GLN A 55 7.47 4.96 -12.03
N GLU A 56 6.66 4.64 -11.02
CA GLU A 56 5.53 5.48 -10.61
C GLU A 56 4.58 5.77 -11.78
N GLY A 57 4.41 4.80 -12.66
CA GLY A 57 3.51 4.97 -13.81
C GLY A 57 2.05 4.78 -13.42
N ASN A 58 1.15 5.32 -14.24
CA ASN A 58 -0.30 5.20 -13.98
C ASN A 58 -0.80 3.75 -14.13
N ARG A 59 -0.19 2.84 -13.38
CA ARG A 59 -0.58 1.43 -13.42
C ARG A 59 -1.22 1.00 -12.10
N ALA A 60 -0.50 1.14 -11.00
CA ALA A 60 -1.02 0.79 -9.68
C ALA A 60 -1.83 1.95 -9.10
N THR A 61 -2.80 2.42 -9.89
CA THR A 61 -3.67 3.54 -9.51
C THR A 61 -4.37 3.29 -8.18
N LEU A 62 -4.55 4.35 -7.39
CA LEU A 62 -5.21 4.27 -6.09
C LEU A 62 -6.54 3.51 -6.20
N ARG A 63 -7.25 3.70 -7.31
CA ARG A 63 -8.52 2.99 -7.54
C ARG A 63 -8.29 1.48 -7.58
N VAL A 64 -7.13 1.05 -8.07
CA VAL A 64 -6.76 -0.36 -8.11
C VAL A 64 -6.36 -0.83 -6.72
N LEU A 65 -5.71 0.06 -5.96
CA LEU A 65 -5.27 -0.24 -4.59
C LEU A 65 -6.45 -0.75 -3.76
N GLU A 66 -7.57 -0.03 -3.80
CA GLU A 66 -8.77 -0.44 -3.08
C GLU A 66 -9.15 -1.87 -3.43
N ASP A 67 -9.20 -2.15 -4.75
CA ASP A 67 -9.52 -3.49 -5.24
C ASP A 67 -8.45 -4.49 -4.84
N ALA A 68 -7.19 -4.17 -5.16
CA ALA A 68 -6.07 -5.04 -4.82
C ALA A 68 -6.03 -5.33 -3.32
N LEU A 69 -6.36 -4.32 -2.52
CA LEU A 69 -6.36 -4.46 -1.07
C LEU A 69 -7.61 -5.19 -0.57
N ALA A 70 -8.77 -4.81 -1.09
CA ALA A 70 -10.02 -5.44 -0.69
C ALA A 70 -10.09 -6.89 -1.16
N ALA A 71 -9.56 -7.17 -2.34
CA ALA A 71 -9.55 -8.52 -2.89
C ALA A 71 -8.90 -9.53 -1.94
N ILE A 72 -8.03 -9.05 -1.05
CA ILE A 72 -7.36 -9.93 -0.08
C ILE A 72 -8.03 -9.89 1.29
N GLY A 73 -8.96 -8.95 1.48
CA GLY A 73 -9.66 -8.82 2.75
C GLY A 73 -8.86 -8.03 3.76
N ARG A 74 -8.17 -6.98 3.29
CA ARG A 74 -7.35 -6.15 4.16
C ARG A 74 -7.36 -4.69 3.70
N GLU A 75 -8.55 -4.13 3.58
CA GLU A 75 -8.72 -2.75 3.14
C GLU A 75 -8.66 -1.77 4.32
N ASP A 76 -8.41 -2.28 5.53
CA ASP A 76 -8.32 -1.43 6.72
C ASP A 76 -7.33 -0.27 6.49
N VAL A 77 -6.29 -0.54 5.69
CA VAL A 77 -5.29 0.49 5.36
C VAL A 77 -5.86 1.48 4.36
N VAL A 78 -6.52 0.97 3.32
CA VAL A 78 -7.15 1.83 2.33
C VAL A 78 -8.29 2.58 2.98
N GLN A 79 -8.99 1.92 3.90
CA GLN A 79 -10.08 2.55 4.64
C GLN A 79 -9.56 3.79 5.35
N VAL A 80 -8.46 3.62 6.09
CA VAL A 80 -7.83 4.73 6.80
C VAL A 80 -7.29 5.74 5.79
N LEU A 81 -6.56 5.26 4.78
CA LEU A 81 -6.01 6.11 3.74
C LEU A 81 -7.13 6.92 3.06
N SER A 82 -8.29 6.28 2.87
CA SER A 82 -9.44 6.93 2.24
C SER A 82 -10.35 7.58 3.29
N SER A 83 -9.77 7.99 4.42
CA SER A 83 -10.53 8.62 5.50
C SER A 83 -9.61 9.17 6.58
N PRO A 84 -8.76 10.17 6.23
CA PRO A 84 -7.83 10.78 7.18
C PRO A 84 -8.53 11.31 8.44
N ALA A 85 -7.98 10.98 9.60
CA ALA A 85 -8.55 11.40 10.88
C ALA A 85 -8.90 12.89 10.90
N GLU A 86 -8.07 13.71 10.24
CA GLU A 86 -8.29 15.16 10.18
C GLU A 86 -8.41 15.64 8.74
N SER A 87 -9.09 16.78 8.54
CA SER A 87 -9.26 17.35 7.21
C SER A 87 -8.20 18.40 6.90
N SER A 88 -8.11 18.82 5.64
CA SER A 88 -7.14 19.82 5.21
C SER A 88 -5.71 19.41 5.59
N SER A 89 -5.31 18.21 5.17
CA SER A 89 -3.98 17.69 5.47
C SER A 89 -2.89 18.46 4.70
N VAL A 90 -2.75 19.75 5.01
CA VAL A 90 -1.74 20.60 4.36
C VAL A 90 -2.00 20.74 2.85
N VAL A 91 -1.29 21.68 2.22
CA VAL A 91 -1.41 21.95 0.78
C VAL A 91 -2.71 22.69 0.44
N PRO A 1 1.08 9.67 -6.56
CA PRO A 1 0.80 10.33 -5.25
C PRO A 1 1.96 10.14 -4.26
N GLN A 2 2.05 11.01 -3.26
CA GLN A 2 3.13 10.91 -2.26
C GLN A 2 2.57 10.71 -0.86
N GLN A 3 1.85 11.71 -0.34
CA GLN A 3 1.27 11.59 0.99
C GLN A 3 0.37 10.36 1.08
N GLN A 4 0.00 9.79 -0.07
CA GLN A 4 -0.83 8.60 -0.12
C GLN A 4 -0.01 7.33 0.12
N GLN A 5 1.31 7.44 -0.03
CA GLN A 5 2.21 6.33 0.19
C GLN A 5 2.99 6.55 1.48
N GLU A 6 3.40 7.80 1.71
CA GLU A 6 4.12 8.15 2.93
C GLU A 6 3.18 8.05 4.14
N GLU A 7 1.87 8.22 3.92
CA GLU A 7 0.88 8.16 5.01
C GLU A 7 0.32 6.75 5.17
N VAL A 8 0.12 6.04 4.07
CA VAL A 8 -0.41 4.68 4.12
C VAL A 8 0.56 3.72 4.80
N GLN A 9 1.85 3.84 4.46
CA GLN A 9 2.89 2.99 5.06
C GLN A 9 2.83 3.03 6.60
N ARG A 10 2.32 4.12 7.16
CA ARG A 10 2.22 4.26 8.61
C ARG A 10 1.29 3.22 9.23
N LEU A 11 0.31 2.77 8.45
CA LEU A 11 -0.65 1.77 8.94
C LEU A 11 -0.22 0.34 8.61
N LEU A 12 1.03 0.17 8.17
CA LEU A 12 1.53 -1.16 7.82
C LEU A 12 3.00 -1.36 8.23
N MET A 13 3.81 -0.30 8.19
CA MET A 13 5.22 -0.42 8.56
C MET A 13 5.54 0.28 9.90
N MET A 14 4.58 0.29 10.81
CA MET A 14 4.77 0.89 12.14
C MET A 14 5.03 -0.19 13.18
N GLY A 15 6.02 -1.04 12.92
CA GLY A 15 6.31 -2.14 13.83
C GLY A 15 5.15 -3.12 13.92
N GLU A 16 4.33 -3.14 12.87
CA GLU A 16 3.17 -4.00 12.78
C GLU A 16 3.45 -5.25 11.95
N PRO A 17 2.54 -6.25 11.99
CA PRO A 17 2.68 -7.49 11.23
C PRO A 17 3.15 -7.26 9.80
N ALA A 18 3.97 -8.18 9.29
CA ALA A 18 4.48 -8.11 7.92
C ALA A 18 3.32 -8.07 6.90
N LYS A 19 2.12 -8.46 7.35
CA LYS A 19 0.94 -8.49 6.50
C LYS A 19 0.60 -7.09 5.95
N GLY A 20 -0.51 -6.98 5.24
CA GLY A 20 -0.91 -5.70 4.66
C GLY A 20 -0.15 -5.42 3.38
N TRP A 21 0.99 -4.73 3.51
CA TRP A 21 1.82 -4.42 2.34
C TRP A 21 2.33 -5.71 1.69
N GLN A 22 2.41 -6.78 2.49
CA GLN A 22 2.83 -8.08 2.01
C GLN A 22 1.71 -8.74 1.20
N GLU A 23 0.49 -8.68 1.74
CA GLU A 23 -0.68 -9.26 1.08
C GLU A 23 -0.88 -8.66 -0.32
N LEU A 24 -0.84 -7.33 -0.41
CA LEU A 24 -0.99 -6.67 -1.71
C LEU A 24 0.14 -7.09 -2.64
N ALA A 25 1.35 -7.16 -2.10
CA ALA A 25 2.51 -7.62 -2.87
C ALA A 25 2.25 -9.06 -3.32
N GLY A 26 1.68 -9.86 -2.42
CA GLY A 26 1.35 -11.24 -2.73
C GLY A 26 0.33 -11.32 -3.86
N HIS A 27 -0.69 -10.47 -3.79
CA HIS A 27 -1.72 -10.41 -4.82
C HIS A 27 -1.13 -9.89 -6.12
N LEU A 28 -0.18 -8.96 -5.99
CA LEU A 28 0.51 -8.37 -7.13
C LEU A 28 1.34 -9.45 -7.83
N GLY A 29 1.85 -10.39 -7.04
CA GLY A 29 2.66 -11.48 -7.57
C GLY A 29 4.08 -11.47 -7.04
N TYR A 30 4.27 -10.90 -5.85
CA TYR A 30 5.60 -10.85 -5.24
C TYR A 30 6.01 -12.20 -4.65
N GLN A 31 7.02 -12.19 -3.78
CA GLN A 31 7.49 -13.41 -3.14
C GLN A 31 8.15 -13.12 -1.79
N ALA A 32 8.08 -14.07 -0.87
CA ALA A 32 8.66 -13.91 0.47
C ALA A 32 10.13 -13.47 0.39
N GLU A 33 10.87 -14.06 -0.55
CA GLU A 33 12.28 -13.72 -0.76
C GLU A 33 12.45 -12.23 -1.05
N ALA A 34 11.43 -11.65 -1.67
CA ALA A 34 11.43 -10.22 -1.98
C ALA A 34 10.67 -9.43 -0.92
N VAL A 35 9.64 -10.07 -0.35
CA VAL A 35 8.85 -9.46 0.71
C VAL A 35 9.74 -9.20 1.93
N GLU A 36 10.82 -9.98 2.05
CA GLU A 36 11.76 -9.82 3.15
C GLU A 36 12.45 -8.45 3.07
N THR A 37 12.69 -7.99 1.86
CA THR A 37 13.33 -6.68 1.64
C THR A 37 12.30 -5.56 1.67
N MET A 38 11.15 -5.77 1.03
CA MET A 38 10.07 -4.76 0.99
C MET A 38 9.85 -4.10 2.35
N ALA A 39 9.87 -4.93 3.40
CA ALA A 39 9.70 -4.43 4.77
C ALA A 39 10.72 -3.36 5.13
N CYS A 40 11.88 -3.38 4.46
CA CYS A 40 12.95 -2.40 4.72
C CYS A 40 13.50 -1.78 3.42
N ASP A 41 12.78 -1.95 2.31
CA ASP A 41 13.21 -1.41 1.03
C ASP A 41 12.67 0.01 0.86
N GLN A 42 13.25 0.95 1.61
CA GLN A 42 12.82 2.35 1.56
C GLN A 42 11.31 2.46 1.75
N MET A 43 10.78 1.73 2.75
CA MET A 43 9.35 1.71 3.04
C MET A 43 8.59 0.96 1.94
N PRO A 44 7.70 0.03 2.33
CA PRO A 44 6.92 -0.76 1.36
C PRO A 44 6.03 0.12 0.48
N ALA A 45 5.29 1.02 1.10
CA ALA A 45 4.41 1.95 0.38
C ALA A 45 5.21 2.91 -0.49
N TYR A 46 6.40 3.25 -0.03
CA TYR A 46 7.28 4.15 -0.78
C TYR A 46 7.89 3.44 -1.99
N THR A 47 8.47 2.27 -1.74
CA THR A 47 9.08 1.48 -2.82
C THR A 47 8.02 0.90 -3.75
N LEU A 48 6.82 0.62 -3.20
CA LEU A 48 5.73 0.06 -3.99
C LEU A 48 5.54 0.80 -5.31
N LEU A 49 5.62 2.12 -5.28
CA LEU A 49 5.46 2.92 -6.50
C LEU A 49 6.46 2.51 -7.58
N ARG A 50 7.64 2.06 -7.14
CA ARG A 50 8.67 1.61 -8.07
C ARG A 50 8.62 0.09 -8.23
N ASN A 51 8.33 -0.62 -7.12
CA ASN A 51 8.25 -2.08 -7.12
C ASN A 51 6.98 -2.58 -7.82
N TRP A 52 5.84 -2.00 -7.47
CA TRP A 52 4.55 -2.39 -8.04
C TRP A 52 4.39 -1.87 -9.47
N ALA A 53 4.89 -0.66 -9.71
CA ALA A 53 4.79 -0.06 -11.03
C ALA A 53 5.91 -0.50 -11.96
N ALA A 54 7.14 -0.51 -11.45
CA ALA A 54 8.31 -0.90 -12.24
C ALA A 54 8.52 0.07 -13.41
N GLN A 55 8.13 1.34 -13.22
CA GLN A 55 8.25 2.36 -14.26
C GLN A 55 8.07 3.76 -13.68
N GLU A 56 7.08 3.92 -12.79
CA GLU A 56 6.79 5.21 -12.16
C GLU A 56 5.62 5.10 -11.18
N GLY A 57 4.58 4.39 -11.59
CA GLY A 57 3.40 4.22 -10.76
C GLY A 57 2.12 4.55 -11.50
N ASN A 58 1.18 5.21 -10.81
CA ASN A 58 -0.10 5.61 -11.40
C ASN A 58 -0.99 4.41 -11.75
N ARG A 59 -0.49 3.53 -12.63
CA ARG A 59 -1.24 2.34 -13.05
C ARG A 59 -1.64 1.48 -11.85
N ALA A 60 -0.72 1.34 -10.89
CA ALA A 60 -1.00 0.56 -9.68
C ALA A 60 -1.50 1.46 -8.54
N THR A 61 -2.16 2.55 -8.91
CA THR A 61 -2.69 3.51 -7.92
C THR A 61 -4.11 3.96 -8.26
N LEU A 62 -4.55 5.06 -7.60
CA LEU A 62 -5.89 5.63 -7.81
C LEU A 62 -6.97 4.63 -7.38
N ARG A 63 -6.99 3.48 -8.05
CA ARG A 63 -7.94 2.43 -7.75
C ARG A 63 -7.20 1.11 -7.46
N VAL A 64 -6.09 0.87 -8.16
CA VAL A 64 -5.31 -0.35 -7.95
C VAL A 64 -4.86 -0.50 -6.50
N LEU A 65 -4.30 0.57 -5.93
CA LEU A 65 -3.83 0.55 -4.54
C LEU A 65 -4.99 0.15 -3.61
N GLU A 66 -6.20 0.54 -3.97
CA GLU A 66 -7.39 0.22 -3.19
C GLU A 66 -7.89 -1.18 -3.55
N ASP A 67 -8.09 -1.41 -4.85
CA ASP A 67 -8.55 -2.71 -5.35
C ASP A 67 -7.64 -3.84 -4.88
N ALA A 68 -6.33 -3.68 -5.11
CA ALA A 68 -5.36 -4.68 -4.68
C ALA A 68 -5.40 -4.88 -3.17
N LEU A 69 -5.70 -3.82 -2.44
CA LEU A 69 -5.77 -3.89 -0.97
C LEU A 69 -7.08 -4.54 -0.53
N ALA A 70 -8.17 -4.21 -1.23
CA ALA A 70 -9.48 -4.78 -0.91
C ALA A 70 -9.61 -6.21 -1.44
N ALA A 71 -9.07 -6.48 -2.62
CA ALA A 71 -9.13 -7.82 -3.21
C ALA A 71 -8.42 -8.88 -2.34
N ILE A 72 -7.56 -8.42 -1.42
CA ILE A 72 -6.85 -9.34 -0.52
C ILE A 72 -7.48 -9.37 0.87
N GLY A 73 -8.30 -8.37 1.19
CA GLY A 73 -8.93 -8.30 2.49
C GLY A 73 -8.12 -7.50 3.47
N ARG A 74 -7.57 -6.37 3.01
CA ARG A 74 -6.74 -5.51 3.85
C ARG A 74 -7.20 -4.05 3.78
N GLU A 75 -8.51 -3.86 3.78
CA GLU A 75 -9.09 -2.52 3.73
C GLU A 75 -8.79 -1.74 5.01
N ASP A 76 -8.33 -2.45 6.06
CA ASP A 76 -7.98 -1.80 7.33
C ASP A 76 -7.15 -0.54 7.10
N VAL A 77 -6.34 -0.54 6.05
CA VAL A 77 -5.50 0.60 5.73
C VAL A 77 -6.31 1.63 4.93
N VAL A 78 -6.94 1.18 3.85
CA VAL A 78 -7.77 2.05 3.02
C VAL A 78 -8.90 2.67 3.85
N GLN A 79 -9.45 1.87 4.78
CA GLN A 79 -10.52 2.33 5.65
C GLN A 79 -10.11 3.59 6.42
N VAL A 80 -8.89 3.57 6.96
CA VAL A 80 -8.37 4.70 7.70
C VAL A 80 -8.07 5.88 6.77
N LEU A 81 -7.47 5.58 5.62
CA LEU A 81 -7.13 6.62 4.64
C LEU A 81 -8.38 7.15 3.91
N SER A 82 -9.39 6.31 3.72
CA SER A 82 -10.62 6.71 3.06
C SER A 82 -11.77 6.84 4.06
N SER A 83 -11.46 7.43 5.21
CA SER A 83 -12.46 7.62 6.28
C SER A 83 -13.72 8.33 5.77
N PRO A 84 -14.84 7.60 5.66
CA PRO A 84 -16.11 8.18 5.19
C PRO A 84 -16.75 9.10 6.23
N ALA A 85 -16.86 10.39 5.90
CA ALA A 85 -17.44 11.37 6.80
C ALA A 85 -18.96 11.17 6.93
N GLU A 86 -19.36 10.05 7.54
CA GLU A 86 -20.77 9.74 7.73
C GLU A 86 -21.11 9.58 9.22
N SER A 87 -20.67 8.47 9.82
CA SER A 87 -20.93 8.21 11.24
C SER A 87 -19.79 7.45 11.89
N SER A 88 -18.86 8.17 12.50
CA SER A 88 -17.71 7.55 13.18
C SER A 88 -18.13 7.05 14.56
N SER A 89 -19.12 6.15 14.59
CA SER A 89 -19.63 5.59 15.84
C SER A 89 -20.78 4.60 15.58
N VAL A 90 -21.73 5.01 14.74
CA VAL A 90 -22.89 4.18 14.39
C VAL A 90 -23.81 3.96 15.60
N VAL A 91 -25.04 3.50 15.32
CA VAL A 91 -26.04 3.24 16.35
C VAL A 91 -26.58 4.54 16.95
N PRO A 1 1.71 13.93 -4.68
CA PRO A 1 1.63 12.45 -4.52
C PRO A 1 2.60 11.96 -3.44
N GLN A 2 2.83 10.63 -3.40
CA GLN A 2 3.73 10.02 -2.43
C GLN A 2 3.22 10.15 -0.98
N GLN A 3 2.95 11.38 -0.55
CA GLN A 3 2.46 11.64 0.80
C GLN A 3 1.29 10.71 1.17
N GLN A 4 0.64 10.13 0.17
CA GLN A 4 -0.47 9.22 0.40
C GLN A 4 0.03 7.83 0.81
N GLN A 5 1.32 7.59 0.61
CA GLN A 5 1.95 6.32 0.99
C GLN A 5 2.95 6.58 2.12
N GLU A 6 3.64 7.72 2.04
CA GLU A 6 4.58 8.13 3.07
C GLU A 6 3.84 8.36 4.38
N GLU A 7 2.59 8.81 4.28
CA GLU A 7 1.78 9.10 5.45
C GLU A 7 0.95 7.88 5.89
N VAL A 8 0.30 7.22 4.94
CA VAL A 8 -0.52 6.04 5.22
C VAL A 8 0.23 5.00 6.04
N GLN A 9 1.51 4.82 5.72
CA GLN A 9 2.34 3.86 6.44
C GLN A 9 2.44 4.18 7.94
N ARG A 10 1.97 5.37 8.35
CA ARG A 10 2.02 5.76 9.77
C ARG A 10 1.29 4.77 10.69
N LEU A 11 0.42 3.93 10.13
CA LEU A 11 -0.33 2.96 10.92
C LEU A 11 0.06 1.51 10.60
N LEU A 12 0.05 1.17 9.31
CA LEU A 12 0.37 -0.19 8.86
C LEU A 12 1.87 -0.48 8.96
N MET A 13 2.70 0.55 8.87
CA MET A 13 4.15 0.37 8.95
C MET A 13 4.69 0.69 10.35
N MET A 14 3.83 0.60 11.36
CA MET A 14 4.21 0.90 12.75
C MET A 14 5.08 -0.22 13.34
N GLY A 15 6.30 -0.37 12.82
CA GLY A 15 7.21 -1.40 13.29
C GLY A 15 7.78 -2.23 12.16
N GLU A 16 7.38 -3.49 12.11
CA GLU A 16 7.85 -4.40 11.06
C GLU A 16 6.85 -5.53 10.79
N PRO A 17 5.56 -5.18 10.56
CA PRO A 17 4.51 -6.18 10.28
C PRO A 17 4.73 -6.87 8.95
N ALA A 18 4.46 -8.18 8.92
CA ALA A 18 4.60 -8.97 7.70
C ALA A 18 3.35 -8.81 6.82
N LYS A 19 2.19 -8.68 7.48
CA LYS A 19 0.92 -8.53 6.77
C LYS A 19 0.82 -7.19 6.04
N GLY A 20 -0.37 -6.87 5.54
CA GLY A 20 -0.58 -5.62 4.81
C GLY A 20 0.09 -5.61 3.46
N TRP A 21 1.28 -5.00 3.40
CA TRP A 21 2.06 -4.90 2.15
C TRP A 21 2.30 -6.27 1.53
N GLN A 22 2.47 -7.30 2.37
CA GLN A 22 2.68 -8.66 1.88
C GLN A 22 1.41 -9.19 1.20
N GLU A 23 0.29 -9.11 1.93
CA GLU A 23 -1.00 -9.57 1.42
C GLU A 23 -1.27 -9.00 0.03
N LEU A 24 -1.04 -7.69 -0.13
CA LEU A 24 -1.25 -7.03 -1.43
C LEU A 24 -0.15 -7.41 -2.42
N ALA A 25 1.10 -7.46 -1.96
CA ALA A 25 2.21 -7.86 -2.82
C ALA A 25 1.93 -9.23 -3.43
N GLY A 26 1.25 -10.10 -2.67
CA GLY A 26 0.91 -11.43 -3.16
C GLY A 26 -0.02 -11.36 -4.37
N HIS A 27 -0.90 -10.35 -4.40
CA HIS A 27 -1.83 -10.15 -5.50
C HIS A 27 -1.09 -9.66 -6.74
N LEU A 28 0.02 -8.95 -6.51
CA LEU A 28 0.84 -8.44 -7.60
C LEU A 28 1.63 -9.58 -8.25
N GLY A 29 1.87 -10.64 -7.48
CA GLY A 29 2.59 -11.80 -7.98
C GLY A 29 4.06 -11.77 -7.59
N TYR A 30 4.35 -11.17 -6.43
CA TYR A 30 5.72 -11.08 -5.94
C TYR A 30 6.21 -12.43 -5.42
N GLN A 31 7.32 -12.41 -4.69
CA GLN A 31 7.90 -13.63 -4.14
C GLN A 31 8.22 -13.48 -2.66
N ALA A 32 8.02 -14.55 -1.89
CA ALA A 32 8.29 -14.54 -0.45
C ALA A 32 9.69 -14.00 -0.15
N GLU A 33 10.64 -14.31 -1.03
CA GLU A 33 12.02 -13.83 -0.90
C GLU A 33 12.05 -12.30 -0.83
N ALA A 34 11.12 -11.66 -1.54
CA ALA A 34 11.01 -10.21 -1.53
C ALA A 34 10.32 -9.72 -0.27
N VAL A 35 9.59 -10.61 0.40
CA VAL A 35 8.91 -10.26 1.64
C VAL A 35 9.93 -9.96 2.74
N GLU A 36 11.11 -10.55 2.61
CA GLU A 36 12.19 -10.35 3.56
C GLU A 36 12.91 -9.02 3.30
N THR A 37 12.79 -8.52 2.06
CA THR A 37 13.41 -7.26 1.68
C THR A 37 12.39 -6.12 1.66
N MET A 38 11.22 -6.35 1.04
CA MET A 38 10.16 -5.34 0.96
C MET A 38 9.94 -4.64 2.30
N ALA A 39 9.87 -5.44 3.37
CA ALA A 39 9.68 -4.90 4.71
C ALA A 39 10.76 -3.86 5.05
N CYS A 40 11.97 -4.05 4.50
CA CYS A 40 13.08 -3.11 4.75
C CYS A 40 13.57 -2.44 3.46
N ASP A 41 12.81 -2.56 2.38
CA ASP A 41 13.19 -1.94 1.11
C ASP A 41 12.72 -0.48 1.08
N GLN A 42 13.27 0.32 1.99
CA GLN A 42 12.89 1.74 2.09
C GLN A 42 11.37 1.87 2.22
N MET A 43 10.79 1.03 3.09
CA MET A 43 9.35 1.00 3.32
C MET A 43 8.62 0.34 2.16
N PRO A 44 7.67 -0.59 2.45
CA PRO A 44 6.92 -1.30 1.42
C PRO A 44 6.04 -0.38 0.59
N ALA A 45 5.30 0.50 1.25
CA ALA A 45 4.43 1.46 0.55
C ALA A 45 5.25 2.49 -0.21
N TYR A 46 6.40 2.87 0.36
CA TYR A 46 7.29 3.83 -0.26
C TYR A 46 7.92 3.25 -1.53
N THR A 47 8.48 2.06 -1.39
CA THR A 47 9.12 1.38 -2.52
C THR A 47 8.07 0.89 -3.52
N LEU A 48 6.88 0.53 -3.02
CA LEU A 48 5.78 0.04 -3.87
C LEU A 48 5.63 0.86 -5.16
N LEU A 49 5.68 2.19 -5.05
CA LEU A 49 5.55 3.07 -6.22
C LEU A 49 6.54 2.68 -7.31
N ARG A 50 7.75 2.30 -6.91
CA ARG A 50 8.77 1.88 -7.85
C ARG A 50 8.98 0.35 -7.81
N ASN A 51 8.03 -0.34 -7.16
CA ASN A 51 8.06 -1.79 -7.04
C ASN A 51 6.87 -2.40 -7.79
N TRP A 52 5.67 -1.92 -7.46
CA TRP A 52 4.45 -2.38 -8.10
C TRP A 52 4.32 -1.72 -9.48
N ALA A 53 4.73 -0.46 -9.58
CA ALA A 53 4.67 0.26 -10.84
C ALA A 53 5.97 0.05 -11.63
N ALA A 54 7.10 0.20 -10.95
CA ALA A 54 8.44 0.04 -11.55
C ALA A 54 8.93 1.36 -12.15
N GLN A 55 7.99 2.21 -12.53
CA GLN A 55 8.30 3.52 -13.12
C GLN A 55 7.15 4.51 -12.86
N GLU A 56 6.38 4.29 -11.79
CA GLU A 56 5.25 5.16 -11.46
C GLU A 56 4.27 5.29 -12.62
N GLY A 57 4.07 4.19 -13.35
CA GLY A 57 3.17 4.19 -14.49
C GLY A 57 1.71 3.95 -14.11
N ASN A 58 0.81 4.20 -15.06
CA ASN A 58 -0.63 4.02 -14.84
C ASN A 58 -1.00 2.54 -14.66
N ARG A 59 -0.43 1.90 -13.62
CA ARG A 59 -0.71 0.50 -13.34
C ARG A 59 -1.01 0.27 -11.86
N ALA A 60 -0.12 0.71 -10.98
CA ALA A 60 -0.32 0.57 -9.54
C ALA A 60 -0.91 1.86 -8.95
N THR A 61 -2.05 2.26 -9.49
CA THR A 61 -2.74 3.48 -9.07
C THR A 61 -3.50 3.27 -7.76
N LEU A 62 -3.77 4.37 -7.06
CA LEU A 62 -4.50 4.32 -5.79
C LEU A 62 -5.80 3.53 -5.94
N ARG A 63 -6.40 3.58 -7.13
CA ARG A 63 -7.64 2.84 -7.41
C ARG A 63 -7.33 1.35 -7.45
N VAL A 64 -6.30 0.98 -8.22
CA VAL A 64 -5.88 -0.40 -8.32
C VAL A 64 -5.48 -0.93 -6.94
N LEU A 65 -4.80 -0.08 -6.17
CA LEU A 65 -4.39 -0.43 -4.81
C LEU A 65 -5.64 -0.74 -3.97
N GLU A 66 -6.62 0.15 -4.06
CA GLU A 66 -7.88 -0.02 -3.34
C GLU A 66 -8.51 -1.37 -3.68
N ASP A 67 -8.42 -1.75 -4.95
CA ASP A 67 -8.95 -3.03 -5.42
C ASP A 67 -8.03 -4.18 -4.99
N ALA A 68 -6.74 -4.05 -5.32
CA ALA A 68 -5.75 -5.07 -4.97
C ALA A 68 -5.77 -5.37 -3.47
N LEU A 69 -5.86 -4.33 -2.65
CA LEU A 69 -5.88 -4.50 -1.20
C LEU A 69 -7.19 -5.16 -0.74
N ALA A 70 -8.31 -4.77 -1.34
CA ALA A 70 -9.60 -5.34 -0.98
C ALA A 70 -9.67 -6.81 -1.36
N ALA A 71 -9.01 -7.18 -2.46
CA ALA A 71 -8.98 -8.56 -2.93
C ALA A 71 -8.45 -9.53 -1.85
N ILE A 72 -7.66 -9.00 -0.91
CA ILE A 72 -7.11 -9.84 0.16
C ILE A 72 -7.86 -9.66 1.49
N GLY A 73 -8.69 -8.62 1.57
CA GLY A 73 -9.45 -8.34 2.78
C GLY A 73 -8.64 -7.55 3.79
N ARG A 74 -7.99 -6.50 3.31
CA ARG A 74 -7.17 -5.66 4.18
C ARG A 74 -7.31 -4.17 3.83
N GLU A 75 -8.54 -3.68 3.90
CA GLU A 75 -8.83 -2.27 3.62
C GLU A 75 -8.20 -1.35 4.67
N ASP A 76 -7.63 -1.95 5.73
CA ASP A 76 -6.95 -1.22 6.79
C ASP A 76 -6.13 -0.06 6.21
N VAL A 77 -5.53 -0.32 5.05
CA VAL A 77 -4.72 0.67 4.35
C VAL A 77 -5.61 1.75 3.75
N VAL A 78 -6.64 1.34 3.03
CA VAL A 78 -7.59 2.28 2.44
C VAL A 78 -8.32 3.02 3.56
N GLN A 79 -8.60 2.29 4.65
CA GLN A 79 -9.28 2.86 5.81
C GLN A 79 -8.41 3.94 6.45
N VAL A 80 -7.13 3.63 6.65
CA VAL A 80 -6.19 4.57 7.24
C VAL A 80 -6.04 5.83 6.37
N LEU A 81 -6.17 5.66 5.06
CA LEU A 81 -6.04 6.77 4.12
C LEU A 81 -7.37 7.52 3.97
N SER A 82 -8.46 6.78 3.77
CA SER A 82 -9.79 7.37 3.61
C SER A 82 -10.52 7.54 4.95
N SER A 83 -9.76 7.67 6.04
CA SER A 83 -10.34 7.83 7.38
C SER A 83 -11.07 9.18 7.50
N PRO A 84 -10.39 10.30 7.17
CA PRO A 84 -11.00 11.65 7.25
C PRO A 84 -12.02 11.89 6.14
N ALA A 85 -13.09 11.10 6.12
CA ALA A 85 -14.13 11.23 5.11
C ALA A 85 -15.07 12.41 5.40
N GLU A 86 -14.53 13.62 5.35
CA GLU A 86 -15.31 14.83 5.61
C GLU A 86 -16.17 15.18 4.40
N SER A 87 -15.53 15.35 3.24
CA SER A 87 -16.22 15.69 1.99
C SER A 87 -16.81 17.09 2.03
N SER A 88 -17.80 17.31 2.92
CA SER A 88 -18.45 18.61 3.06
C SER A 88 -19.76 18.48 3.85
N SER A 89 -20.68 17.67 3.33
CA SER A 89 -21.99 17.47 3.95
C SER A 89 -22.90 18.70 3.79
N VAL A 90 -22.49 19.64 2.93
CA VAL A 90 -23.26 20.86 2.67
C VAL A 90 -23.33 21.78 3.91
N VAL A 91 -23.59 23.05 3.67
CA VAL A 91 -23.69 24.04 4.74
C VAL A 91 -24.78 25.06 4.44
N PRO A 1 2.43 12.80 -5.53
CA PRO A 1 2.78 12.07 -4.27
C PRO A 1 1.91 10.82 -4.08
N GLN A 2 2.14 10.11 -2.98
CA GLN A 2 1.38 8.91 -2.65
C GLN A 2 0.80 9.01 -1.26
N GLN A 3 -0.08 10.00 -1.05
CA GLN A 3 -0.71 10.20 0.25
C GLN A 3 -1.26 8.91 0.82
N GLN A 4 -1.68 8.00 -0.04
CA GLN A 4 -2.21 6.72 0.39
C GLN A 4 -1.09 5.73 0.73
N GLN A 5 0.14 6.08 0.38
CA GLN A 5 1.29 5.21 0.69
C GLN A 5 2.25 5.91 1.64
N GLU A 6 2.37 7.24 1.50
CA GLU A 6 3.23 8.01 2.39
C GLU A 6 2.55 8.17 3.75
N GLU A 7 1.21 8.16 3.77
CA GLU A 7 0.48 8.26 5.03
C GLU A 7 0.24 6.88 5.62
N VAL A 8 -0.11 5.90 4.76
CA VAL A 8 -0.33 4.54 5.23
C VAL A 8 0.95 4.02 5.90
N GLN A 9 2.10 4.50 5.40
CA GLN A 9 3.39 4.13 5.95
C GLN A 9 3.53 4.59 7.41
N ARG A 10 2.75 5.59 7.81
CA ARG A 10 2.81 6.08 9.19
C ARG A 10 1.66 5.51 10.03
N LEU A 11 0.83 4.68 9.39
CA LEU A 11 -0.30 4.04 10.06
C LEU A 11 -0.14 2.52 10.10
N LEU A 12 0.24 1.94 8.96
CA LEU A 12 0.43 0.49 8.87
C LEU A 12 1.91 0.11 8.88
N MET A 13 2.76 0.95 8.30
CA MET A 13 4.20 0.69 8.25
C MET A 13 4.95 1.33 9.43
N MET A 14 4.30 1.43 10.60
CA MET A 14 4.94 2.01 11.78
C MET A 14 5.85 0.99 12.47
N GLY A 15 6.90 0.56 11.75
CA GLY A 15 7.84 -0.41 12.30
C GLY A 15 8.22 -1.48 11.30
N GLU A 16 7.81 -2.71 11.58
CA GLU A 16 8.10 -3.84 10.71
C GLU A 16 7.01 -4.92 10.76
N PRO A 17 5.81 -4.60 10.23
CA PRO A 17 4.67 -5.51 10.21
C PRO A 17 4.71 -6.47 9.02
N ALA A 18 4.35 -7.73 9.26
CA ALA A 18 4.31 -8.73 8.19
C ALA A 18 3.05 -8.57 7.34
N LYS A 19 2.12 -7.73 7.80
CA LYS A 19 0.86 -7.50 7.10
C LYS A 19 0.93 -6.27 6.19
N GLY A 20 -0.17 -6.02 5.47
CA GLY A 20 -0.25 -4.90 4.56
C GLY A 20 0.53 -5.12 3.27
N TRP A 21 1.72 -4.53 3.20
CA TRP A 21 2.59 -4.64 2.03
C TRP A 21 2.73 -6.10 1.57
N GLN A 22 2.98 -7.01 2.51
CA GLN A 22 3.13 -8.42 2.20
C GLN A 22 1.82 -9.03 1.71
N GLU A 23 0.72 -8.68 2.39
CA GLU A 23 -0.60 -9.17 2.02
C GLU A 23 -0.99 -8.70 0.62
N LEU A 24 -0.62 -7.46 0.27
CA LEU A 24 -0.93 -6.90 -1.04
C LEU A 24 0.10 -7.33 -2.08
N ALA A 25 1.38 -7.37 -1.69
CA ALA A 25 2.46 -7.79 -2.59
C ALA A 25 2.10 -9.13 -3.25
N GLY A 26 1.40 -9.99 -2.49
CA GLY A 26 0.98 -11.28 -3.02
C GLY A 26 0.00 -11.14 -4.18
N HIS A 27 -0.79 -10.06 -4.13
CA HIS A 27 -1.77 -9.75 -5.17
C HIS A 27 -1.06 -9.28 -6.44
N LEU A 28 0.11 -8.65 -6.26
CA LEU A 28 0.91 -8.17 -7.38
C LEU A 28 1.55 -9.36 -8.10
N GLY A 29 1.83 -10.41 -7.33
CA GLY A 29 2.44 -11.61 -7.89
C GLY A 29 3.92 -11.69 -7.61
N TYR A 30 4.36 -11.09 -6.51
CA TYR A 30 5.77 -11.13 -6.14
C TYR A 30 6.14 -12.47 -5.52
N GLN A 31 7.36 -12.56 -4.98
CA GLN A 31 7.83 -13.79 -4.37
C GLN A 31 8.50 -13.54 -3.01
N ALA A 32 8.79 -14.63 -2.29
CA ALA A 32 9.43 -14.53 -0.98
C ALA A 32 10.71 -13.69 -1.03
N GLU A 33 11.52 -13.90 -2.05
CA GLU A 33 12.76 -13.14 -2.22
C GLU A 33 12.46 -11.65 -2.23
N ALA A 34 11.29 -11.31 -2.78
CA ALA A 34 10.85 -9.93 -2.83
C ALA A 34 10.07 -9.59 -1.58
N VAL A 35 9.28 -10.54 -1.09
CA VAL A 35 8.50 -10.35 0.13
C VAL A 35 9.45 -10.16 1.31
N GLU A 36 10.66 -10.69 1.17
CA GLU A 36 11.68 -10.57 2.21
C GLU A 36 12.49 -9.28 2.00
N THR A 37 12.62 -8.88 0.73
CA THR A 37 13.34 -7.66 0.38
C THR A 37 12.46 -6.44 0.59
N MET A 38 11.19 -6.53 0.19
CA MET A 38 10.24 -5.41 0.35
C MET A 38 10.20 -4.93 1.80
N ALA A 39 10.18 -5.88 2.73
CA ALA A 39 10.15 -5.56 4.16
C ALA A 39 11.37 -4.74 4.59
N CYS A 40 12.52 -4.99 3.94
CA CYS A 40 13.75 -4.28 4.28
C CYS A 40 14.22 -3.35 3.15
N ASP A 41 13.35 -3.10 2.18
CA ASP A 41 13.68 -2.23 1.06
C ASP A 41 13.36 -0.77 1.38
N GLN A 42 13.92 -0.26 2.49
CA GLN A 42 13.67 1.12 2.91
C GLN A 42 12.17 1.41 3.00
N MET A 43 11.45 0.50 3.70
CA MET A 43 10.00 0.60 3.88
C MET A 43 9.25 0.16 2.62
N PRO A 44 8.40 -0.86 2.74
CA PRO A 44 7.62 -1.40 1.62
C PRO A 44 6.60 -0.41 1.07
N ALA A 45 5.87 0.26 1.95
CA ALA A 45 4.87 1.24 1.54
C ALA A 45 5.51 2.41 0.79
N TYR A 46 6.81 2.62 1.01
CA TYR A 46 7.53 3.69 0.34
C TYR A 46 8.24 3.18 -0.91
N THR A 47 8.88 2.02 -0.80
CA THR A 47 9.59 1.42 -1.93
C THR A 47 8.62 0.73 -2.89
N LEU A 48 7.43 0.35 -2.40
CA LEU A 48 6.42 -0.31 -3.24
C LEU A 48 6.26 0.42 -4.57
N LEU A 49 6.25 1.75 -4.53
CA LEU A 49 6.12 2.56 -5.75
C LEU A 49 7.19 2.18 -6.79
N ARG A 50 8.34 1.75 -6.29
CA ARG A 50 9.45 1.32 -7.15
C ARG A 50 9.45 -0.20 -7.31
N ASN A 51 8.93 -0.90 -6.30
CA ASN A 51 8.87 -2.36 -6.30
C ASN A 51 7.69 -2.88 -7.12
N TRP A 52 6.52 -2.26 -6.94
CA TRP A 52 5.30 -2.66 -7.65
C TRP A 52 5.31 -2.13 -9.08
N ALA A 53 5.78 -0.90 -9.27
CA ALA A 53 5.84 -0.30 -10.59
C ALA A 53 7.14 -0.63 -11.34
N ALA A 54 8.26 -0.61 -10.60
CA ALA A 54 9.57 -0.87 -11.19
C ALA A 54 10.01 0.30 -12.07
N GLN A 55 9.54 1.50 -11.72
CA GLN A 55 9.86 2.71 -12.46
C GLN A 55 9.30 3.95 -11.77
N GLU A 56 8.00 3.92 -11.44
CA GLU A 56 7.34 5.06 -10.79
C GLU A 56 5.85 4.79 -10.55
N GLY A 57 5.56 3.91 -9.59
CA GLY A 57 4.17 3.54 -9.25
C GLY A 57 3.09 4.46 -9.79
N ASN A 58 2.62 4.16 -11.00
CA ASN A 58 1.59 4.96 -11.66
C ASN A 58 0.55 4.06 -12.34
N ARG A 59 1.00 3.29 -13.34
CA ARG A 59 0.14 2.36 -14.07
C ARG A 59 -0.54 1.37 -13.13
N ALA A 60 0.21 0.90 -12.13
CA ALA A 60 -0.31 -0.03 -11.14
C ALA A 60 -0.77 0.72 -9.88
N THR A 61 -1.23 1.96 -10.07
CA THR A 61 -1.69 2.79 -8.95
C THR A 61 -2.92 3.61 -9.34
N LEU A 62 -3.07 4.80 -8.72
CA LEU A 62 -4.21 5.69 -8.99
C LEU A 62 -5.51 5.02 -8.55
N ARG A 63 -5.86 3.94 -9.25
CA ARG A 63 -7.06 3.17 -8.96
C ARG A 63 -6.70 1.69 -8.67
N VAL A 64 -5.51 1.25 -9.11
CA VAL A 64 -5.07 -0.13 -8.89
C VAL A 64 -4.77 -0.39 -7.42
N LEU A 65 -4.31 0.64 -6.71
CA LEU A 65 -4.00 0.52 -5.28
C LEU A 65 -5.17 -0.08 -4.50
N GLU A 66 -6.39 0.36 -4.81
CA GLU A 66 -7.59 -0.13 -4.13
C GLU A 66 -7.87 -1.59 -4.49
N ASP A 67 -7.99 -1.89 -5.79
CA ASP A 67 -8.25 -3.25 -6.26
C ASP A 67 -7.17 -4.21 -5.76
N ALA A 68 -5.92 -3.76 -5.79
CA ALA A 68 -4.79 -4.57 -5.33
C ALA A 68 -4.78 -4.73 -3.81
N LEU A 69 -5.36 -3.76 -3.09
CA LEU A 69 -5.38 -3.81 -1.62
C LEU A 69 -6.72 -4.35 -1.10
N ALA A 70 -7.80 -4.14 -1.83
CA ALA A 70 -9.13 -4.61 -1.41
C ALA A 70 -9.29 -6.12 -1.60
N ALA A 71 -8.73 -6.66 -2.69
CA ALA A 71 -8.82 -8.10 -2.94
C ALA A 71 -8.26 -8.93 -1.76
N ILE A 72 -7.40 -8.30 -0.96
CA ILE A 72 -6.80 -8.96 0.20
C ILE A 72 -7.48 -8.53 1.51
N GLY A 73 -8.11 -7.35 1.48
CA GLY A 73 -8.77 -6.83 2.66
C GLY A 73 -7.83 -5.95 3.48
N ARG A 74 -7.24 -4.94 2.83
CA ARG A 74 -6.31 -4.05 3.52
C ARG A 74 -6.84 -2.62 3.67
N GLU A 75 -8.17 -2.48 3.64
CA GLU A 75 -8.79 -1.18 3.82
C GLU A 75 -8.76 -0.76 5.29
N ASP A 76 -8.30 -1.68 6.15
CA ASP A 76 -8.19 -1.40 7.59
C ASP A 76 -7.41 -0.10 7.83
N VAL A 77 -6.45 0.17 6.94
CA VAL A 77 -5.64 1.37 7.03
C VAL A 77 -6.12 2.43 6.03
N VAL A 78 -6.48 1.97 4.83
CA VAL A 78 -6.96 2.86 3.78
C VAL A 78 -8.25 3.55 4.21
N GLN A 79 -9.12 2.81 4.91
CA GLN A 79 -10.38 3.37 5.40
C GLN A 79 -10.10 4.51 6.37
N VAL A 80 -9.28 4.23 7.38
CA VAL A 80 -8.90 5.25 8.35
C VAL A 80 -8.16 6.39 7.66
N LEU A 81 -7.22 6.03 6.79
CA LEU A 81 -6.45 7.01 6.04
C LEU A 81 -7.36 7.93 5.21
N SER A 82 -8.42 7.36 4.63
CA SER A 82 -9.36 8.13 3.83
C SER A 82 -10.72 8.34 4.52
N SER A 83 -10.71 8.45 5.85
CA SER A 83 -11.95 8.65 6.62
C SER A 83 -11.65 8.84 8.10
N PRO A 84 -11.70 10.10 8.60
CA PRO A 84 -11.43 10.41 10.00
C PRO A 84 -12.58 9.99 10.94
N ALA A 85 -12.24 9.32 12.04
CA ALA A 85 -13.23 8.87 13.01
C ALA A 85 -13.83 10.04 13.78
N GLU A 86 -14.52 10.93 13.06
CA GLU A 86 -15.16 12.09 13.66
C GLU A 86 -16.41 12.50 12.88
N SER A 87 -16.25 12.74 11.57
CA SER A 87 -17.36 13.13 10.70
C SER A 87 -17.84 14.55 10.99
N SER A 88 -18.26 14.81 12.24
CA SER A 88 -18.73 16.13 12.65
C SER A 88 -19.22 16.13 14.10
N SER A 89 -20.09 15.17 14.43
CA SER A 89 -20.65 15.05 15.79
C SER A 89 -21.61 16.19 16.13
N VAL A 90 -21.14 17.44 16.01
CA VAL A 90 -21.95 18.63 16.31
C VAL A 90 -22.16 18.80 17.83
N VAL A 91 -22.46 17.69 18.52
CA VAL A 91 -22.66 17.70 19.95
C VAL A 91 -21.76 16.67 20.63
N PRO A 1 3.44 10.76 -5.67
CA PRO A 1 2.40 10.73 -4.60
C PRO A 1 2.85 9.87 -3.41
N GLN A 2 3.89 10.33 -2.72
CA GLN A 2 4.44 9.61 -1.58
C GLN A 2 3.56 9.75 -0.32
N GLN A 3 2.88 10.88 -0.18
CA GLN A 3 2.01 11.10 0.98
C GLN A 3 0.94 10.00 1.07
N GLN A 4 0.66 9.35 -0.06
CA GLN A 4 -0.30 8.26 -0.10
C GLN A 4 0.38 6.93 0.23
N GLN A 5 1.69 6.99 0.50
CA GLN A 5 2.48 5.82 0.85
C GLN A 5 2.90 5.92 2.31
N GLU A 6 3.34 7.11 2.72
CA GLU A 6 3.74 7.34 4.10
C GLU A 6 2.50 7.32 5.01
N GLU A 7 1.39 7.89 4.51
CA GLU A 7 0.14 7.89 5.26
C GLU A 7 -0.54 6.53 5.19
N VAL A 8 -0.22 5.75 4.16
CA VAL A 8 -0.79 4.43 3.99
C VAL A 8 -0.02 3.37 4.78
N GLN A 9 1.29 3.31 4.59
CA GLN A 9 2.11 2.33 5.30
C GLN A 9 2.65 2.88 6.62
N ARG A 10 2.05 3.96 7.13
CA ARG A 10 2.49 4.54 8.39
C ARG A 10 2.43 3.51 9.51
N LEU A 11 1.38 2.69 9.49
CA LEU A 11 1.20 1.63 10.48
C LEU A 11 1.71 0.29 9.95
N LEU A 12 1.68 0.11 8.63
CA LEU A 12 2.12 -1.14 8.00
C LEU A 12 3.65 -1.23 7.89
N MET A 13 4.36 -0.20 8.31
CA MET A 13 5.82 -0.20 8.24
C MET A 13 6.45 -0.40 9.63
N MET A 14 5.70 -0.08 10.68
CA MET A 14 6.18 -0.20 12.06
C MET A 14 5.93 -1.60 12.63
N GLY A 15 7.01 -2.26 13.04
CA GLY A 15 6.90 -3.60 13.60
C GLY A 15 6.95 -4.70 12.55
N GLU A 16 7.35 -4.35 11.32
CA GLU A 16 7.45 -5.31 10.23
C GLU A 16 6.23 -6.23 10.15
N PRO A 17 5.00 -5.65 10.05
CA PRO A 17 3.76 -6.45 9.97
C PRO A 17 3.74 -7.42 8.80
N ALA A 18 3.32 -8.65 9.08
CA ALA A 18 3.21 -9.69 8.07
C ALA A 18 2.11 -9.34 7.05
N LYS A 19 1.09 -8.61 7.52
CA LYS A 19 -0.02 -8.19 6.68
C LYS A 19 0.18 -6.78 6.14
N GLY A 20 -0.61 -6.41 5.14
CA GLY A 20 -0.52 -5.09 4.54
C GLY A 20 0.14 -5.13 3.18
N TRP A 21 1.28 -4.44 3.03
CA TRP A 21 2.01 -4.41 1.76
C TRP A 21 2.31 -5.82 1.26
N GLN A 22 2.51 -6.76 2.20
CA GLN A 22 2.77 -8.15 1.83
C GLN A 22 1.61 -8.72 1.01
N GLU A 23 0.38 -8.52 1.49
CA GLU A 23 -0.82 -9.00 0.80
C GLU A 23 -0.93 -8.40 -0.59
N LEU A 24 -0.85 -7.06 -0.67
CA LEU A 24 -0.93 -6.38 -1.96
C LEU A 24 0.26 -6.81 -2.83
N ALA A 25 1.45 -6.87 -2.23
CA ALA A 25 2.64 -7.31 -2.95
C ALA A 25 2.41 -8.75 -3.45
N GLY A 26 1.78 -9.56 -2.60
CA GLY A 26 1.46 -10.93 -2.98
C GLY A 26 0.52 -10.95 -4.17
N HIS A 27 -0.50 -10.09 -4.13
CA HIS A 27 -1.46 -9.96 -5.23
C HIS A 27 -0.77 -9.34 -6.44
N LEU A 28 0.20 -8.48 -6.18
CA LEU A 28 0.97 -7.82 -7.22
C LEU A 28 1.90 -8.82 -7.90
N GLY A 29 2.33 -9.83 -7.14
CA GLY A 29 3.22 -10.85 -7.67
C GLY A 29 4.60 -10.84 -7.05
N TYR A 30 4.70 -10.34 -5.82
CA TYR A 30 5.98 -10.26 -5.14
C TYR A 30 6.40 -11.62 -4.56
N GLN A 31 7.44 -11.61 -3.73
CA GLN A 31 7.95 -12.81 -3.12
C GLN A 31 8.34 -12.55 -1.67
N ALA A 32 8.10 -13.53 -0.80
CA ALA A 32 8.42 -13.41 0.62
C ALA A 32 9.84 -12.89 0.85
N GLU A 33 10.78 -13.38 0.07
CA GLU A 33 12.18 -12.93 0.17
C GLU A 33 12.25 -11.42 0.03
N ALA A 34 11.38 -10.88 -0.80
CA ALA A 34 11.29 -9.44 -1.00
C ALA A 34 10.46 -8.80 0.09
N VAL A 35 9.44 -9.53 0.55
CA VAL A 35 8.60 -9.07 1.64
C VAL A 35 9.42 -8.95 2.93
N GLU A 36 10.50 -9.73 3.00
CA GLU A 36 11.39 -9.72 4.15
C GLU A 36 12.19 -8.41 4.20
N THR A 37 12.63 -7.96 3.03
CA THR A 37 13.37 -6.72 2.91
C THR A 37 12.42 -5.52 2.97
N MET A 38 11.28 -5.64 2.29
CA MET A 38 10.27 -4.59 2.28
C MET A 38 10.00 -4.07 3.69
N ALA A 39 10.01 -4.99 4.66
CA ALA A 39 9.81 -4.62 6.06
C ALA A 39 10.77 -3.51 6.49
N CYS A 40 11.92 -3.40 5.79
CA CYS A 40 12.91 -2.37 6.10
C CYS A 40 13.51 -1.75 4.82
N ASP A 41 12.77 -1.85 3.71
CA ASP A 41 13.23 -1.30 2.44
C ASP A 41 12.72 0.13 2.22
N GLN A 42 13.26 1.07 3.01
CA GLN A 42 12.88 2.48 2.93
C GLN A 42 11.38 2.66 2.65
N MET A 43 10.56 1.93 3.40
CA MET A 43 9.10 1.96 3.25
C MET A 43 8.67 1.29 1.94
N PRO A 44 7.92 0.17 2.06
CA PRO A 44 7.44 -0.56 0.89
C PRO A 44 6.50 0.27 0.03
N ALA A 45 5.64 1.04 0.70
CA ALA A 45 4.69 1.91 0.01
C ALA A 45 5.42 2.95 -0.85
N TYR A 46 6.61 3.36 -0.39
CA TYR A 46 7.42 4.34 -1.11
C TYR A 46 8.00 3.71 -2.38
N THR A 47 8.56 2.52 -2.23
CA THR A 47 9.12 1.81 -3.37
C THR A 47 7.99 1.24 -4.24
N LEU A 48 6.87 0.92 -3.60
CA LEU A 48 5.68 0.38 -4.28
C LEU A 48 5.31 1.20 -5.51
N LEU A 49 5.49 2.52 -5.44
CA LEU A 49 5.19 3.40 -6.57
C LEU A 49 5.93 2.95 -7.82
N ARG A 50 7.22 2.68 -7.66
CA ARG A 50 8.05 2.21 -8.77
C ARG A 50 8.07 0.67 -8.84
N ASN A 51 7.74 0.01 -7.73
CA ASN A 51 7.73 -1.46 -7.69
C ASN A 51 6.42 -2.03 -8.26
N TRP A 52 5.30 -1.45 -7.86
CA TRP A 52 3.99 -1.89 -8.30
C TRP A 52 3.64 -1.30 -9.67
N ALA A 53 3.93 -0.01 -9.85
CA ALA A 53 3.66 0.68 -11.12
C ALA A 53 4.77 0.47 -12.14
N ALA A 54 6.01 0.41 -11.66
CA ALA A 54 7.19 0.23 -12.53
C ALA A 54 7.64 1.56 -13.15
N GLN A 55 6.90 2.64 -12.88
CA GLN A 55 7.23 3.96 -13.41
C GLN A 55 6.85 5.07 -12.43
N GLU A 56 5.66 4.96 -11.83
CA GLU A 56 5.19 5.99 -10.89
C GLU A 56 3.95 5.53 -10.12
N GLY A 57 2.96 5.02 -10.87
CA GLY A 57 1.72 4.55 -10.28
C GLY A 57 0.56 4.49 -11.27
N ASN A 58 0.86 4.23 -12.54
CA ASN A 58 -0.17 4.17 -13.59
C ASN A 58 -1.03 2.90 -13.46
N ARG A 59 -0.43 1.79 -13.05
CA ARG A 59 -1.17 0.54 -12.88
C ARG A 59 -1.62 0.36 -11.43
N ALA A 60 -0.77 0.75 -10.49
CA ALA A 60 -1.10 0.64 -9.07
C ALA A 60 -1.78 1.93 -8.56
N THR A 61 -2.64 2.52 -9.41
CA THR A 61 -3.35 3.76 -9.08
C THR A 61 -4.18 3.62 -7.80
N LEU A 62 -4.49 4.77 -7.18
CA LEU A 62 -5.27 4.80 -5.96
C LEU A 62 -6.50 3.90 -6.06
N ARG A 63 -7.04 3.77 -7.28
CA ARG A 63 -8.21 2.92 -7.51
C ARG A 63 -7.80 1.45 -7.54
N VAL A 64 -6.78 1.13 -8.36
CA VAL A 64 -6.31 -0.25 -8.47
C VAL A 64 -5.69 -0.72 -7.16
N LEU A 65 -4.84 0.11 -6.55
CA LEU A 65 -4.21 -0.24 -5.28
C LEU A 65 -5.29 -0.49 -4.23
N GLU A 66 -6.36 0.30 -4.28
CA GLU A 66 -7.50 0.15 -3.37
C GLU A 66 -8.22 -1.16 -3.67
N ASP A 67 -8.57 -1.37 -4.95
CA ASP A 67 -9.25 -2.58 -5.39
C ASP A 67 -8.41 -3.81 -5.07
N ALA A 68 -7.15 -3.79 -5.52
CA ALA A 68 -6.23 -4.90 -5.27
C ALA A 68 -6.18 -5.21 -3.77
N LEU A 69 -6.20 -4.15 -2.95
CA LEU A 69 -6.16 -4.29 -1.51
C LEU A 69 -7.49 -4.84 -0.98
N ALA A 70 -8.60 -4.26 -1.44
CA ALA A 70 -9.92 -4.70 -1.03
C ALA A 70 -10.15 -6.15 -1.47
N ALA A 71 -9.61 -6.50 -2.65
CA ALA A 71 -9.72 -7.85 -3.18
C ALA A 71 -9.20 -8.90 -2.19
N ILE A 72 -8.28 -8.48 -1.30
CA ILE A 72 -7.73 -9.40 -0.30
C ILE A 72 -8.37 -9.19 1.08
N GLY A 73 -9.21 -8.17 1.19
CA GLY A 73 -9.87 -7.87 2.45
C GLY A 73 -8.96 -7.10 3.39
N ARG A 74 -8.20 -6.15 2.83
CA ARG A 74 -7.28 -5.35 3.62
C ARG A 74 -7.55 -3.85 3.47
N GLU A 75 -8.82 -3.46 3.62
CA GLU A 75 -9.23 -2.05 3.54
C GLU A 75 -8.50 -1.19 4.56
N ASP A 76 -7.91 -1.83 5.55
CA ASP A 76 -7.13 -1.15 6.59
C ASP A 76 -6.33 0.00 6.01
N VAL A 77 -5.80 -0.25 4.82
CA VAL A 77 -4.99 0.76 4.11
C VAL A 77 -5.84 1.96 3.74
N VAL A 78 -6.95 1.70 3.05
CA VAL A 78 -7.88 2.74 2.66
C VAL A 78 -8.56 3.31 3.92
N GLN A 79 -8.80 2.42 4.89
CA GLN A 79 -9.42 2.79 6.15
C GLN A 79 -8.49 3.70 6.97
N VAL A 80 -7.24 3.26 7.16
CA VAL A 80 -6.27 4.06 7.90
C VAL A 80 -5.94 5.34 7.13
N LEU A 81 -5.80 5.23 5.81
CA LEU A 81 -5.52 6.39 4.98
C LEU A 81 -6.63 7.44 5.12
N SER A 82 -7.88 6.99 5.09
CA SER A 82 -9.03 7.90 5.21
C SER A 82 -9.48 8.04 6.67
N SER A 83 -8.56 7.88 7.61
CA SER A 83 -8.88 8.00 9.04
C SER A 83 -9.52 9.36 9.37
N PRO A 84 -8.91 10.49 8.95
CA PRO A 84 -9.44 11.82 9.23
C PRO A 84 -10.68 12.14 8.37
N ALA A 85 -11.78 12.51 9.04
CA ALA A 85 -13.02 12.83 8.33
C ALA A 85 -13.58 14.19 8.75
N GLU A 86 -13.69 15.10 7.79
CA GLU A 86 -14.23 16.45 8.05
C GLU A 86 -14.71 17.11 6.76
N SER A 87 -15.31 18.29 6.89
CA SER A 87 -15.83 19.03 5.73
C SER A 87 -15.39 20.50 5.77
N SER A 88 -14.63 20.91 4.76
CA SER A 88 -14.13 22.29 4.68
C SER A 88 -15.26 23.24 4.29
N SER A 89 -16.13 23.56 5.25
CA SER A 89 -17.25 24.47 5.02
C SER A 89 -16.80 25.92 4.86
N VAL A 90 -16.13 26.21 3.73
CA VAL A 90 -15.63 27.55 3.42
C VAL A 90 -15.02 28.27 4.64
N VAL A 91 -13.73 27.99 4.88
CA VAL A 91 -13.02 28.59 6.00
C VAL A 91 -11.76 29.32 5.53
N PRO A 1 0.82 14.02 -3.77
CA PRO A 1 1.27 12.71 -4.28
C PRO A 1 2.30 12.06 -3.34
N GLN A 2 2.35 10.72 -3.34
CA GLN A 2 3.28 9.96 -2.48
C GLN A 2 2.86 9.99 -1.01
N GLN A 3 2.50 11.17 -0.50
CA GLN A 3 2.07 11.32 0.89
C GLN A 3 0.98 10.30 1.28
N GLN A 4 0.31 9.72 0.30
CA GLN A 4 -0.73 8.74 0.56
C GLN A 4 -0.14 7.34 0.76
N GLN A 5 1.18 7.22 0.60
CA GLN A 5 1.87 5.95 0.80
C GLN A 5 2.80 6.06 2.00
N GLU A 6 3.49 7.21 2.11
CA GLU A 6 4.39 7.45 3.24
C GLU A 6 3.58 7.68 4.51
N GLU A 7 2.44 8.38 4.39
CA GLU A 7 1.58 8.63 5.54
C GLU A 7 0.69 7.40 5.82
N VAL A 8 0.54 6.55 4.80
CA VAL A 8 -0.26 5.34 4.94
C VAL A 8 0.51 4.22 5.64
N GLN A 9 1.68 3.87 5.11
CA GLN A 9 2.48 2.80 5.69
C GLN A 9 3.11 3.18 7.03
N ARG A 10 2.94 4.43 7.48
CA ARG A 10 3.50 4.86 8.77
C ARG A 10 2.57 4.52 9.94
N LEU A 11 1.50 3.77 9.66
CA LEU A 11 0.55 3.38 10.70
C LEU A 11 0.46 1.84 10.81
N LEU A 12 0.19 1.19 9.69
CA LEU A 12 0.06 -0.27 9.65
C LEU A 12 1.43 -0.98 9.62
N MET A 13 2.50 -0.28 9.20
CA MET A 13 3.82 -0.88 9.11
C MET A 13 4.74 -0.48 10.27
N MET A 14 4.19 0.24 11.27
CA MET A 14 4.99 0.67 12.41
C MET A 14 5.32 -0.50 13.36
N GLY A 15 6.13 -1.43 12.86
CA GLY A 15 6.53 -2.60 13.66
C GLY A 15 6.49 -3.90 12.87
N GLU A 16 7.34 -3.99 11.84
CA GLU A 16 7.45 -5.18 10.98
C GLU A 16 6.18 -6.03 10.97
N PRO A 17 5.11 -5.57 10.27
CA PRO A 17 3.84 -6.29 10.20
C PRO A 17 3.91 -7.55 9.33
N ALA A 18 3.24 -8.59 9.79
CA ALA A 18 3.18 -9.84 9.06
C ALA A 18 2.26 -9.72 7.85
N LYS A 19 1.14 -8.99 8.02
CA LYS A 19 0.17 -8.77 6.97
C LYS A 19 0.08 -7.29 6.56
N GLY A 20 -0.68 -6.99 5.50
CA GLY A 20 -0.82 -5.62 5.04
C GLY A 20 -0.27 -5.43 3.65
N TRP A 21 0.84 -4.69 3.54
CA TRP A 21 1.50 -4.44 2.26
C TRP A 21 1.84 -5.75 1.54
N GLN A 22 2.11 -6.80 2.31
CA GLN A 22 2.44 -8.11 1.73
C GLN A 22 1.22 -8.71 1.01
N GLU A 23 0.02 -8.48 1.56
CA GLU A 23 -1.21 -9.00 0.95
C GLU A 23 -1.36 -8.48 -0.49
N LEU A 24 -1.16 -7.16 -0.66
CA LEU A 24 -1.25 -6.56 -1.99
C LEU A 24 -0.07 -7.00 -2.86
N ALA A 25 1.12 -7.05 -2.26
CA ALA A 25 2.32 -7.50 -2.96
C ALA A 25 2.09 -8.88 -3.58
N GLY A 26 1.30 -9.71 -2.90
CA GLY A 26 0.98 -11.05 -3.40
C GLY A 26 0.20 -11.00 -4.69
N HIS A 27 -0.69 -10.00 -4.81
CA HIS A 27 -1.50 -9.83 -6.02
C HIS A 27 -0.66 -9.28 -7.15
N LEU A 28 0.37 -8.51 -6.81
CA LEU A 28 1.29 -7.94 -7.78
C LEU A 28 2.19 -9.05 -8.35
N GLY A 29 2.48 -10.05 -7.52
CA GLY A 29 3.32 -11.16 -7.93
C GLY A 29 4.68 -11.13 -7.28
N TYR A 30 4.75 -10.60 -6.05
CA TYR A 30 6.01 -10.52 -5.32
C TYR A 30 6.44 -11.91 -4.80
N GLN A 31 7.33 -11.92 -3.81
CA GLN A 31 7.81 -13.19 -3.25
C GLN A 31 8.35 -13.02 -1.83
N ALA A 32 8.46 -14.15 -1.10
CA ALA A 32 8.96 -14.14 0.28
C ALA A 32 10.34 -13.50 0.37
N GLU A 33 11.22 -13.82 -0.59
CA GLU A 33 12.56 -13.25 -0.61
C GLU A 33 12.49 -11.73 -0.57
N ALA A 34 11.44 -11.18 -1.19
CA ALA A 34 11.22 -9.75 -1.20
C ALA A 34 10.33 -9.32 -0.04
N VAL A 35 9.44 -10.21 0.40
CA VAL A 35 8.58 -9.90 1.54
C VAL A 35 9.42 -9.65 2.78
N GLU A 36 10.61 -10.26 2.81
CA GLU A 36 11.54 -10.09 3.92
C GLU A 36 12.20 -8.71 3.85
N THR A 37 12.46 -8.26 2.62
CA THR A 37 13.09 -6.95 2.39
C THR A 37 12.05 -5.83 2.29
N MET A 38 10.95 -6.09 1.57
CA MET A 38 9.87 -5.10 1.40
C MET A 38 9.49 -4.44 2.72
N ALA A 39 9.53 -5.23 3.80
CA ALA A 39 9.21 -4.72 5.13
C ALA A 39 10.24 -3.69 5.61
N CYS A 40 11.44 -3.68 4.99
CA CYS A 40 12.48 -2.73 5.35
C CYS A 40 13.14 -2.07 4.13
N ASP A 41 12.48 -2.13 2.98
CA ASP A 41 13.00 -1.53 1.76
C ASP A 41 12.45 -0.12 1.55
N GLN A 42 12.93 0.82 2.38
CA GLN A 42 12.49 2.21 2.31
C GLN A 42 10.96 2.30 2.27
N MET A 43 10.32 1.48 3.11
CA MET A 43 8.86 1.41 3.18
C MET A 43 8.28 0.71 1.95
N PRO A 44 7.48 -0.35 2.15
CA PRO A 44 6.88 -1.10 1.06
C PRO A 44 5.99 -0.24 0.19
N ALA A 45 5.11 0.52 0.82
CA ALA A 45 4.19 1.43 0.10
C ALA A 45 4.98 2.50 -0.66
N TYR A 46 6.10 2.92 -0.08
CA TYR A 46 6.95 3.93 -0.70
C TYR A 46 7.69 3.34 -1.90
N THR A 47 8.33 2.20 -1.68
CA THR A 47 9.08 1.53 -2.74
C THR A 47 8.13 0.87 -3.75
N LEU A 48 7.02 0.33 -3.27
CA LEU A 48 6.04 -0.31 -4.14
C LEU A 48 5.57 0.64 -5.24
N LEU A 49 5.49 1.94 -4.91
CA LEU A 49 5.07 2.94 -5.89
C LEU A 49 5.92 2.83 -7.16
N ARG A 50 7.18 2.46 -6.99
CA ARG A 50 8.09 2.28 -8.11
C ARG A 50 8.19 0.80 -8.50
N ASN A 51 8.04 -0.08 -7.50
CA ASN A 51 8.12 -1.52 -7.73
C ASN A 51 6.86 -2.08 -8.39
N TRP A 52 5.69 -1.71 -7.88
CA TRP A 52 4.44 -2.18 -8.43
C TRP A 52 4.03 -1.38 -9.67
N ALA A 53 4.26 -0.06 -9.63
CA ALA A 53 3.93 0.79 -10.77
C ALA A 53 4.94 0.56 -11.90
N ALA A 54 6.22 0.51 -11.54
CA ALA A 54 7.33 0.30 -12.49
C ALA A 54 7.84 1.62 -13.06
N GLN A 55 6.97 2.62 -13.06
CA GLN A 55 7.31 3.94 -13.58
C GLN A 55 6.78 5.04 -12.66
N GLU A 56 5.55 4.85 -12.17
CA GLU A 56 4.91 5.80 -11.26
C GLU A 56 3.46 5.41 -10.98
N GLY A 57 2.73 5.03 -12.03
CA GLY A 57 1.33 4.63 -11.87
C GLY A 57 0.73 4.05 -13.15
N ASN A 58 1.31 2.96 -13.64
CA ASN A 58 0.82 2.31 -14.86
C ASN A 58 -0.13 1.15 -14.53
N ARG A 59 0.21 0.37 -13.51
CA ARG A 59 -0.61 -0.77 -13.10
C ARG A 59 -1.04 -0.62 -11.64
N ALA A 60 -0.10 -0.27 -10.77
CA ALA A 60 -0.41 -0.08 -9.34
C ALA A 60 -1.01 1.31 -9.10
N THR A 61 -2.02 1.65 -9.89
CA THR A 61 -2.69 2.94 -9.79
C THR A 61 -3.53 3.03 -8.52
N LEU A 62 -3.79 4.26 -8.07
CA LEU A 62 -4.58 4.49 -6.86
C LEU A 62 -5.86 3.64 -6.82
N ARG A 63 -6.38 3.30 -7.99
CA ARG A 63 -7.59 2.48 -8.08
C ARG A 63 -7.25 0.98 -8.01
N VAL A 64 -6.28 0.54 -8.82
CA VAL A 64 -5.87 -0.86 -8.83
C VAL A 64 -5.35 -1.30 -7.47
N LEU A 65 -4.50 -0.47 -6.86
CA LEU A 65 -3.95 -0.80 -5.54
C LEU A 65 -5.10 -0.89 -4.53
N GLU A 66 -6.02 0.09 -4.60
CA GLU A 66 -7.20 0.10 -3.73
C GLU A 66 -7.99 -1.20 -3.92
N ASP A 67 -8.20 -1.57 -5.19
CA ASP A 67 -8.92 -2.79 -5.54
C ASP A 67 -8.18 -4.00 -4.97
N ALA A 68 -6.90 -4.13 -5.34
CA ALA A 68 -6.07 -5.23 -4.85
C ALA A 68 -6.13 -5.30 -3.32
N LEU A 69 -6.10 -4.13 -2.67
CA LEU A 69 -6.17 -4.05 -1.22
C LEU A 69 -7.43 -4.74 -0.69
N ALA A 70 -8.55 -4.47 -1.32
CA ALA A 70 -9.82 -5.09 -0.92
C ALA A 70 -9.90 -6.52 -1.46
N ALA A 71 -9.40 -6.73 -2.68
CA ALA A 71 -9.40 -8.05 -3.30
C ALA A 71 -8.67 -9.08 -2.44
N ILE A 72 -7.75 -8.61 -1.58
CA ILE A 72 -6.98 -9.50 -0.70
C ILE A 72 -7.53 -9.46 0.72
N GLY A 73 -8.09 -8.31 1.12
CA GLY A 73 -8.62 -8.16 2.46
C GLY A 73 -7.74 -7.27 3.32
N ARG A 74 -7.28 -6.16 2.76
CA ARG A 74 -6.43 -5.24 3.49
C ARG A 74 -7.02 -3.84 3.55
N GLU A 75 -8.29 -3.79 3.96
CA GLU A 75 -9.01 -2.54 4.15
C GLU A 75 -8.29 -1.66 5.18
N ASP A 76 -7.44 -2.31 5.98
CA ASP A 76 -6.65 -1.65 7.00
C ASP A 76 -5.97 -0.40 6.45
N VAL A 77 -5.68 -0.41 5.14
CA VAL A 77 -5.04 0.73 4.50
C VAL A 77 -6.09 1.64 3.87
N VAL A 78 -7.03 1.05 3.13
CA VAL A 78 -8.10 1.81 2.50
C VAL A 78 -8.90 2.58 3.56
N GLN A 79 -9.16 1.91 4.69
CA GLN A 79 -9.90 2.52 5.79
C GLN A 79 -9.10 3.70 6.36
N VAL A 80 -7.83 3.46 6.69
CA VAL A 80 -6.96 4.50 7.22
C VAL A 80 -6.74 5.59 6.16
N LEU A 81 -6.48 5.17 4.93
CA LEU A 81 -6.27 6.10 3.82
C LEU A 81 -7.53 6.94 3.54
N SER A 82 -8.69 6.29 3.55
CA SER A 82 -9.95 6.97 3.31
C SER A 82 -10.69 7.28 4.62
N SER A 83 -9.94 7.57 5.68
CA SER A 83 -10.52 7.88 6.98
C SER A 83 -11.37 9.16 6.91
N PRO A 84 -12.69 9.04 7.10
CA PRO A 84 -13.62 10.18 7.04
C PRO A 84 -13.29 11.27 8.07
N ALA A 85 -13.31 10.91 9.36
CA ALA A 85 -13.01 11.85 10.43
C ALA A 85 -13.16 11.19 11.81
N GLU A 86 -14.37 11.22 12.36
CA GLU A 86 -14.64 10.63 13.67
C GLU A 86 -16.02 9.97 13.72
N SER A 87 -17.06 10.73 13.37
CA SER A 87 -18.43 10.23 13.38
C SER A 87 -18.80 9.57 12.05
N SER A 88 -18.57 10.29 10.95
CA SER A 88 -18.90 9.78 9.60
C SER A 88 -20.41 9.54 9.46
N SER A 89 -21.19 10.21 10.31
CA SER A 89 -22.65 10.07 10.31
C SER A 89 -23.34 11.39 9.91
N VAL A 90 -23.12 12.43 10.72
CA VAL A 90 -23.70 13.75 10.48
C VAL A 90 -25.23 13.73 10.61
N VAL A 91 -25.84 14.93 10.62
CA VAL A 91 -27.29 15.08 10.74
C VAL A 91 -27.75 15.03 12.21
N PRO A 1 1.51 10.98 -7.15
CA PRO A 1 1.10 11.03 -5.71
C PRO A 1 1.75 9.93 -4.88
N GLN A 2 2.72 10.31 -4.04
CA GLN A 2 3.42 9.35 -3.19
C GLN A 2 3.10 9.56 -1.70
N GLN A 3 2.89 10.82 -1.30
CA GLN A 3 2.56 11.15 0.08
C GLN A 3 1.43 10.27 0.63
N GLN A 4 0.59 9.78 -0.27
CA GLN A 4 -0.53 8.91 0.11
C GLN A 4 -0.02 7.54 0.57
N GLN A 5 1.23 7.23 0.27
CA GLN A 5 1.84 5.97 0.68
C GLN A 5 2.91 6.28 1.72
N GLU A 6 3.65 7.36 1.49
CA GLU A 6 4.66 7.81 2.43
C GLU A 6 4.03 8.09 3.80
N GLU A 7 2.77 8.55 3.79
CA GLU A 7 2.07 8.87 5.03
C GLU A 7 1.22 7.68 5.52
N VAL A 8 0.44 7.09 4.62
CA VAL A 8 -0.43 5.96 4.95
C VAL A 8 0.32 4.86 5.69
N GLN A 9 1.52 4.54 5.22
CA GLN A 9 2.34 3.50 5.86
C GLN A 9 2.63 3.84 7.33
N ARG A 10 2.49 5.11 7.72
CA ARG A 10 2.76 5.49 9.11
C ARG A 10 1.70 4.94 10.07
N LEU A 11 0.53 4.58 9.56
CA LEU A 11 -0.55 4.05 10.40
C LEU A 11 -0.63 2.52 10.35
N LEU A 12 0.43 1.85 9.87
CA LEU A 12 0.45 0.39 9.79
C LEU A 12 1.86 -0.18 9.55
N MET A 13 2.66 0.52 8.76
CA MET A 13 4.04 0.08 8.45
C MET A 13 5.06 0.67 9.44
N MET A 14 4.61 0.97 10.67
CA MET A 14 5.49 1.54 11.69
C MET A 14 6.20 0.44 12.49
N GLY A 15 7.32 -0.06 11.94
CA GLY A 15 8.08 -1.11 12.59
C GLY A 15 8.47 -2.21 11.62
N GLU A 16 7.79 -3.35 11.72
CA GLU A 16 8.06 -4.49 10.84
C GLU A 16 6.86 -5.45 10.77
N PRO A 17 5.73 -4.97 10.21
CA PRO A 17 4.51 -5.79 10.08
C PRO A 17 4.60 -6.81 8.96
N ALA A 18 4.06 -7.99 9.24
CA ALA A 18 4.01 -9.08 8.26
C ALA A 18 2.76 -8.97 7.40
N LYS A 19 1.79 -8.16 7.84
CA LYS A 19 0.54 -7.96 7.13
C LYS A 19 0.53 -6.65 6.34
N GLY A 20 -0.60 -6.38 5.68
CA GLY A 20 -0.76 -5.17 4.88
C GLY A 20 -0.04 -5.25 3.55
N TRP A 21 1.17 -4.71 3.51
CA TRP A 21 2.00 -4.72 2.30
C TRP A 21 2.19 -6.14 1.76
N GLN A 22 2.52 -7.07 2.65
CA GLN A 22 2.74 -8.47 2.26
C GLN A 22 1.51 -9.04 1.57
N GLU A 23 0.33 -8.81 2.15
CA GLU A 23 -0.92 -9.29 1.58
C GLU A 23 -1.19 -8.70 0.19
N LEU A 24 -0.47 -7.63 -0.15
CA LEU A 24 -0.61 -6.97 -1.45
C LEU A 24 0.28 -7.64 -2.48
N ALA A 25 1.48 -8.04 -2.07
CA ALA A 25 2.44 -8.71 -2.95
C ALA A 25 1.74 -9.75 -3.81
N GLY A 26 0.75 -10.41 -3.21
CA GLY A 26 -0.02 -11.43 -3.94
C GLY A 26 -0.78 -10.83 -5.11
N HIS A 27 -1.37 -9.66 -4.89
CA HIS A 27 -2.12 -8.94 -5.93
C HIS A 27 -1.21 -7.99 -6.70
N LEU A 28 -0.10 -7.61 -6.07
CA LEU A 28 0.88 -6.70 -6.66
C LEU A 28 1.67 -7.43 -7.76
N GLY A 29 1.85 -8.73 -7.57
CA GLY A 29 2.59 -9.54 -8.53
C GLY A 29 4.02 -9.80 -8.07
N TYR A 30 4.23 -9.81 -6.76
CA TYR A 30 5.56 -10.04 -6.20
C TYR A 30 5.72 -11.50 -5.75
N GLN A 31 6.76 -11.77 -4.95
CA GLN A 31 7.03 -13.12 -4.46
C GLN A 31 7.73 -13.11 -3.10
N ALA A 32 7.76 -14.26 -2.44
CA ALA A 32 8.39 -14.38 -1.12
C ALA A 32 9.84 -13.89 -1.12
N GLU A 33 10.58 -14.23 -2.19
CA GLU A 33 11.97 -13.80 -2.32
C GLU A 33 12.08 -12.28 -2.20
N ALA A 34 11.04 -11.59 -2.67
CA ALA A 34 10.98 -10.15 -2.60
C ALA A 34 10.22 -9.70 -1.36
N VAL A 35 9.22 -10.49 -0.95
CA VAL A 35 8.45 -10.17 0.24
C VAL A 35 9.36 -10.22 1.47
N GLU A 36 10.44 -10.99 1.36
CA GLU A 36 11.39 -11.11 2.46
C GLU A 36 12.27 -9.85 2.54
N THR A 37 12.69 -9.35 1.38
CA THR A 37 13.52 -8.15 1.31
C THR A 37 12.67 -6.87 1.32
N MET A 38 11.50 -6.92 0.68
CA MET A 38 10.60 -5.77 0.61
C MET A 38 10.41 -5.13 1.99
N ALA A 39 10.30 -5.97 3.02
CA ALA A 39 10.15 -5.50 4.39
C ALA A 39 11.29 -4.53 4.76
N CYS A 40 12.45 -4.70 4.13
CA CYS A 40 13.60 -3.83 4.39
C CYS A 40 14.04 -3.08 3.12
N ASP A 41 13.18 -3.02 2.11
CA ASP A 41 13.48 -2.32 0.87
C ASP A 41 12.98 -0.87 0.93
N GLN A 42 13.64 -0.05 1.75
CA GLN A 42 13.25 1.36 1.91
C GLN A 42 11.73 1.49 2.14
N MET A 43 11.21 0.68 3.06
CA MET A 43 9.79 0.66 3.38
C MET A 43 8.99 0.04 2.23
N PRO A 44 8.11 -0.93 2.54
CA PRO A 44 7.28 -1.60 1.52
C PRO A 44 6.31 -0.64 0.84
N ALA A 45 5.54 0.09 1.64
CA ALA A 45 4.59 1.06 1.13
C ALA A 45 5.30 2.20 0.41
N TYR A 46 6.54 2.47 0.82
CA TYR A 46 7.36 3.53 0.21
C TYR A 46 7.97 3.05 -1.11
N THR A 47 8.54 1.87 -1.09
CA THR A 47 9.17 1.29 -2.29
C THR A 47 8.12 0.86 -3.31
N LEU A 48 6.97 0.38 -2.83
CA LEU A 48 5.90 -0.08 -3.72
C LEU A 48 5.58 0.92 -4.84
N LEU A 49 5.60 2.21 -4.55
CA LEU A 49 5.31 3.24 -5.56
C LEU A 49 6.32 3.16 -6.71
N ARG A 50 7.59 3.04 -6.37
CA ARG A 50 8.66 2.95 -7.36
C ARG A 50 8.93 1.50 -7.77
N ASN A 51 8.30 0.54 -7.09
CA ASN A 51 8.48 -0.87 -7.41
C ASN A 51 7.27 -1.40 -8.19
N TRP A 52 6.08 -1.14 -7.66
CA TRP A 52 4.85 -1.57 -8.31
C TRP A 52 4.63 -0.77 -9.59
N ALA A 53 5.02 0.51 -9.56
CA ALA A 53 4.87 1.38 -10.71
C ALA A 53 6.23 1.71 -11.35
N ALA A 54 7.21 2.10 -10.53
CA ALA A 54 8.55 2.46 -11.00
C ALA A 54 8.55 3.76 -11.83
N GLN A 55 7.37 4.30 -12.13
CA GLN A 55 7.25 5.53 -12.90
C GLN A 55 5.97 6.33 -12.56
N GLU A 56 5.29 5.97 -11.47
CA GLU A 56 4.06 6.68 -11.06
C GLU A 56 3.00 6.63 -12.17
N GLY A 57 2.83 5.46 -12.78
CA GLY A 57 1.85 5.30 -13.84
C GLY A 57 0.55 4.69 -13.37
N ASN A 58 -0.45 4.64 -14.25
CA ASN A 58 -1.77 4.07 -13.93
C ASN A 58 -1.70 2.55 -13.70
N ARG A 59 -0.79 2.12 -12.84
CA ARG A 59 -0.62 0.71 -12.52
C ARG A 59 -0.74 0.46 -11.00
N ALA A 60 -0.19 1.36 -10.20
CA ALA A 60 -0.25 1.24 -8.75
C ALA A 60 -0.94 2.46 -8.13
N THR A 61 -2.15 2.76 -8.61
CA THR A 61 -2.92 3.91 -8.11
C THR A 61 -3.88 3.50 -7.00
N LEU A 62 -4.58 4.49 -6.44
CA LEU A 62 -5.54 4.26 -5.38
C LEU A 62 -6.58 3.21 -5.79
N ARG A 63 -6.76 3.04 -7.11
CA ARG A 63 -7.72 2.07 -7.63
C ARG A 63 -7.15 0.66 -7.59
N VAL A 64 -5.83 0.53 -7.79
CA VAL A 64 -5.17 -0.78 -7.78
C VAL A 64 -4.75 -1.17 -6.37
N LEU A 65 -4.16 -0.23 -5.63
CA LEU A 65 -3.75 -0.52 -4.25
C LEU A 65 -4.95 -0.98 -3.43
N GLU A 66 -6.07 -0.27 -3.57
CA GLU A 66 -7.31 -0.62 -2.89
C GLU A 66 -7.70 -2.05 -3.24
N ASP A 67 -7.75 -2.34 -4.54
CA ASP A 67 -8.06 -3.68 -5.04
C ASP A 67 -7.10 -4.69 -4.43
N ALA A 68 -5.80 -4.41 -4.57
CA ALA A 68 -4.76 -5.28 -4.01
C ALA A 68 -5.01 -5.54 -2.52
N LEU A 69 -5.55 -4.53 -1.84
CA LEU A 69 -5.86 -4.63 -0.41
C LEU A 69 -7.20 -5.35 -0.17
N ALA A 70 -8.23 -4.90 -0.87
CA ALA A 70 -9.58 -5.47 -0.72
C ALA A 70 -9.62 -6.94 -1.12
N ALA A 71 -8.80 -7.31 -2.11
CA ALA A 71 -8.74 -8.69 -2.58
C ALA A 71 -8.43 -9.67 -1.44
N ILE A 72 -7.78 -9.19 -0.39
CA ILE A 72 -7.43 -10.04 0.76
C ILE A 72 -8.13 -9.58 2.05
N GLY A 73 -8.91 -8.52 1.95
CA GLY A 73 -9.58 -7.97 3.12
C GLY A 73 -8.68 -7.02 3.87
N ARG A 74 -7.96 -6.18 3.14
CA ARG A 74 -7.04 -5.22 3.73
C ARG A 74 -7.64 -3.81 3.78
N GLU A 75 -8.92 -3.75 4.16
CA GLU A 75 -9.61 -2.46 4.28
C GLU A 75 -9.03 -1.66 5.46
N ASP A 76 -8.17 -2.32 6.25
CA ASP A 76 -7.49 -1.73 7.38
C ASP A 76 -6.88 -0.37 7.00
N VAL A 77 -6.45 -0.28 5.74
CA VAL A 77 -5.84 0.93 5.22
C VAL A 77 -6.83 1.67 4.31
N VAL A 78 -7.57 0.90 3.50
CA VAL A 78 -8.57 1.46 2.59
C VAL A 78 -9.57 2.30 3.36
N GLN A 79 -9.96 1.83 4.55
CA GLN A 79 -10.90 2.56 5.39
C GLN A 79 -10.34 3.92 5.77
N VAL A 80 -9.06 3.95 6.11
CA VAL A 80 -8.38 5.20 6.45
C VAL A 80 -8.18 6.05 5.21
N LEU A 81 -7.74 5.40 4.12
CA LEU A 81 -7.50 6.08 2.86
C LEU A 81 -8.79 6.58 2.21
N SER A 82 -9.84 5.75 2.25
CA SER A 82 -11.12 6.12 1.67
C SER A 82 -12.16 6.45 2.75
N SER A 83 -11.69 7.12 3.81
CA SER A 83 -12.58 7.50 4.92
C SER A 83 -13.81 8.26 4.42
N PRO A 84 -15.02 7.70 4.63
CA PRO A 84 -16.28 8.32 4.18
C PRO A 84 -16.64 9.57 5.00
N ALA A 85 -15.74 10.56 4.99
CA ALA A 85 -15.98 11.81 5.71
C ALA A 85 -16.43 12.92 4.76
N GLU A 86 -17.35 12.57 3.86
CA GLU A 86 -17.88 13.53 2.89
C GLU A 86 -19.41 13.63 2.97
N SER A 87 -19.97 14.68 2.38
CA SER A 87 -21.42 14.90 2.39
C SER A 87 -21.84 15.96 1.37
N SER A 88 -23.08 15.87 0.90
CA SER A 88 -23.61 16.82 -0.08
C SER A 88 -22.84 16.78 -1.40
N SER A 89 -22.25 15.62 -1.70
CA SER A 89 -21.49 15.45 -2.94
C SER A 89 -22.41 15.07 -4.10
N VAL A 90 -22.92 16.10 -4.80
CA VAL A 90 -23.82 15.90 -5.95
C VAL A 90 -25.16 15.28 -5.52
N VAL A 91 -26.09 15.17 -6.47
CA VAL A 91 -27.40 14.61 -6.20
C VAL A 91 -28.07 14.10 -7.48
N PRO A 1 0.11 11.79 -4.58
CA PRO A 1 1.51 11.61 -5.03
C PRO A 1 2.44 11.18 -3.88
N GLN A 2 2.58 9.86 -3.70
CA GLN A 2 3.43 9.29 -2.63
C GLN A 2 2.88 9.57 -1.23
N GLN A 3 2.51 10.82 -0.95
CA GLN A 3 1.97 11.20 0.35
C GLN A 3 0.84 10.27 0.80
N GLN A 4 0.20 9.58 -0.14
CA GLN A 4 -0.88 8.66 0.20
C GLN A 4 -0.33 7.34 0.74
N GLN A 5 0.98 7.14 0.62
CA GLN A 5 1.63 5.94 1.12
C GLN A 5 2.47 6.32 2.33
N GLU A 6 3.21 7.42 2.20
CA GLU A 6 4.04 7.91 3.30
C GLU A 6 3.14 8.30 4.47
N GLU A 7 1.97 8.89 4.17
CA GLU A 7 1.03 9.28 5.22
C GLU A 7 0.38 8.04 5.81
N VAL A 8 -0.09 7.13 4.94
CA VAL A 8 -0.69 5.88 5.40
C VAL A 8 0.30 5.14 6.28
N GLN A 9 1.58 5.23 5.91
CA GLN A 9 2.67 4.62 6.66
C GLN A 9 2.60 5.03 8.13
N ARG A 10 2.07 6.23 8.40
CA ARG A 10 1.96 6.73 9.77
C ARG A 10 0.94 5.92 10.58
N LEU A 11 0.10 5.16 9.89
CA LEU A 11 -0.93 4.35 10.56
C LEU A 11 -0.83 2.86 10.20
N LEU A 12 -0.62 2.55 8.91
CA LEU A 12 -0.54 1.16 8.46
C LEU A 12 0.86 0.56 8.71
N MET A 13 1.90 1.38 8.62
CA MET A 13 3.28 0.91 8.84
C MET A 13 3.65 0.87 10.34
N MET A 14 2.81 1.46 11.18
CA MET A 14 3.07 1.48 12.62
C MET A 14 3.20 0.07 13.20
N GLY A 15 4.26 -0.17 13.96
CA GLY A 15 4.50 -1.48 14.55
C GLY A 15 5.24 -2.45 13.64
N GLU A 16 5.66 -1.98 12.46
CA GLU A 16 6.38 -2.81 11.50
C GLU A 16 5.62 -4.11 11.19
N PRO A 17 4.42 -3.98 10.58
CA PRO A 17 3.59 -5.15 10.24
C PRO A 17 4.23 -6.03 9.15
N ALA A 18 4.01 -7.33 9.27
CA ALA A 18 4.55 -8.27 8.29
C ALA A 18 3.59 -8.43 7.11
N LYS A 19 2.29 -8.33 7.39
CA LYS A 19 1.27 -8.47 6.35
C LYS A 19 0.84 -7.10 5.78
N GLY A 20 -0.32 -7.05 5.13
CA GLY A 20 -0.79 -5.81 4.53
C GLY A 20 -0.01 -5.50 3.26
N TRP A 21 1.14 -4.84 3.43
CA TRP A 21 2.01 -4.53 2.29
C TRP A 21 2.48 -5.83 1.63
N GLN A 22 2.69 -6.86 2.45
CA GLN A 22 3.10 -8.17 1.96
C GLN A 22 1.94 -8.86 1.24
N GLU A 23 0.75 -8.76 1.83
CA GLU A 23 -0.44 -9.37 1.27
C GLU A 23 -0.90 -8.66 0.00
N LEU A 24 -1.00 -7.32 0.05
CA LEU A 24 -1.41 -6.56 -1.13
C LEU A 24 -0.44 -6.81 -2.28
N ALA A 25 0.86 -6.91 -1.95
CA ALA A 25 1.89 -7.21 -2.94
C ALA A 25 1.57 -8.53 -3.66
N GLY A 26 0.82 -9.41 -2.99
CA GLY A 26 0.45 -10.68 -3.58
C GLY A 26 -0.46 -10.50 -4.80
N HIS A 27 -1.29 -9.45 -4.78
CA HIS A 27 -2.18 -9.17 -5.90
C HIS A 27 -1.39 -8.59 -7.07
N LEU A 28 -0.32 -7.88 -6.75
CA LEU A 28 0.55 -7.29 -7.76
C LEU A 28 1.38 -8.38 -8.43
N GLY A 29 1.73 -9.40 -7.64
CA GLY A 29 2.52 -10.52 -8.15
C GLY A 29 3.88 -10.63 -7.50
N TYR A 30 4.01 -10.15 -6.25
CA TYR A 30 5.28 -10.22 -5.54
C TYR A 30 5.50 -11.61 -4.94
N GLN A 31 6.45 -11.70 -4.02
CA GLN A 31 6.76 -12.97 -3.36
C GLN A 31 7.46 -12.74 -2.02
N ALA A 32 7.35 -13.72 -1.12
CA ALA A 32 7.97 -13.62 0.21
C ALA A 32 9.46 -13.32 0.10
N GLU A 33 10.14 -13.96 -0.86
CA GLU A 33 11.57 -13.74 -1.08
C GLU A 33 11.86 -12.26 -1.27
N ALA A 34 10.90 -11.56 -1.89
CA ALA A 34 11.03 -10.13 -2.12
C ALA A 34 10.33 -9.35 -1.02
N VAL A 35 9.25 -9.92 -0.50
CA VAL A 35 8.52 -9.30 0.59
C VAL A 35 9.44 -9.16 1.79
N GLU A 36 10.39 -10.10 1.92
CA GLU A 36 11.36 -10.07 3.00
C GLU A 36 12.27 -8.86 2.86
N THR A 37 12.68 -8.59 1.63
CA THR A 37 13.52 -7.43 1.33
C THR A 37 12.68 -6.17 1.41
N MET A 38 11.46 -6.25 0.87
CA MET A 38 10.52 -5.11 0.89
C MET A 38 10.38 -4.58 2.32
N ALA A 39 10.28 -5.48 3.28
CA ALA A 39 10.16 -5.11 4.68
C ALA A 39 11.31 -4.20 5.13
N CYS A 40 12.49 -4.39 4.52
CA CYS A 40 13.66 -3.59 4.86
C CYS A 40 14.21 -2.79 3.66
N ASP A 41 13.39 -2.63 2.62
CA ASP A 41 13.80 -1.88 1.44
C ASP A 41 13.32 -0.44 1.53
N GLN A 42 13.87 0.31 2.48
CA GLN A 42 13.50 1.71 2.70
C GLN A 42 11.98 1.83 2.90
N MET A 43 11.43 0.91 3.70
CA MET A 43 9.99 0.86 4.00
C MET A 43 9.20 0.34 2.80
N PRO A 44 8.41 -0.74 2.99
CA PRO A 44 7.60 -1.33 1.92
C PRO A 44 6.54 -0.37 1.40
N ALA A 45 5.86 0.33 2.32
CA ALA A 45 4.83 1.30 1.95
C ALA A 45 5.42 2.44 1.12
N TYR A 46 6.66 2.81 1.43
CA TYR A 46 7.36 3.88 0.70
C TYR A 46 7.95 3.34 -0.60
N THR A 47 8.71 2.26 -0.50
CA THR A 47 9.33 1.64 -1.67
C THR A 47 8.28 1.15 -2.66
N LEU A 48 7.15 0.66 -2.14
CA LEU A 48 6.05 0.16 -2.95
C LEU A 48 5.72 1.09 -4.12
N LEU A 49 5.81 2.40 -3.89
CA LEU A 49 5.53 3.38 -4.92
C LEU A 49 6.38 3.12 -6.17
N ARG A 50 7.64 2.81 -5.95
CA ARG A 50 8.55 2.51 -7.05
C ARG A 50 8.58 1.01 -7.38
N ASN A 51 7.94 0.20 -6.54
CA ASN A 51 7.89 -1.24 -6.76
C ASN A 51 6.58 -1.66 -7.44
N TRP A 52 5.46 -1.14 -6.93
CA TRP A 52 4.15 -1.44 -7.49
C TRP A 52 3.87 -0.63 -8.75
N ALA A 53 4.37 0.61 -8.78
CA ALA A 53 4.16 1.50 -9.92
C ALA A 53 5.43 1.68 -10.77
N ALA A 54 6.59 1.71 -10.11
CA ALA A 54 7.88 1.90 -10.78
C ALA A 54 8.22 3.39 -10.98
N GLN A 55 7.19 4.24 -10.92
CA GLN A 55 7.37 5.67 -11.08
C GLN A 55 6.68 6.44 -9.94
N GLU A 56 5.47 6.02 -9.59
CA GLU A 56 4.69 6.67 -8.52
C GLU A 56 3.38 5.93 -8.26
N GLY A 57 2.64 5.62 -9.33
CA GLY A 57 1.37 4.93 -9.19
C GLY A 57 0.54 4.96 -10.45
N ASN A 58 -0.67 5.55 -10.35
CA ASN A 58 -1.59 5.65 -11.50
C ASN A 58 -2.07 4.27 -11.96
N ARG A 59 -1.19 3.53 -12.64
CA ARG A 59 -1.51 2.20 -13.15
C ARG A 59 -1.91 1.25 -12.03
N ALA A 60 -1.16 1.29 -10.93
CA ALA A 60 -1.43 0.45 -9.77
C ALA A 60 -2.15 1.24 -8.66
N THR A 61 -2.96 2.21 -9.07
CA THR A 61 -3.69 3.05 -8.12
C THR A 61 -5.13 3.33 -8.58
N LEU A 62 -5.68 4.47 -8.14
CA LEU A 62 -7.06 4.85 -8.48
C LEU A 62 -8.03 3.84 -7.89
N ARG A 63 -7.98 2.63 -8.42
CA ARG A 63 -8.80 1.52 -7.95
C ARG A 63 -7.92 0.32 -7.57
N VAL A 64 -6.75 0.19 -8.22
CA VAL A 64 -5.83 -0.90 -7.94
C VAL A 64 -5.38 -0.86 -6.48
N LEU A 65 -5.20 0.35 -5.95
CA LEU A 65 -4.82 0.54 -4.55
C LEU A 65 -5.92 0.04 -3.61
N GLU A 66 -7.12 -0.17 -4.16
CA GLU A 66 -8.27 -0.66 -3.40
C GLU A 66 -8.58 -2.12 -3.78
N ASP A 67 -8.26 -2.49 -5.03
CA ASP A 67 -8.50 -3.84 -5.54
C ASP A 67 -7.39 -4.81 -5.14
N ALA A 68 -6.14 -4.33 -5.15
CA ALA A 68 -4.98 -5.16 -4.82
C ALA A 68 -5.01 -5.67 -3.38
N LEU A 69 -5.72 -4.96 -2.48
CA LEU A 69 -5.78 -5.39 -1.08
C LEU A 69 -7.16 -5.97 -0.72
N ALA A 70 -8.21 -5.49 -1.38
CA ALA A 70 -9.55 -5.99 -1.11
C ALA A 70 -9.69 -7.45 -1.49
N ALA A 71 -9.05 -7.84 -2.59
CA ALA A 71 -9.07 -9.22 -3.05
C ALA A 71 -8.55 -10.19 -1.99
N ILE A 72 -7.73 -9.68 -1.05
CA ILE A 72 -7.19 -10.52 0.02
C ILE A 72 -7.76 -10.16 1.39
N GLY A 73 -8.68 -9.21 1.41
CA GLY A 73 -9.27 -8.77 2.66
C GLY A 73 -8.30 -7.93 3.45
N ARG A 74 -7.56 -7.07 2.76
CA ARG A 74 -6.58 -6.21 3.40
C ARG A 74 -7.00 -4.76 3.37
N GLU A 75 -8.22 -4.50 3.85
CA GLU A 75 -8.76 -3.14 3.93
C GLU A 75 -7.88 -2.27 4.82
N ASP A 76 -6.93 -2.89 5.54
CA ASP A 76 -6.01 -2.16 6.41
C ASP A 76 -5.46 -0.92 5.72
N VAL A 77 -5.28 -1.00 4.41
CA VAL A 77 -4.77 0.12 3.62
C VAL A 77 -5.90 1.06 3.22
N VAL A 78 -6.94 0.51 2.61
CA VAL A 78 -8.10 1.28 2.20
C VAL A 78 -8.72 2.01 3.40
N GLN A 79 -8.76 1.33 4.54
CA GLN A 79 -9.32 1.92 5.76
C GLN A 79 -8.49 3.11 6.21
N VAL A 80 -7.17 2.92 6.28
CA VAL A 80 -6.26 3.99 6.69
C VAL A 80 -6.31 5.14 5.68
N LEU A 81 -6.43 4.79 4.39
CA LEU A 81 -6.51 5.79 3.33
C LEU A 81 -7.89 6.45 3.27
N SER A 82 -8.93 5.62 3.20
CA SER A 82 -10.31 6.11 3.13
C SER A 82 -10.52 7.07 1.94
N SER A 83 -9.84 6.76 0.82
CA SER A 83 -9.95 7.59 -0.39
C SER A 83 -11.41 7.88 -0.75
N PRO A 84 -11.84 9.15 -0.62
CA PRO A 84 -13.22 9.56 -0.91
C PRO A 84 -13.54 9.62 -2.41
N ALA A 85 -14.64 8.98 -2.80
CA ALA A 85 -15.06 8.96 -4.20
C ALA A 85 -15.69 10.30 -4.60
N GLU A 86 -14.84 11.34 -4.62
CA GLU A 86 -15.29 12.69 -4.97
C GLU A 86 -14.21 13.44 -5.75
N SER A 87 -12.99 13.47 -5.21
CA SER A 87 -11.86 14.15 -5.84
C SER A 87 -11.64 13.69 -7.28
N SER A 88 -11.35 14.66 -8.17
CA SER A 88 -11.12 14.38 -9.59
C SER A 88 -12.43 14.08 -10.32
N SER A 89 -13.30 15.09 -10.42
CA SER A 89 -14.59 14.94 -11.11
C SER A 89 -14.36 14.72 -12.60
N VAL A 90 -14.35 13.44 -13.00
CA VAL A 90 -14.12 13.07 -14.39
C VAL A 90 -12.74 13.56 -14.83
N VAL A 91 -11.73 12.74 -14.56
CA VAL A 91 -10.34 13.05 -14.89
C VAL A 91 -9.77 14.08 -13.91
N PRO A 1 2.82 10.21 -6.06
CA PRO A 1 2.74 10.86 -4.72
C PRO A 1 3.37 9.99 -3.64
N GLN A 2 3.89 10.62 -2.59
CA GLN A 2 4.56 9.90 -1.50
C GLN A 2 3.79 9.96 -0.19
N GLN A 3 3.31 11.14 0.18
CA GLN A 3 2.58 11.32 1.43
C GLN A 3 1.41 10.35 1.59
N GLN A 4 0.98 9.73 0.50
CA GLN A 4 -0.11 8.77 0.59
C GLN A 4 0.41 7.36 0.84
N GLN A 5 1.73 7.18 0.76
CA GLN A 5 2.33 5.88 1.04
C GLN A 5 3.27 5.98 2.25
N GLU A 6 3.95 7.12 2.41
CA GLU A 6 4.84 7.31 3.56
C GLU A 6 4.02 7.63 4.80
N GLU A 7 2.82 8.18 4.60
CA GLU A 7 1.93 8.50 5.71
C GLU A 7 0.96 7.35 5.97
N VAL A 8 0.44 6.75 4.89
CA VAL A 8 -0.48 5.62 5.01
C VAL A 8 0.17 4.45 5.73
N GLN A 9 1.49 4.28 5.51
CA GLN A 9 2.22 3.21 6.17
C GLN A 9 2.08 3.28 7.70
N ARG A 10 1.65 4.45 8.22
CA ARG A 10 1.47 4.60 9.66
C ARG A 10 0.52 3.52 10.20
N LEU A 11 -0.35 3.01 9.33
CA LEU A 11 -1.30 1.97 9.70
C LEU A 11 -0.99 0.67 8.95
N LEU A 12 -0.43 0.81 7.75
CA LEU A 12 -0.06 -0.35 6.93
C LEU A 12 1.18 -1.06 7.48
N MET A 13 2.05 -0.29 8.15
CA MET A 13 3.28 -0.82 8.71
C MET A 13 3.29 -0.70 10.24
N MET A 14 2.12 -0.78 10.87
CA MET A 14 2.01 -0.67 12.32
C MET A 14 1.04 -1.69 12.91
N GLY A 15 0.75 -1.55 14.21
CA GLY A 15 -0.16 -2.46 14.88
C GLY A 15 0.58 -3.56 15.62
N GLU A 16 1.28 -4.42 14.87
CA GLU A 16 2.04 -5.52 15.44
C GLU A 16 2.65 -6.40 14.35
N PRO A 17 1.81 -7.01 13.49
CA PRO A 17 2.29 -7.90 12.41
C PRO A 17 3.01 -7.15 11.28
N ALA A 18 3.99 -7.82 10.69
CA ALA A 18 4.75 -7.24 9.58
C ALA A 18 3.95 -7.34 8.27
N LYS A 19 2.81 -8.05 8.31
CA LYS A 19 1.93 -8.24 7.15
C LYS A 19 1.43 -6.90 6.58
N GLY A 20 0.39 -6.97 5.73
CA GLY A 20 -0.16 -5.76 5.14
C GLY A 20 0.41 -5.49 3.76
N TRP A 21 1.55 -4.78 3.72
CA TRP A 21 2.22 -4.48 2.45
C TRP A 21 2.47 -5.75 1.63
N GLN A 22 2.72 -6.86 2.33
CA GLN A 22 2.94 -8.14 1.67
C GLN A 22 1.65 -8.66 1.05
N GLU A 23 0.54 -8.52 1.78
CA GLU A 23 -0.76 -8.94 1.30
C GLU A 23 -1.03 -8.36 -0.09
N LEU A 24 -0.72 -7.07 -0.24
CA LEU A 24 -0.87 -6.40 -1.53
C LEU A 24 0.29 -6.81 -2.44
N ALA A 25 1.51 -6.84 -1.90
CA ALA A 25 2.68 -7.26 -2.67
C ALA A 25 2.44 -8.63 -3.31
N GLY A 26 1.83 -9.53 -2.54
CA GLY A 26 1.51 -10.86 -3.06
C GLY A 26 0.57 -10.77 -4.24
N HIS A 27 -0.46 -9.94 -4.10
CA HIS A 27 -1.44 -9.71 -5.16
C HIS A 27 -0.80 -8.89 -6.29
N LEU A 28 0.15 -8.03 -5.92
CA LEU A 28 0.88 -7.20 -6.86
C LEU A 28 1.74 -8.07 -7.78
N GLY A 29 2.04 -9.29 -7.32
CA GLY A 29 2.86 -10.21 -8.09
C GLY A 29 4.29 -10.27 -7.62
N TYR A 30 4.50 -10.02 -6.33
CA TYR A 30 5.85 -10.04 -5.76
C TYR A 30 6.30 -11.45 -5.39
N GLN A 31 7.35 -11.56 -4.59
CA GLN A 31 7.88 -12.85 -4.18
C GLN A 31 8.48 -12.80 -2.77
N ALA A 32 8.62 -13.98 -2.15
CA ALA A 32 9.20 -14.08 -0.81
C ALA A 32 10.63 -13.55 -0.79
N GLU A 33 11.40 -13.89 -1.82
CA GLU A 33 12.79 -13.42 -1.92
C GLU A 33 12.82 -11.89 -1.85
N ALA A 34 11.77 -11.25 -2.38
CA ALA A 34 11.67 -9.81 -2.35
C ALA A 34 10.90 -9.34 -1.12
N VAL A 35 9.95 -10.16 -0.65
CA VAL A 35 9.19 -9.83 0.55
C VAL A 35 10.14 -9.71 1.73
N GLU A 36 11.24 -10.46 1.66
CA GLU A 36 12.27 -10.43 2.70
C GLU A 36 12.97 -9.07 2.70
N THR A 37 13.14 -8.51 1.51
CA THR A 37 13.79 -7.22 1.35
C THR A 37 12.78 -6.07 1.46
N MET A 38 11.62 -6.22 0.81
CA MET A 38 10.56 -5.20 0.83
C MET A 38 10.25 -4.75 2.27
N ALA A 39 10.25 -5.71 3.20
CA ALA A 39 9.97 -5.41 4.59
C ALA A 39 10.98 -4.42 5.17
N CYS A 40 12.18 -4.37 4.57
CA CYS A 40 13.23 -3.46 5.03
C CYS A 40 13.83 -2.63 3.88
N ASP A 41 13.13 -2.57 2.75
CA ASP A 41 13.59 -1.81 1.59
C ASP A 41 13.13 -0.35 1.67
N GLN A 42 13.67 0.39 2.65
CA GLN A 42 13.30 1.79 2.85
C GLN A 42 11.77 1.96 2.78
N MET A 43 11.07 1.15 3.58
CA MET A 43 9.60 1.14 3.63
C MET A 43 9.01 0.46 2.39
N PRO A 44 8.14 -0.54 2.60
CA PRO A 44 7.51 -1.29 1.50
C PRO A 44 6.57 -0.43 0.68
N ALA A 45 5.64 0.25 1.33
CA ALA A 45 4.69 1.13 0.62
C ALA A 45 5.44 2.22 -0.15
N TYR A 46 6.65 2.53 0.31
CA TYR A 46 7.49 3.54 -0.32
C TYR A 46 8.24 2.96 -1.51
N THR A 47 8.85 1.81 -1.31
CA THR A 47 9.63 1.15 -2.37
C THR A 47 8.76 0.29 -3.28
N LEU A 48 7.79 -0.42 -2.70
CA LEU A 48 6.89 -1.27 -3.48
C LEU A 48 6.31 -0.49 -4.65
N LEU A 49 5.97 0.78 -4.40
CA LEU A 49 5.41 1.64 -5.44
C LEU A 49 6.40 1.78 -6.61
N ARG A 50 7.67 2.02 -6.28
CA ARG A 50 8.69 2.14 -7.33
C ARG A 50 8.81 0.80 -8.10
N ASN A 51 8.36 -0.28 -7.46
CA ASN A 51 8.39 -1.61 -8.05
C ASN A 51 7.06 -1.88 -8.78
N TRP A 52 5.95 -1.67 -8.07
CA TRP A 52 4.62 -1.88 -8.63
C TRP A 52 4.34 -0.89 -9.76
N ALA A 53 4.82 0.34 -9.58
CA ALA A 53 4.63 1.38 -10.59
C ALA A 53 5.77 1.36 -11.60
N ALA A 54 7.01 1.53 -11.11
CA ALA A 54 8.21 1.55 -11.96
C ALA A 54 8.36 2.87 -12.71
N GLN A 55 7.33 3.72 -12.65
CA GLN A 55 7.37 5.03 -13.32
C GLN A 55 6.54 6.07 -12.56
N GLU A 56 5.41 5.63 -11.99
CA GLU A 56 4.52 6.53 -11.24
C GLU A 56 3.45 5.73 -10.49
N GLY A 57 2.69 4.93 -11.24
CA GLY A 57 1.63 4.12 -10.66
C GLY A 57 0.40 4.01 -11.53
N ASN A 58 0.58 3.50 -12.75
CA ASN A 58 -0.53 3.34 -13.69
C ASN A 58 -1.34 2.09 -13.35
N ARG A 59 -0.64 0.98 -13.11
CA ARG A 59 -1.30 -0.27 -12.74
C ARG A 59 -1.65 -0.25 -11.26
N ALA A 60 -0.71 0.26 -10.46
CA ALA A 60 -0.90 0.39 -9.01
C ALA A 60 -1.73 1.65 -8.66
N THR A 61 -2.65 2.00 -9.56
CA THR A 61 -3.52 3.16 -9.38
C THR A 61 -4.46 2.98 -8.20
N LEU A 62 -4.95 4.10 -7.67
CA LEU A 62 -5.88 4.08 -6.53
C LEU A 62 -7.03 3.11 -6.80
N ARG A 63 -7.44 2.99 -8.07
CA ARG A 63 -8.53 2.09 -8.45
C ARG A 63 -8.16 0.65 -8.12
N VAL A 64 -7.04 0.18 -8.67
CA VAL A 64 -6.56 -1.17 -8.43
C VAL A 64 -6.18 -1.35 -6.95
N LEU A 65 -5.64 -0.28 -6.34
CA LEU A 65 -5.24 -0.31 -4.94
C LEU A 65 -6.38 -0.82 -4.06
N GLU A 66 -7.57 -0.26 -4.25
CA GLU A 66 -8.74 -0.68 -3.47
C GLU A 66 -8.95 -2.19 -3.58
N ASP A 67 -8.99 -2.70 -4.80
CA ASP A 67 -9.17 -4.13 -5.04
C ASP A 67 -7.98 -4.92 -4.50
N ALA A 68 -6.78 -4.52 -4.91
CA ALA A 68 -5.55 -5.18 -4.45
C ALA A 68 -5.43 -5.21 -2.93
N LEU A 69 -5.95 -4.17 -2.26
CA LEU A 69 -5.89 -4.09 -0.81
C LEU A 69 -7.13 -4.71 -0.14
N ALA A 70 -8.31 -4.48 -0.73
CA ALA A 70 -9.56 -5.02 -0.18
C ALA A 70 -9.62 -6.53 -0.35
N ALA A 71 -9.16 -7.03 -1.49
CA ALA A 71 -9.16 -8.48 -1.74
C ALA A 71 -8.37 -9.25 -0.67
N ILE A 72 -7.46 -8.56 0.01
CA ILE A 72 -6.66 -9.17 1.07
C ILE A 72 -7.17 -8.77 2.45
N GLY A 73 -7.76 -7.57 2.55
CA GLY A 73 -8.26 -7.07 3.81
C GLY A 73 -7.34 -6.01 4.38
N ARG A 74 -7.18 -4.91 3.65
CA ARG A 74 -6.29 -3.82 4.08
C ARG A 74 -7.04 -2.50 4.20
N GLU A 75 -8.31 -2.56 4.57
CA GLU A 75 -9.12 -1.36 4.74
C GLU A 75 -8.93 -0.73 6.12
N ASP A 76 -7.92 -1.20 6.86
CA ASP A 76 -7.62 -0.66 8.18
C ASP A 76 -7.10 0.77 8.06
N VAL A 77 -6.44 1.05 6.95
CA VAL A 77 -5.88 2.36 6.67
C VAL A 77 -6.79 3.14 5.70
N VAL A 78 -7.27 2.44 4.67
CA VAL A 78 -8.16 3.04 3.68
C VAL A 78 -9.38 3.67 4.36
N GLN A 79 -9.82 3.08 5.47
CA GLN A 79 -10.97 3.60 6.20
C GLN A 79 -10.75 5.07 6.57
N VAL A 80 -9.56 5.36 7.06
CA VAL A 80 -9.21 6.72 7.44
C VAL A 80 -9.07 7.59 6.19
N LEU A 81 -8.33 7.06 5.21
CA LEU A 81 -8.11 7.77 3.94
C LEU A 81 -9.42 7.98 3.18
N SER A 82 -10.30 6.96 3.18
CA SER A 82 -11.58 7.03 2.51
C SER A 82 -12.70 7.21 3.54
N SER A 83 -12.44 8.06 4.53
CA SER A 83 -13.39 8.33 5.61
C SER A 83 -14.79 8.63 5.06
N PRO A 84 -15.84 8.06 5.70
CA PRO A 84 -17.23 8.26 5.26
C PRO A 84 -17.70 9.71 5.38
N ALA A 85 -17.16 10.58 4.53
CA ALA A 85 -17.51 11.99 4.52
C ALA A 85 -18.40 12.33 3.32
N GLU A 86 -19.41 13.16 3.54
CA GLU A 86 -20.33 13.56 2.47
C GLU A 86 -19.61 14.37 1.39
N SER A 87 -19.56 13.82 0.17
CA SER A 87 -18.88 14.47 -0.95
C SER A 87 -19.39 13.96 -2.29
N SER A 88 -19.21 14.77 -3.33
CA SER A 88 -19.64 14.40 -4.68
C SER A 88 -18.68 13.39 -5.31
N SER A 89 -18.85 12.12 -4.96
CA SER A 89 -18.00 11.04 -5.48
C SER A 89 -17.95 11.07 -7.00
N VAL A 90 -19.10 11.25 -7.64
CA VAL A 90 -19.20 11.28 -9.10
C VAL A 90 -18.86 9.91 -9.72
N VAL A 91 -18.97 9.81 -11.04
CA VAL A 91 -18.68 8.58 -11.74
C VAL A 91 -17.71 8.81 -12.90
N PRO A 1 0.81 9.92 -6.30
CA PRO A 1 0.20 10.30 -4.99
C PRO A 1 1.25 10.50 -3.90
N GLN A 2 1.85 9.40 -3.42
CA GLN A 2 2.88 9.44 -2.39
C GLN A 2 2.33 9.84 -1.02
N GLN A 3 1.77 11.04 -0.92
CA GLN A 3 1.21 11.51 0.34
C GLN A 3 0.07 10.61 0.83
N GLN A 4 -0.37 9.67 -0.01
CA GLN A 4 -1.43 8.74 0.38
C GLN A 4 -0.83 7.44 0.92
N GLN A 5 0.49 7.32 0.85
CA GLN A 5 1.19 6.14 1.35
C GLN A 5 2.08 6.52 2.53
N GLU A 6 2.71 7.71 2.45
CA GLU A 6 3.56 8.18 3.54
C GLU A 6 2.70 8.51 4.76
N GLU A 7 1.45 8.91 4.51
CA GLU A 7 0.51 9.24 5.58
C GLU A 7 -0.12 7.97 6.15
N VAL A 8 -0.61 7.11 5.24
CA VAL A 8 -1.23 5.84 5.65
C VAL A 8 -0.26 5.03 6.51
N GLN A 9 1.03 5.08 6.15
CA GLN A 9 2.06 4.38 6.91
C GLN A 9 2.06 4.81 8.37
N ARG A 10 1.56 6.02 8.64
CA ARG A 10 1.52 6.55 10.00
C ARG A 10 0.37 5.95 10.82
N LEU A 11 0.23 4.63 10.79
CA LEU A 11 -0.82 3.95 11.56
C LEU A 11 -0.67 2.43 11.56
N LEU A 12 -0.57 1.84 10.36
CA LEU A 12 -0.45 0.39 10.24
C LEU A 12 1.01 -0.07 10.06
N MET A 13 1.85 0.78 9.46
CA MET A 13 3.25 0.43 9.21
C MET A 13 4.04 0.26 10.51
N MET A 14 3.59 0.92 11.59
CA MET A 14 4.27 0.85 12.89
C MET A 14 4.75 -0.57 13.21
N GLY A 15 6.07 -0.74 13.28
CA GLY A 15 6.66 -2.05 13.58
C GLY A 15 6.86 -2.94 12.36
N GLU A 16 6.32 -2.53 11.20
CA GLU A 16 6.43 -3.30 9.96
C GLU A 16 5.72 -4.65 10.09
N PRO A 17 4.39 -4.65 9.93
CA PRO A 17 3.56 -5.88 10.05
C PRO A 17 3.84 -6.91 8.96
N ALA A 18 3.56 -8.18 9.29
CA ALA A 18 3.75 -9.27 8.34
C ALA A 18 2.66 -9.27 7.25
N LYS A 19 1.66 -8.40 7.41
CA LYS A 19 0.57 -8.30 6.46
C LYS A 19 0.32 -6.86 6.03
N GLY A 20 -0.73 -6.63 5.25
CA GLY A 20 -1.02 -5.27 4.79
C GLY A 20 -0.45 -5.01 3.41
N TRP A 21 0.88 -4.97 3.32
CA TRP A 21 1.56 -4.75 2.04
C TRP A 21 1.98 -6.08 1.42
N GLN A 22 2.22 -7.10 2.27
CA GLN A 22 2.62 -8.43 1.80
C GLN A 22 1.57 -9.01 0.85
N GLU A 23 0.30 -8.91 1.25
CA GLU A 23 -0.80 -9.39 0.43
C GLU A 23 -0.77 -8.76 -0.96
N LEU A 24 -0.33 -7.50 -1.03
CA LEU A 24 -0.22 -6.81 -2.31
C LEU A 24 0.76 -7.56 -3.20
N ALA A 25 1.90 -7.93 -2.63
CA ALA A 25 2.90 -8.69 -3.35
C ALA A 25 2.30 -10.01 -3.83
N GLY A 26 1.46 -10.61 -2.98
CA GLY A 26 0.78 -11.85 -3.33
C GLY A 26 -0.25 -11.66 -4.43
N HIS A 27 -1.00 -10.56 -4.34
CA HIS A 27 -2.03 -10.25 -5.35
C HIS A 27 -1.37 -9.75 -6.63
N LEU A 28 -0.26 -9.02 -6.48
CA LEU A 28 0.47 -8.50 -7.62
C LEU A 28 1.13 -9.64 -8.40
N GLY A 29 1.43 -10.72 -7.69
CA GLY A 29 2.06 -11.88 -8.32
C GLY A 29 3.56 -11.91 -8.08
N TYR A 30 4.01 -11.25 -7.00
CA TYR A 30 5.43 -11.21 -6.68
C TYR A 30 5.89 -12.51 -6.02
N GLN A 31 7.08 -12.50 -5.44
CA GLN A 31 7.63 -13.67 -4.78
C GLN A 31 7.87 -13.40 -3.30
N ALA A 32 7.74 -14.43 -2.47
CA ALA A 32 7.96 -14.31 -1.03
C ALA A 32 9.31 -13.67 -0.71
N GLU A 33 10.30 -13.95 -1.55
CA GLU A 33 11.65 -13.40 -1.39
C GLU A 33 11.60 -11.88 -1.39
N ALA A 34 10.67 -11.30 -2.16
CA ALA A 34 10.51 -9.86 -2.21
C ALA A 34 9.85 -9.35 -0.94
N VAL A 35 9.12 -10.25 -0.27
CA VAL A 35 8.46 -9.90 0.99
C VAL A 35 9.49 -9.67 2.08
N GLU A 36 10.68 -10.25 1.91
CA GLU A 36 11.76 -10.07 2.87
C GLU A 36 12.39 -8.69 2.72
N THR A 37 12.55 -8.26 1.47
CA THR A 37 13.12 -6.95 1.16
C THR A 37 12.09 -5.85 1.44
N MET A 38 10.84 -6.10 1.03
CA MET A 38 9.76 -5.14 1.23
C MET A 38 9.58 -4.79 2.71
N ALA A 39 9.91 -5.74 3.59
CA ALA A 39 9.80 -5.51 5.03
C ALA A 39 10.95 -4.61 5.55
N CYS A 40 11.94 -4.32 4.70
CA CYS A 40 13.06 -3.47 5.11
C CYS A 40 13.59 -2.59 3.97
N ASP A 41 12.77 -2.34 2.95
CA ASP A 41 13.18 -1.50 1.83
C ASP A 41 12.80 -0.03 2.08
N GLN A 42 13.23 0.51 3.22
CA GLN A 42 12.90 1.89 3.60
C GLN A 42 11.38 2.07 3.67
N MET A 43 10.70 1.03 4.18
CA MET A 43 9.24 1.02 4.31
C MET A 43 8.60 0.61 2.98
N PRO A 44 7.84 -0.50 2.98
CA PRO A 44 7.20 -1.03 1.78
C PRO A 44 6.15 -0.08 1.19
N ALA A 45 5.29 0.45 2.03
CA ALA A 45 4.26 1.37 1.55
C ALA A 45 4.87 2.52 0.73
N TYR A 46 6.15 2.80 0.95
CA TYR A 46 6.84 3.86 0.21
C TYR A 46 7.64 3.29 -0.96
N THR A 47 8.29 2.15 -0.76
CA THR A 47 9.09 1.53 -1.82
C THR A 47 8.28 0.58 -2.68
N LEU A 48 7.18 0.04 -2.15
CA LEU A 48 6.31 -0.87 -2.88
C LEU A 48 5.96 -0.30 -4.25
N LEU A 49 5.76 1.02 -4.33
CA LEU A 49 5.44 1.69 -5.59
C LEU A 49 6.50 1.37 -6.64
N ARG A 50 7.75 1.25 -6.21
CA ARG A 50 8.85 0.92 -7.13
C ARG A 50 8.85 -0.58 -7.43
N ASN A 51 8.56 -1.40 -6.42
CA ASN A 51 8.50 -2.85 -6.57
C ASN A 51 7.25 -3.27 -7.33
N TRP A 52 6.10 -2.79 -6.87
CA TRP A 52 4.82 -3.09 -7.51
C TRP A 52 4.83 -2.64 -8.97
N ALA A 53 5.41 -1.47 -9.22
CA ALA A 53 5.49 -0.94 -10.58
C ALA A 53 6.65 -1.59 -11.36
N ALA A 54 7.85 -1.50 -10.79
CA ALA A 54 9.05 -2.06 -11.42
C ALA A 54 9.40 -1.33 -12.72
N GLN A 55 8.88 -0.10 -12.86
CA GLN A 55 9.12 0.71 -14.05
C GLN A 55 9.13 2.20 -13.71
N GLU A 56 8.14 2.63 -12.91
CA GLU A 56 8.02 4.04 -12.53
C GLU A 56 7.32 4.20 -11.17
N GLY A 57 6.11 3.66 -11.09
CA GLY A 57 5.33 3.75 -9.86
C GLY A 57 3.88 4.09 -10.13
N ASN A 58 3.65 5.10 -10.97
CA ASN A 58 2.29 5.53 -11.32
C ASN A 58 1.65 4.62 -12.37
N ARG A 59 1.68 3.31 -12.12
CA ARG A 59 1.10 2.34 -13.04
C ARG A 59 0.00 1.50 -12.36
N ALA A 60 0.28 1.04 -11.13
CA ALA A 60 -0.68 0.24 -10.37
C ALA A 60 -1.05 0.95 -9.05
N THR A 61 -1.50 2.19 -9.17
CA THR A 61 -1.87 2.99 -7.99
C THR A 61 -3.03 3.95 -8.28
N LEU A 62 -3.10 5.06 -7.53
CA LEU A 62 -4.16 6.06 -7.69
C LEU A 62 -5.51 5.46 -7.25
N ARG A 63 -5.97 4.46 -8.01
CA ARG A 63 -7.21 3.76 -7.71
C ARG A 63 -7.01 2.23 -7.76
N VAL A 64 -5.75 1.80 -7.95
CA VAL A 64 -5.41 0.37 -8.03
C VAL A 64 -5.11 -0.20 -6.65
N LEU A 65 -4.48 0.60 -5.79
CA LEU A 65 -4.15 0.16 -4.43
C LEU A 65 -5.39 -0.41 -3.75
N GLU A 66 -6.47 0.36 -3.79
CA GLU A 66 -7.73 -0.01 -3.21
C GLU A 66 -8.19 -1.38 -3.69
N ASP A 67 -8.11 -1.62 -4.99
CA ASP A 67 -8.49 -2.91 -5.57
C ASP A 67 -7.49 -3.98 -5.15
N ALA A 68 -6.22 -3.71 -5.42
CA ALA A 68 -5.14 -4.64 -5.07
C ALA A 68 -5.23 -5.06 -3.60
N LEU A 69 -5.54 -4.11 -2.72
CA LEU A 69 -5.66 -4.39 -1.30
C LEU A 69 -7.02 -5.03 -0.96
N ALA A 70 -8.08 -4.58 -1.64
CA ALA A 70 -9.42 -5.13 -1.39
C ALA A 70 -9.53 -6.55 -1.94
N ALA A 71 -8.91 -6.81 -3.08
CA ALA A 71 -8.93 -8.14 -3.71
C ALA A 71 -8.41 -9.22 -2.76
N ILE A 72 -7.61 -8.82 -1.76
CA ILE A 72 -7.04 -9.76 -0.79
C ILE A 72 -7.63 -9.56 0.60
N GLY A 73 -8.37 -8.48 0.80
CA GLY A 73 -8.94 -8.17 2.10
C GLY A 73 -7.97 -7.41 2.96
N ARG A 74 -7.30 -6.42 2.37
CA ARG A 74 -6.32 -5.61 3.08
C ARG A 74 -6.74 -4.15 3.12
N GLU A 75 -7.82 -3.86 3.84
CA GLU A 75 -8.30 -2.50 4.01
C GLU A 75 -7.39 -1.72 4.98
N ASP A 76 -6.26 -2.34 5.36
CA ASP A 76 -5.28 -1.74 6.23
C ASP A 76 -4.97 -0.31 5.80
N VAL A 77 -5.04 -0.08 4.48
CA VAL A 77 -4.79 1.24 3.89
C VAL A 77 -6.11 1.98 3.65
N VAL A 78 -7.06 1.30 3.01
CA VAL A 78 -8.37 1.88 2.72
C VAL A 78 -9.01 2.42 4.00
N GLN A 79 -8.81 1.72 5.11
CA GLN A 79 -9.36 2.16 6.39
C GLN A 79 -8.61 3.39 6.91
N VAL A 80 -7.28 3.34 6.89
CA VAL A 80 -6.46 4.46 7.34
C VAL A 80 -6.71 5.68 6.45
N LEU A 81 -6.85 5.45 5.15
CA LEU A 81 -7.11 6.53 4.19
C LEU A 81 -8.58 6.94 4.21
N SER A 82 -9.48 5.96 4.07
CA SER A 82 -10.93 6.20 4.07
C SER A 82 -11.32 7.39 3.19
N SER A 83 -10.67 7.51 2.02
CA SER A 83 -10.96 8.61 1.10
C SER A 83 -12.38 8.47 0.52
N PRO A 84 -13.31 9.36 0.93
CA PRO A 84 -14.70 9.33 0.47
C PRO A 84 -14.86 9.78 -0.98
N ALA A 85 -14.01 10.69 -1.43
CA ALA A 85 -14.06 11.20 -2.80
C ALA A 85 -13.73 10.10 -3.81
N GLU A 86 -12.60 9.42 -3.60
CA GLU A 86 -12.15 8.34 -4.50
C GLU A 86 -11.78 8.89 -5.87
N SER A 87 -11.65 7.99 -6.85
CA SER A 87 -11.28 8.36 -8.23
C SER A 87 -12.29 9.35 -8.82
N SER A 88 -11.78 10.36 -9.53
CA SER A 88 -12.63 11.37 -10.16
C SER A 88 -13.54 10.75 -11.23
N SER A 89 -14.64 11.44 -11.54
CA SER A 89 -15.59 10.98 -12.55
C SER A 89 -14.90 10.72 -13.89
N VAL A 90 -14.66 9.44 -14.19
CA VAL A 90 -14.00 9.03 -15.44
C VAL A 90 -12.71 9.84 -15.68
N VAL A 91 -11.84 9.87 -14.66
CA VAL A 91 -10.55 10.58 -14.69
C VAL A 91 -10.63 11.92 -13.96
N PRO A 1 1.78 11.53 -6.08
CA PRO A 1 0.73 10.70 -5.41
C PRO A 1 1.35 9.65 -4.47
N GLN A 2 2.01 10.12 -3.43
CA GLN A 2 2.65 9.24 -2.45
C GLN A 2 2.11 9.45 -1.03
N GLN A 3 1.38 10.56 -0.83
CA GLN A 3 0.81 10.88 0.49
C GLN A 3 -0.02 9.73 1.05
N GLN A 4 -0.58 8.92 0.17
CA GLN A 4 -1.38 7.79 0.59
C GLN A 4 -0.49 6.62 1.03
N GLN A 5 0.82 6.76 0.84
CA GLN A 5 1.77 5.75 1.24
C GLN A 5 2.66 6.27 2.37
N GLU A 6 3.10 7.54 2.23
CA GLU A 6 3.94 8.13 3.27
C GLU A 6 3.11 8.42 4.52
N GLU A 7 1.81 8.70 4.35
CA GLU A 7 0.93 8.94 5.49
C GLU A 7 0.44 7.61 6.06
N VAL A 8 0.26 6.63 5.19
CA VAL A 8 -0.17 5.30 5.61
C VAL A 8 0.99 4.54 6.21
N GLN A 9 2.18 4.71 5.64
CA GLN A 9 3.40 4.05 6.14
C GLN A 9 3.59 4.32 7.63
N ARG A 10 3.11 5.46 8.10
CA ARG A 10 3.24 5.82 9.49
C ARG A 10 2.11 5.24 10.34
N LEU A 11 1.00 4.89 9.69
CA LEU A 11 -0.16 4.32 10.37
C LEU A 11 -0.19 2.79 10.27
N LEU A 12 0.08 2.27 9.08
CA LEU A 12 0.07 0.82 8.87
C LEU A 12 1.49 0.25 8.91
N MET A 13 2.44 0.94 8.29
CA MET A 13 3.83 0.48 8.25
C MET A 13 4.66 0.99 9.45
N MET A 14 4.04 1.02 10.62
CA MET A 14 4.74 1.48 11.83
C MET A 14 5.01 0.33 12.79
N GLY A 15 6.22 -0.21 12.73
CA GLY A 15 6.61 -1.31 13.58
C GLY A 15 7.14 -2.48 12.79
N GLU A 16 6.38 -3.57 12.76
CA GLU A 16 6.77 -4.77 12.02
C GLU A 16 5.54 -5.57 11.56
N PRO A 17 4.64 -4.94 10.79
CA PRO A 17 3.44 -5.60 10.29
C PRO A 17 3.67 -6.35 8.99
N ALA A 18 3.23 -7.59 8.94
CA ALA A 18 3.34 -8.40 7.72
C ALA A 18 2.26 -7.96 6.73
N LYS A 19 1.09 -7.64 7.28
CA LYS A 19 -0.04 -7.19 6.49
C LYS A 19 0.08 -5.69 6.18
N GLY A 20 -0.27 -5.33 4.95
CA GLY A 20 -0.20 -3.94 4.51
C GLY A 20 0.98 -3.68 3.58
N TRP A 21 1.32 -4.68 2.77
CA TRP A 21 2.42 -4.60 1.80
C TRP A 21 2.79 -5.99 1.26
N GLN A 22 2.78 -7.00 2.14
CA GLN A 22 3.10 -8.38 1.76
C GLN A 22 2.04 -8.93 0.79
N GLU A 23 0.81 -9.01 1.26
CA GLU A 23 -0.31 -9.50 0.46
C GLU A 23 -0.38 -8.77 -0.89
N LEU A 24 -0.01 -7.48 -0.90
CA LEU A 24 0.00 -6.69 -2.13
C LEU A 24 0.87 -7.39 -3.16
N ALA A 25 2.05 -7.82 -2.71
CA ALA A 25 2.97 -8.56 -3.57
C ALA A 25 2.29 -9.80 -4.12
N GLY A 26 1.50 -10.46 -3.26
CA GLY A 26 0.76 -11.65 -3.67
C GLY A 26 -0.21 -11.35 -4.81
N HIS A 27 -0.92 -10.22 -4.70
CA HIS A 27 -1.86 -9.80 -5.72
C HIS A 27 -1.14 -9.21 -6.93
N LEU A 28 0.00 -8.56 -6.67
CA LEU A 28 0.81 -7.95 -7.72
C LEU A 28 1.55 -9.03 -8.51
N GLY A 29 1.92 -10.11 -7.82
CA GLY A 29 2.64 -11.20 -8.46
C GLY A 29 4.10 -11.26 -8.05
N TYR A 30 4.40 -10.77 -6.86
CA TYR A 30 5.78 -10.77 -6.36
C TYR A 30 6.13 -12.13 -5.73
N GLN A 31 7.23 -12.17 -4.99
CA GLN A 31 7.67 -13.40 -4.34
C GLN A 31 7.97 -13.17 -2.87
N ALA A 32 7.68 -14.17 -2.04
CA ALA A 32 7.91 -14.09 -0.59
C ALA A 32 9.36 -13.71 -0.29
N GLU A 33 10.28 -14.14 -1.15
CA GLU A 33 11.70 -13.82 -1.00
C GLU A 33 11.88 -12.30 -0.97
N ALA A 34 11.06 -11.60 -1.76
CA ALA A 34 11.11 -10.15 -1.80
C ALA A 34 10.48 -9.56 -0.55
N VAL A 35 9.54 -10.31 0.05
CA VAL A 35 8.88 -9.89 1.27
C VAL A 35 9.89 -9.76 2.41
N GLU A 36 10.99 -10.52 2.29
CA GLU A 36 12.06 -10.50 3.30
C GLU A 36 12.79 -9.15 3.26
N THR A 37 12.92 -8.59 2.06
CA THR A 37 13.61 -7.31 1.87
C THR A 37 12.61 -6.15 1.85
N MET A 38 11.48 -6.32 1.16
CA MET A 38 10.45 -5.28 1.06
C MET A 38 10.17 -4.64 2.42
N ALA A 39 10.07 -5.48 3.45
CA ALA A 39 9.81 -5.01 4.81
C ALA A 39 10.88 -4.01 5.27
N CYS A 40 12.10 -4.14 4.74
CA CYS A 40 13.20 -3.24 5.11
C CYS A 40 13.81 -2.52 3.91
N ASP A 41 13.13 -2.57 2.76
CA ASP A 41 13.61 -1.92 1.54
C ASP A 41 13.23 -0.44 1.56
N GLN A 42 13.84 0.30 2.48
CA GLN A 42 13.54 1.73 2.63
C GLN A 42 12.04 1.92 2.89
N MET A 43 11.48 1.00 3.70
CA MET A 43 10.05 0.99 4.04
C MET A 43 9.22 0.46 2.88
N PRO A 44 8.43 -0.61 3.11
CA PRO A 44 7.59 -1.23 2.08
C PRO A 44 6.53 -0.26 1.56
N ALA A 45 5.83 0.39 2.47
CA ALA A 45 4.79 1.36 2.09
C ALA A 45 5.33 2.42 1.14
N TYR A 46 6.61 2.77 1.30
CA TYR A 46 7.25 3.76 0.44
C TYR A 46 7.86 3.12 -0.81
N THR A 47 8.53 1.99 -0.61
CA THR A 47 9.18 1.28 -1.71
C THR A 47 8.19 0.51 -2.58
N LEU A 48 7.11 0.01 -1.97
CA LEU A 48 6.10 -0.76 -2.70
C LEU A 48 5.55 0.02 -3.89
N LEU A 49 5.29 1.31 -3.71
CA LEU A 49 4.78 2.14 -4.79
C LEU A 49 5.73 2.10 -5.98
N ARG A 50 7.01 2.35 -5.72
CA ARG A 50 8.03 2.32 -6.76
C ARG A 50 8.21 0.91 -7.33
N ASN A 51 7.98 -0.10 -6.49
CA ASN A 51 8.11 -1.50 -6.91
C ASN A 51 6.88 -1.94 -7.72
N TRP A 52 5.70 -1.66 -7.19
CA TRP A 52 4.45 -2.01 -7.86
C TRP A 52 4.33 -1.26 -9.19
N ALA A 53 4.66 0.04 -9.17
CA ALA A 53 4.60 0.87 -10.37
C ALA A 53 5.82 0.61 -11.26
N ALA A 54 7.01 0.85 -10.68
CA ALA A 54 8.30 0.67 -11.37
C ALA A 54 8.81 1.98 -11.95
N GLN A 55 7.90 2.85 -12.32
CA GLN A 55 8.25 4.16 -12.88
C GLN A 55 7.59 5.31 -12.11
N GLU A 56 6.31 5.15 -11.76
CA GLU A 56 5.57 6.18 -11.03
C GLU A 56 4.20 5.69 -10.56
N GLY A 57 3.45 5.04 -11.46
CA GLY A 57 2.13 4.53 -11.13
C GLY A 57 1.31 4.14 -12.34
N ASN A 58 1.93 3.42 -13.27
CA ASN A 58 1.26 2.99 -14.50
C ASN A 58 0.25 1.86 -14.24
N ARG A 59 0.45 1.12 -13.14
CA ARG A 59 -0.44 0.02 -12.79
C ARG A 59 -0.94 0.13 -11.34
N ALA A 60 -0.03 0.44 -10.41
CA ALA A 60 -0.38 0.59 -9.00
C ALA A 60 -1.01 1.95 -8.72
N THR A 61 -1.99 2.33 -9.53
CA THR A 61 -2.68 3.60 -9.36
C THR A 61 -3.47 3.63 -8.05
N LEU A 62 -3.71 4.82 -7.52
CA LEU A 62 -4.46 4.98 -6.27
C LEU A 62 -5.78 4.20 -6.31
N ARG A 63 -6.34 4.03 -7.52
CA ARG A 63 -7.60 3.30 -7.69
C ARG A 63 -7.34 1.80 -7.65
N VAL A 64 -6.37 1.32 -8.43
CA VAL A 64 -6.03 -0.10 -8.45
C VAL A 64 -5.71 -0.58 -7.04
N LEU A 65 -4.94 0.24 -6.31
CA LEU A 65 -4.58 -0.07 -4.93
C LEU A 65 -5.85 -0.35 -4.12
N GLU A 66 -6.81 0.57 -4.20
CA GLU A 66 -8.08 0.43 -3.50
C GLU A 66 -8.70 -0.95 -3.77
N ASP A 67 -8.74 -1.33 -5.05
CA ASP A 67 -9.30 -2.62 -5.47
C ASP A 67 -8.37 -3.76 -5.04
N ALA A 68 -7.11 -3.70 -5.48
CA ALA A 68 -6.13 -4.73 -5.13
C ALA A 68 -6.09 -4.96 -3.62
N LEU A 69 -6.13 -3.87 -2.86
CA LEU A 69 -6.11 -3.93 -1.40
C LEU A 69 -7.31 -4.70 -0.87
N ALA A 70 -8.50 -4.37 -1.37
CA ALA A 70 -9.71 -5.06 -0.95
C ALA A 70 -9.73 -6.49 -1.48
N ALA A 71 -9.22 -6.66 -2.69
CA ALA A 71 -9.16 -7.98 -3.32
C ALA A 71 -8.40 -9.00 -2.46
N ILE A 72 -7.50 -8.50 -1.58
CA ILE A 72 -6.72 -9.39 -0.70
C ILE A 72 -7.21 -9.34 0.74
N GLY A 73 -8.03 -8.34 1.06
CA GLY A 73 -8.53 -8.18 2.41
C GLY A 73 -7.64 -7.27 3.23
N ARG A 74 -7.14 -6.22 2.59
CA ARG A 74 -6.25 -5.27 3.26
C ARG A 74 -6.88 -3.88 3.39
N GLU A 75 -8.16 -3.84 3.74
CA GLU A 75 -8.85 -2.56 3.94
C GLU A 75 -8.14 -1.71 4.99
N ASP A 76 -7.27 -2.37 5.78
CA ASP A 76 -6.47 -1.73 6.80
C ASP A 76 -5.88 -0.41 6.28
N VAL A 77 -5.57 -0.39 4.98
CA VAL A 77 -4.99 0.79 4.33
C VAL A 77 -6.10 1.72 3.87
N VAL A 78 -7.02 1.19 3.07
CA VAL A 78 -8.15 1.95 2.55
C VAL A 78 -8.95 2.57 3.70
N GLN A 79 -9.13 1.81 4.78
CA GLN A 79 -9.87 2.29 5.95
C GLN A 79 -9.08 3.38 6.67
N VAL A 80 -7.80 3.12 6.92
CA VAL A 80 -6.95 4.11 7.58
C VAL A 80 -6.76 5.33 6.69
N LEU A 81 -6.54 5.09 5.40
CA LEU A 81 -6.35 6.17 4.43
C LEU A 81 -7.64 6.97 4.23
N SER A 82 -8.78 6.28 4.10
CA SER A 82 -10.06 6.95 3.91
C SER A 82 -10.91 6.93 5.18
N SER A 83 -10.25 7.07 6.34
CA SER A 83 -10.94 7.07 7.62
C SER A 83 -11.95 8.22 7.71
N PRO A 84 -13.25 7.91 7.79
CA PRO A 84 -14.31 8.93 7.88
C PRO A 84 -14.23 9.76 9.15
N ALA A 85 -13.57 10.92 9.04
CA ALA A 85 -13.41 11.82 10.18
C ALA A 85 -14.41 12.97 10.14
N GLU A 86 -14.39 13.74 9.06
CA GLU A 86 -15.30 14.88 8.90
C GLU A 86 -15.82 14.98 7.47
N SER A 87 -17.01 15.55 7.30
CA SER A 87 -17.62 15.71 5.98
C SER A 87 -17.82 14.35 5.29
N SER A 88 -17.79 14.34 3.96
CA SER A 88 -17.97 13.11 3.19
C SER A 88 -17.78 13.35 1.69
N SER A 89 -17.58 12.27 0.95
CA SER A 89 -17.40 12.36 -0.51
C SER A 89 -18.55 11.69 -1.26
N VAL A 90 -18.67 12.01 -2.56
CA VAL A 90 -19.72 11.45 -3.41
C VAL A 90 -21.13 11.83 -2.93
N VAL A 91 -22.15 11.39 -3.67
CA VAL A 91 -23.53 11.69 -3.33
C VAL A 91 -24.39 10.42 -3.33
N PRO A 1 2.58 10.36 -6.68
CA PRO A 1 1.72 11.04 -5.67
C PRO A 1 2.41 11.17 -4.31
N GLN A 2 2.78 10.03 -3.71
CA GLN A 2 3.46 9.99 -2.42
C GLN A 2 2.51 10.20 -1.24
N GLN A 3 1.73 11.27 -1.26
CA GLN A 3 0.79 11.56 -0.17
C GLN A 3 -0.13 10.37 0.15
N GLN A 4 -0.21 9.40 -0.77
CA GLN A 4 -1.05 8.24 -0.52
C GLN A 4 -0.25 7.11 0.13
N GLN A 5 1.07 7.26 0.18
CA GLN A 5 1.93 6.27 0.81
C GLN A 5 2.66 6.90 1.99
N GLU A 6 3.00 8.19 1.89
CA GLU A 6 3.65 8.87 3.01
C GLU A 6 2.64 9.10 4.13
N GLU A 7 1.36 9.28 3.76
CA GLU A 7 0.30 9.46 4.76
C GLU A 7 -0.10 8.10 5.31
N VAL A 8 -0.36 7.14 4.42
CA VAL A 8 -0.71 5.78 4.83
C VAL A 8 0.46 5.16 5.58
N GLN A 9 1.68 5.58 5.24
CA GLN A 9 2.88 5.11 5.93
C GLN A 9 2.71 5.26 7.44
N ARG A 10 1.91 6.26 7.83
CA ARG A 10 1.64 6.51 9.24
C ARG A 10 1.17 5.22 9.95
N LEU A 11 0.58 4.30 9.17
CA LEU A 11 0.08 3.04 9.70
C LEU A 11 0.73 1.84 9.00
N LEU A 12 0.93 1.94 7.67
CA LEU A 12 1.54 0.84 6.90
C LEU A 12 3.05 0.76 7.13
N MET A 13 3.66 1.87 7.53
CA MET A 13 5.09 1.93 7.78
C MET A 13 5.41 1.91 9.29
N MET A 14 4.40 1.60 10.11
CA MET A 14 4.57 1.53 11.56
C MET A 14 4.96 0.12 12.00
N GLY A 15 5.12 -0.07 13.31
CA GLY A 15 5.47 -1.39 13.85
C GLY A 15 4.33 -2.38 13.74
N GLU A 16 3.92 -2.66 12.51
CA GLU A 16 2.83 -3.59 12.23
C GLU A 16 3.35 -4.86 11.54
N PRO A 17 2.55 -5.95 11.59
CA PRO A 17 2.90 -7.23 10.96
C PRO A 17 3.38 -7.06 9.52
N ALA A 18 4.07 -8.07 8.99
CA ALA A 18 4.56 -8.03 7.60
C ALA A 18 3.39 -7.76 6.63
N LYS A 19 2.17 -8.07 7.09
CA LYS A 19 0.96 -7.86 6.29
C LYS A 19 0.79 -6.39 5.89
N GLY A 20 -0.41 -6.04 5.42
CA GLY A 20 -0.66 -4.67 4.99
C GLY A 20 -0.06 -4.38 3.63
N TRP A 21 1.27 -4.44 3.54
CA TRP A 21 1.97 -4.20 2.28
C TRP A 21 2.36 -5.51 1.61
N GLN A 22 2.84 -6.48 2.40
CA GLN A 22 3.25 -7.78 1.84
C GLN A 22 2.08 -8.47 1.12
N GLU A 23 0.85 -8.13 1.51
CA GLU A 23 -0.35 -8.71 0.90
C GLU A 23 -0.53 -8.20 -0.55
N LEU A 24 0.06 -7.04 -0.85
CA LEU A 24 0.00 -6.45 -2.19
C LEU A 24 0.76 -7.33 -3.18
N ALA A 25 1.95 -7.76 -2.77
CA ALA A 25 2.79 -8.62 -3.60
C ALA A 25 2.02 -9.88 -4.02
N GLY A 26 1.16 -10.37 -3.12
CA GLY A 26 0.35 -11.54 -3.41
C GLY A 26 -0.58 -11.33 -4.58
N HIS A 27 -1.17 -10.14 -4.65
CA HIS A 27 -2.09 -9.80 -5.74
C HIS A 27 -1.33 -9.33 -6.98
N LEU A 28 -0.20 -8.65 -6.76
CA LEU A 28 0.61 -8.14 -7.86
C LEU A 28 1.28 -9.30 -8.59
N GLY A 29 1.62 -10.34 -7.85
CA GLY A 29 2.27 -11.50 -8.43
C GLY A 29 3.74 -11.59 -8.05
N TYR A 30 4.07 -11.03 -6.87
CA TYR A 30 5.45 -11.05 -6.40
C TYR A 30 5.84 -12.43 -5.87
N GLN A 31 6.91 -12.50 -5.09
CA GLN A 31 7.36 -13.77 -4.53
C GLN A 31 7.72 -13.65 -3.05
N ALA A 32 7.55 -14.74 -2.31
CA ALA A 32 7.88 -14.77 -0.88
C ALA A 32 9.33 -14.39 -0.65
N GLU A 33 10.21 -14.81 -1.56
CA GLU A 33 11.63 -14.48 -1.46
C GLU A 33 11.82 -12.96 -1.43
N ALA A 34 10.95 -12.25 -2.15
CA ALA A 34 11.02 -10.80 -2.18
C ALA A 34 10.20 -10.18 -1.05
N VAL A 35 9.25 -10.95 -0.50
CA VAL A 35 8.44 -10.46 0.61
C VAL A 35 9.30 -10.25 1.84
N GLU A 36 10.41 -11.00 1.92
CA GLU A 36 11.34 -10.86 3.04
C GLU A 36 12.17 -9.59 2.88
N THR A 37 12.54 -9.28 1.64
CA THR A 37 13.32 -8.09 1.32
C THR A 37 12.41 -6.86 1.28
N MET A 38 11.22 -7.02 0.69
CA MET A 38 10.24 -5.94 0.58
C MET A 38 10.12 -5.17 1.89
N ALA A 39 10.09 -5.91 2.99
CA ALA A 39 10.01 -5.32 4.33
C ALA A 39 11.17 -4.36 4.60
N CYS A 40 12.35 -4.63 4.03
CA CYS A 40 13.52 -3.77 4.25
C CYS A 40 14.13 -3.22 2.97
N ASP A 41 13.44 -3.39 1.85
CA ASP A 41 13.93 -2.86 0.58
C ASP A 41 13.68 -1.36 0.50
N GLN A 42 14.40 -0.60 1.33
CA GLN A 42 14.24 0.85 1.37
C GLN A 42 12.77 1.21 1.68
N MET A 43 12.17 0.42 2.58
CA MET A 43 10.77 0.60 2.98
C MET A 43 9.81 0.12 1.88
N PRO A 44 8.91 -0.81 2.21
CA PRO A 44 7.93 -1.36 1.26
C PRO A 44 7.01 -0.29 0.70
N ALA A 45 6.47 0.53 1.58
CA ALA A 45 5.57 1.61 1.17
C ALA A 45 6.22 2.57 0.17
N TYR A 46 7.55 2.67 0.20
CA TYR A 46 8.27 3.56 -0.72
C TYR A 46 8.80 2.80 -1.94
N THR A 47 9.25 1.56 -1.73
CA THR A 47 9.79 0.76 -2.83
C THR A 47 8.69 0.02 -3.59
N LEU A 48 7.60 -0.33 -2.90
CA LEU A 48 6.51 -1.03 -3.56
C LEU A 48 6.03 -0.26 -4.78
N LEU A 49 5.80 1.03 -4.63
CA LEU A 49 5.35 1.87 -5.75
C LEU A 49 6.37 1.80 -6.89
N ARG A 50 7.65 1.89 -6.55
CA ARG A 50 8.73 1.80 -7.53
C ARG A 50 8.78 0.40 -8.16
N ASN A 51 8.43 -0.61 -7.37
CA ASN A 51 8.42 -1.99 -7.84
C ASN A 51 7.12 -2.32 -8.58
N TRP A 52 6.02 -1.82 -8.03
CA TRP A 52 4.69 -2.04 -8.59
C TRP A 52 4.44 -1.21 -9.85
N ALA A 53 4.94 0.03 -9.85
CA ALA A 53 4.75 0.94 -10.99
C ALA A 53 6.02 1.15 -11.81
N ALA A 54 7.18 1.14 -11.15
CA ALA A 54 8.48 1.36 -11.82
C ALA A 54 8.79 2.86 -12.00
N GLN A 55 7.77 3.71 -11.85
CA GLN A 55 7.92 5.15 -12.01
C GLN A 55 7.02 5.94 -11.04
N GLU A 56 5.84 5.40 -10.74
CA GLU A 56 4.86 6.05 -9.86
C GLU A 56 3.95 6.99 -10.66
N GLY A 57 3.48 6.51 -11.81
CA GLY A 57 2.62 7.30 -12.66
C GLY A 57 1.14 7.08 -12.40
N ASN A 58 0.49 6.26 -13.23
CA ASN A 58 -0.94 5.97 -13.08
C ASN A 58 -1.25 4.50 -13.41
N ARG A 59 -0.35 3.60 -13.05
CA ARG A 59 -0.54 2.16 -13.32
C ARG A 59 -0.83 1.40 -12.02
N ALA A 60 0.08 1.50 -11.05
CA ALA A 60 -0.10 0.85 -9.76
C ALA A 60 0.04 1.86 -8.62
N THR A 61 -0.55 3.05 -8.83
CA THR A 61 -0.47 4.13 -7.84
C THR A 61 -1.76 4.96 -7.77
N LEU A 62 -2.39 5.23 -8.93
CA LEU A 62 -3.62 6.03 -8.97
C LEU A 62 -4.75 5.33 -8.20
N ARG A 63 -4.61 5.31 -6.87
CA ARG A 63 -5.59 4.65 -6.00
C ARG A 63 -5.53 3.13 -6.19
N VAL A 64 -4.47 2.64 -6.87
CA VAL A 64 -4.29 1.21 -7.12
C VAL A 64 -4.07 0.43 -5.83
N LEU A 65 -3.43 1.07 -4.84
CA LEU A 65 -3.19 0.43 -3.54
C LEU A 65 -4.51 -0.11 -2.97
N GLU A 66 -5.55 0.73 -3.01
CA GLU A 66 -6.87 0.33 -2.52
C GLU A 66 -7.40 -0.86 -3.29
N ASP A 67 -7.34 -0.77 -4.63
CA ASP A 67 -7.79 -1.84 -5.50
C ASP A 67 -7.10 -3.16 -5.15
N ALA A 68 -5.77 -3.14 -5.21
CA ALA A 68 -5.00 -4.34 -4.86
C ALA A 68 -5.31 -4.78 -3.44
N LEU A 69 -5.44 -3.80 -2.53
CA LEU A 69 -5.76 -4.08 -1.13
C LEU A 69 -7.12 -4.75 -0.98
N ALA A 70 -8.10 -4.30 -1.76
CA ALA A 70 -9.45 -4.86 -1.70
C ALA A 70 -9.48 -6.33 -2.13
N ALA A 71 -8.57 -6.70 -3.03
CA ALA A 71 -8.49 -8.08 -3.50
C ALA A 71 -8.08 -9.06 -2.39
N ILE A 72 -7.50 -8.54 -1.31
CA ILE A 72 -7.08 -9.38 -0.19
C ILE A 72 -7.91 -9.13 1.07
N GLY A 73 -8.70 -8.05 1.06
CA GLY A 73 -9.51 -7.70 2.21
C GLY A 73 -8.74 -6.84 3.18
N ARG A 74 -8.14 -5.76 2.67
CA ARG A 74 -7.34 -4.87 3.50
C ARG A 74 -8.07 -3.56 3.79
N GLU A 75 -9.32 -3.65 4.22
CA GLU A 75 -10.06 -2.45 4.59
C GLU A 75 -9.37 -1.81 5.79
N ASP A 76 -8.53 -2.60 6.47
CA ASP A 76 -7.75 -2.14 7.60
C ASP A 76 -6.92 -0.92 7.22
N VAL A 77 -6.56 -0.83 5.94
CA VAL A 77 -5.77 0.28 5.42
C VAL A 77 -6.70 1.30 4.76
N VAL A 78 -7.60 0.81 3.91
CA VAL A 78 -8.56 1.68 3.22
C VAL A 78 -9.33 2.51 4.25
N GLN A 79 -9.73 1.86 5.35
CA GLN A 79 -10.44 2.53 6.43
C GLN A 79 -9.55 3.65 7.01
N VAL A 80 -8.27 3.31 7.23
CA VAL A 80 -7.31 4.28 7.75
C VAL A 80 -7.24 5.51 6.84
N LEU A 81 -7.34 5.25 5.53
CA LEU A 81 -7.32 6.33 4.54
C LEU A 81 -8.65 7.06 4.53
N SER A 82 -9.75 6.32 4.33
CA SER A 82 -11.10 6.88 4.32
C SER A 82 -11.20 8.13 3.43
N SER A 83 -10.67 8.03 2.22
CA SER A 83 -10.69 9.15 1.27
C SER A 83 -12.12 9.54 0.90
N PRO A 84 -12.57 10.74 1.34
CA PRO A 84 -13.92 11.23 1.04
C PRO A 84 -14.01 11.95 -0.31
N ALA A 85 -13.27 11.46 -1.30
CA ALA A 85 -13.27 12.06 -2.63
C ALA A 85 -14.12 11.24 -3.61
N GLU A 86 -15.41 11.57 -3.68
CA GLU A 86 -16.33 10.87 -4.58
C GLU A 86 -16.01 11.16 -6.05
N SER A 87 -16.01 12.45 -6.41
CA SER A 87 -15.73 12.86 -7.78
C SER A 87 -16.77 12.29 -8.76
N SER A 88 -18.04 12.62 -8.51
CA SER A 88 -19.14 12.15 -9.34
C SER A 88 -19.28 12.98 -10.62
N SER A 89 -19.71 12.33 -11.69
CA SER A 89 -19.90 13.00 -12.98
C SER A 89 -21.38 13.23 -13.28
N VAL A 90 -22.16 12.14 -13.20
CA VAL A 90 -23.61 12.19 -13.44
C VAL A 90 -23.97 12.96 -14.72
N VAL A 91 -23.17 12.79 -15.78
CA VAL A 91 -23.41 13.45 -17.05
C VAL A 91 -22.99 12.56 -18.21
N PRO A 1 4.79 12.38 -5.37
CA PRO A 1 4.10 12.61 -4.06
C PRO A 1 4.48 11.56 -3.02
N GLN A 2 3.89 10.36 -3.13
CA GLN A 2 4.16 9.25 -2.21
C GLN A 2 3.52 9.45 -0.82
N GLN A 3 3.13 10.68 -0.48
CA GLN A 3 2.50 10.97 0.81
C GLN A 3 1.31 10.06 1.09
N GLN A 4 0.66 9.61 0.04
CA GLN A 4 -0.50 8.72 0.19
C GLN A 4 -0.05 7.29 0.53
N GLN A 5 1.25 7.04 0.39
CA GLN A 5 1.81 5.74 0.71
C GLN A 5 2.71 5.85 1.94
N GLU A 6 3.54 6.90 1.99
CA GLU A 6 4.42 7.12 3.13
C GLU A 6 3.62 7.51 4.37
N GLU A 7 2.39 8.02 4.17
CA GLU A 7 1.52 8.37 5.29
C GLU A 7 0.59 7.20 5.60
N VAL A 8 0.03 6.59 4.55
CA VAL A 8 -0.86 5.44 4.69
C VAL A 8 -0.15 4.33 5.46
N GLN A 9 1.14 4.14 5.17
CA GLN A 9 1.93 3.12 5.85
C GLN A 9 1.99 3.34 7.35
N ARG A 10 1.52 4.50 7.86
CA ARG A 10 1.54 4.76 9.29
C ARG A 10 1.02 3.54 10.07
N LEU A 11 0.04 2.84 9.48
CA LEU A 11 -0.52 1.63 10.08
C LEU A 11 0.02 0.37 9.39
N LEU A 12 0.48 0.52 8.15
CA LEU A 12 1.02 -0.61 7.39
C LEU A 12 2.48 -0.89 7.77
N MET A 13 3.19 0.13 8.25
CA MET A 13 4.58 -0.01 8.63
C MET A 13 4.78 0.31 10.13
N MET A 14 3.83 -0.08 10.96
CA MET A 14 3.90 0.15 12.40
C MET A 14 5.04 -0.68 13.04
N GLY A 15 4.78 -1.32 14.18
CA GLY A 15 5.81 -2.12 14.85
C GLY A 15 6.20 -3.35 14.05
N GLU A 16 6.81 -3.13 12.88
CA GLU A 16 7.25 -4.22 12.01
C GLU A 16 6.09 -5.16 11.65
N PRO A 17 5.06 -4.64 10.94
CA PRO A 17 3.90 -5.42 10.52
C PRO A 17 4.08 -6.06 9.16
N ALA A 18 3.60 -7.29 9.02
CA ALA A 18 3.68 -8.02 7.76
C ALA A 18 2.60 -7.52 6.80
N LYS A 19 1.41 -7.25 7.34
CA LYS A 19 0.28 -6.74 6.55
C LYS A 19 0.56 -5.33 6.03
N GLY A 20 -0.43 -4.71 5.41
CA GLY A 20 -0.26 -3.36 4.88
C GLY A 20 0.51 -3.31 3.58
N TRP A 21 1.64 -4.01 3.52
CA TRP A 21 2.49 -4.04 2.32
C TRP A 21 2.59 -5.46 1.75
N GLN A 22 2.78 -6.47 2.62
CA GLN A 22 2.85 -7.87 2.16
C GLN A 22 1.61 -8.17 1.32
N GLU A 23 0.45 -7.80 1.86
CA GLU A 23 -0.82 -7.96 1.17
C GLU A 23 -0.75 -7.30 -0.21
N LEU A 24 -0.15 -6.11 -0.26
CA LEU A 24 0.04 -5.39 -1.51
C LEU A 24 0.91 -6.23 -2.44
N ALA A 25 2.06 -6.65 -1.94
CA ALA A 25 2.99 -7.48 -2.70
C ALA A 25 2.26 -8.74 -3.22
N GLY A 26 1.41 -9.31 -2.36
CA GLY A 26 0.64 -10.49 -2.75
C GLY A 26 -0.24 -10.24 -3.96
N HIS A 27 -0.93 -9.11 -3.97
CA HIS A 27 -1.78 -8.71 -5.09
C HIS A 27 -0.94 -8.04 -6.18
N LEU A 28 0.22 -7.54 -5.77
CA LEU A 28 1.16 -6.88 -6.66
C LEU A 28 1.73 -7.90 -7.64
N GLY A 29 1.77 -9.15 -7.20
CA GLY A 29 2.30 -10.24 -8.01
C GLY A 29 3.77 -10.48 -7.75
N TYR A 30 4.23 -10.10 -6.54
CA TYR A 30 5.62 -10.28 -6.18
C TYR A 30 5.84 -11.52 -5.32
N GLN A 31 7.01 -11.61 -4.66
CA GLN A 31 7.32 -12.77 -3.83
C GLN A 31 7.97 -12.39 -2.50
N ALA A 32 7.92 -13.32 -1.54
CA ALA A 32 8.51 -13.13 -0.21
C ALA A 32 9.98 -12.74 -0.30
N GLU A 33 10.69 -13.27 -1.30
CA GLU A 33 12.10 -12.96 -1.51
C GLU A 33 12.29 -11.44 -1.55
N ALA A 34 11.31 -10.75 -2.15
CA ALA A 34 11.34 -9.30 -2.22
C ALA A 34 10.62 -8.70 -1.03
N VAL A 35 9.59 -9.37 -0.54
CA VAL A 35 8.87 -8.90 0.64
C VAL A 35 9.83 -8.87 1.83
N GLU A 36 10.83 -9.76 1.81
CA GLU A 36 11.84 -9.82 2.85
C GLU A 36 12.77 -8.62 2.75
N THR A 37 13.11 -8.26 1.52
CA THR A 37 13.96 -7.10 1.26
C THR A 37 13.17 -5.83 1.52
N MET A 38 11.93 -5.81 0.99
CA MET A 38 11.03 -4.66 1.17
C MET A 38 10.93 -4.29 2.65
N ALA A 39 10.69 -5.28 3.50
CA ALA A 39 10.59 -5.06 4.95
C ALA A 39 11.92 -4.57 5.55
N CYS A 40 13.02 -4.77 4.82
CA CYS A 40 14.35 -4.36 5.29
C CYS A 40 14.78 -3.01 4.70
N ASP A 41 13.88 -2.38 3.96
CA ASP A 41 14.17 -1.07 3.36
C ASP A 41 13.71 0.08 4.27
N GLN A 42 13.50 -0.23 5.56
CA GLN A 42 13.04 0.75 6.53
C GLN A 42 11.73 1.41 6.09
N MET A 43 11.04 0.77 5.15
CA MET A 43 9.77 1.24 4.60
C MET A 43 9.46 0.51 3.29
N PRO A 44 8.41 -0.33 3.29
CA PRO A 44 8.02 -1.11 2.11
C PRO A 44 7.18 -0.31 1.10
N ALA A 45 6.39 0.64 1.60
CA ALA A 45 5.53 1.47 0.75
C ALA A 45 6.31 2.19 -0.36
N TYR A 46 7.57 2.51 -0.09
CA TYR A 46 8.41 3.21 -1.07
C TYR A 46 9.02 2.23 -2.07
N THR A 47 9.37 1.04 -1.59
CA THR A 47 9.95 0.01 -2.45
C THR A 47 8.83 -0.67 -3.23
N LEU A 48 7.72 -0.93 -2.55
CA LEU A 48 6.56 -1.54 -3.16
C LEU A 48 6.05 -0.68 -4.32
N LEU A 49 6.20 0.64 -4.18
CA LEU A 49 5.77 1.57 -5.21
C LEU A 49 6.46 1.23 -6.52
N ARG A 50 7.79 1.19 -6.49
CA ARG A 50 8.58 0.86 -7.67
C ARG A 50 8.24 -0.54 -8.18
N ASN A 51 8.14 -1.49 -7.25
CA ASN A 51 7.82 -2.87 -7.58
C ASN A 51 6.43 -2.98 -8.22
N TRP A 52 5.43 -2.42 -7.54
CA TRP A 52 4.06 -2.45 -8.06
C TRP A 52 3.92 -1.56 -9.29
N ALA A 53 4.64 -0.43 -9.30
CA ALA A 53 4.60 0.50 -10.42
C ALA A 53 5.25 -0.12 -11.66
N ALA A 54 6.50 -0.56 -11.50
CA ALA A 54 7.27 -1.16 -12.59
C ALA A 54 7.86 -0.11 -13.54
N GLN A 55 7.69 1.17 -13.20
CA GLN A 55 8.20 2.26 -14.02
C GLN A 55 7.84 3.62 -13.43
N GLU A 56 6.66 3.70 -12.82
CA GLU A 56 6.18 4.96 -12.24
C GLU A 56 4.98 4.70 -11.31
N GLY A 57 3.98 4.00 -11.85
CA GLY A 57 2.78 3.69 -11.08
C GLY A 57 1.49 3.81 -11.87
N ASN A 58 1.52 3.40 -13.14
CA ASN A 58 0.34 3.47 -14.00
C ASN A 58 -0.56 2.22 -13.83
N ARG A 59 -0.14 1.30 -12.95
CA ARG A 59 -0.90 0.07 -12.69
C ARG A 59 -1.35 0.00 -11.22
N ALA A 60 -0.43 0.26 -10.29
CA ALA A 60 -0.76 0.25 -8.86
C ALA A 60 -1.46 1.54 -8.44
N THR A 61 -2.46 1.93 -9.22
CA THR A 61 -3.24 3.15 -8.95
C THR A 61 -4.26 2.92 -7.83
N LEU A 62 -4.74 4.01 -7.25
CA LEU A 62 -5.75 3.92 -6.19
C LEU A 62 -6.93 3.06 -6.62
N ARG A 63 -7.23 3.08 -7.92
CA ARG A 63 -8.32 2.29 -8.48
C ARG A 63 -8.04 0.80 -8.32
N VAL A 64 -6.79 0.40 -8.55
CA VAL A 64 -6.39 -0.99 -8.42
C VAL A 64 -5.99 -1.31 -6.98
N LEU A 65 -5.26 -0.39 -6.34
CA LEU A 65 -4.84 -0.58 -4.96
C LEU A 65 -6.05 -0.74 -4.04
N GLU A 66 -7.10 0.06 -4.28
CA GLU A 66 -8.32 -0.02 -3.48
C GLU A 66 -8.93 -1.42 -3.63
N ASP A 67 -8.91 -1.93 -4.87
CA ASP A 67 -9.42 -3.27 -5.16
C ASP A 67 -8.48 -4.31 -4.56
N ALA A 68 -7.20 -4.17 -4.87
CA ALA A 68 -6.18 -5.07 -4.35
C ALA A 68 -6.30 -5.19 -2.84
N LEU A 69 -6.42 -4.05 -2.17
CA LEU A 69 -6.56 -4.00 -0.72
C LEU A 69 -7.73 -4.86 -0.24
N ALA A 70 -8.86 -4.74 -0.94
CA ALA A 70 -10.05 -5.51 -0.61
C ALA A 70 -9.89 -6.96 -1.05
N ALA A 71 -9.27 -7.16 -2.22
CA ALA A 71 -9.04 -8.51 -2.74
C ALA A 71 -8.30 -9.39 -1.73
N ILE A 72 -7.54 -8.76 -0.83
CA ILE A 72 -6.80 -9.51 0.19
C ILE A 72 -7.49 -9.41 1.57
N GLY A 73 -8.27 -8.34 1.76
CA GLY A 73 -8.97 -8.14 3.02
C GLY A 73 -8.17 -7.28 3.97
N ARG A 74 -7.82 -6.07 3.52
CA ARG A 74 -7.05 -5.15 4.34
C ARG A 74 -7.64 -3.74 4.31
N GLU A 75 -8.91 -3.64 4.70
CA GLU A 75 -9.59 -2.35 4.74
C GLU A 75 -8.85 -1.36 5.63
N ASP A 76 -7.96 -1.88 6.49
CA ASP A 76 -7.15 -1.03 7.36
C ASP A 76 -6.46 0.06 6.54
N VAL A 77 -6.11 -0.28 5.30
CA VAL A 77 -5.46 0.67 4.40
C VAL A 77 -6.49 1.64 3.84
N VAL A 78 -7.57 1.10 3.27
CA VAL A 78 -8.66 1.93 2.75
C VAL A 78 -9.15 2.86 3.85
N GLN A 79 -9.23 2.30 5.07
CA GLN A 79 -9.65 3.08 6.24
C GLN A 79 -8.58 4.13 6.57
N VAL A 80 -7.32 3.70 6.60
CA VAL A 80 -6.20 4.60 6.87
C VAL A 80 -6.23 5.77 5.88
N LEU A 81 -6.42 5.45 4.60
CA LEU A 81 -6.49 6.46 3.55
C LEU A 81 -7.75 7.32 3.74
N SER A 82 -8.91 6.66 3.73
CA SER A 82 -10.21 7.33 3.93
C SER A 82 -10.36 8.59 3.05
N SER A 83 -9.74 8.59 1.87
CA SER A 83 -9.83 9.73 0.95
C SER A 83 -9.74 9.27 -0.50
N PRO A 84 -10.88 9.14 -1.19
CA PRO A 84 -10.91 8.70 -2.59
C PRO A 84 -10.53 9.79 -3.59
N ALA A 85 -11.09 10.99 -3.41
CA ALA A 85 -10.80 12.11 -4.29
C ALA A 85 -11.11 13.45 -3.62
N GLU A 86 -10.05 14.19 -3.30
CA GLU A 86 -10.19 15.50 -2.66
C GLU A 86 -11.12 16.41 -3.47
N SER A 87 -10.90 16.45 -4.79
CA SER A 87 -11.72 17.26 -5.70
C SER A 87 -11.68 18.75 -5.35
N SER A 88 -10.70 19.16 -4.52
CA SER A 88 -10.55 20.55 -4.09
C SER A 88 -9.63 20.63 -2.86
N SER A 89 -9.62 21.79 -2.21
CA SER A 89 -8.80 22.00 -1.01
C SER A 89 -9.53 22.91 -0.02
N VAL A 90 -10.07 22.31 1.05
CA VAL A 90 -10.80 23.04 2.09
C VAL A 90 -12.18 23.48 1.60
N VAL A 91 -13.12 23.65 2.53
CA VAL A 91 -14.49 24.06 2.19
C VAL A 91 -15.28 24.43 3.46
N PRO A 1 3.47 13.09 -4.40
CA PRO A 1 2.47 12.30 -3.63
C PRO A 1 3.09 11.02 -3.06
N GLN A 2 3.98 11.19 -2.09
CA GLN A 2 4.66 10.06 -1.45
C GLN A 2 4.37 10.00 0.05
N GLN A 3 4.35 11.15 0.71
CA GLN A 3 4.06 11.22 2.14
C GLN A 3 2.72 10.57 2.49
N GLN A 4 1.87 10.39 1.47
CA GLN A 4 0.57 9.75 1.66
C GLN A 4 0.70 8.22 1.67
N GLN A 5 1.92 7.74 1.43
CA GLN A 5 2.19 6.30 1.44
C GLN A 5 3.07 5.97 2.63
N GLU A 6 4.10 6.79 2.86
CA GLU A 6 4.99 6.60 4.00
C GLU A 6 4.24 6.88 5.30
N GLU A 7 3.35 7.87 5.28
CA GLU A 7 2.55 8.21 6.46
C GLU A 7 1.39 7.22 6.63
N VAL A 8 0.92 6.67 5.52
CA VAL A 8 -0.18 5.71 5.54
C VAL A 8 0.28 4.36 6.08
N GLN A 9 1.50 3.95 5.72
CA GLN A 9 2.07 2.69 6.16
C GLN A 9 2.21 2.59 7.67
N ARG A 10 2.06 3.71 8.38
CA ARG A 10 2.19 3.72 9.84
C ARG A 10 1.25 2.71 10.53
N LEU A 11 0.25 2.21 9.81
CA LEU A 11 -0.71 1.25 10.38
C LEU A 11 -0.52 -0.15 9.79
N LEU A 12 -0.16 -0.23 8.51
CA LEU A 12 0.04 -1.51 7.84
C LEU A 12 1.48 -2.03 8.01
N MET A 13 2.43 -1.10 8.16
CA MET A 13 3.84 -1.47 8.35
C MET A 13 4.33 -1.07 9.74
N MET A 14 3.62 -1.51 10.76
CA MET A 14 3.96 -1.21 12.15
C MET A 14 5.16 -2.05 12.61
N GLY A 15 5.03 -2.72 13.76
CA GLY A 15 6.12 -3.53 14.29
C GLY A 15 6.46 -4.73 13.41
N GLU A 16 6.95 -4.45 12.20
CA GLU A 16 7.35 -5.49 11.25
C GLU A 16 6.26 -6.58 11.08
N PRO A 17 5.02 -6.17 10.74
CA PRO A 17 3.93 -7.11 10.55
C PRO A 17 3.96 -7.79 9.18
N ALA A 18 3.49 -9.03 9.12
CA ALA A 18 3.43 -9.78 7.87
C ALA A 18 2.09 -9.56 7.16
N LYS A 19 1.39 -8.49 7.55
CA LYS A 19 0.09 -8.15 7.00
C LYS A 19 0.10 -6.79 6.28
N GLY A 20 -1.09 -6.32 5.86
CA GLY A 20 -1.19 -5.04 5.18
C GLY A 20 -0.49 -5.04 3.84
N TRP A 21 0.63 -4.32 3.77
CA TRP A 21 1.43 -4.25 2.54
C TRP A 21 1.77 -5.66 2.06
N GLN A 22 2.17 -6.52 3.00
CA GLN A 22 2.51 -7.90 2.68
C GLN A 22 1.30 -8.63 2.07
N GLU A 23 0.10 -8.32 2.59
CA GLU A 23 -1.13 -8.92 2.11
C GLU A 23 -1.52 -8.34 0.75
N LEU A 24 -1.59 -7.01 0.66
CA LEU A 24 -1.94 -6.36 -0.61
C LEU A 24 -0.92 -6.73 -1.67
N ALA A 25 0.37 -6.71 -1.31
CA ALA A 25 1.43 -7.10 -2.23
C ALA A 25 1.31 -8.58 -2.58
N GLY A 26 0.76 -9.37 -1.65
CA GLY A 26 0.56 -10.80 -1.90
C GLY A 26 -0.25 -11.04 -3.16
N HIS A 27 -1.05 -10.03 -3.54
CA HIS A 27 -1.86 -10.09 -4.76
C HIS A 27 -0.99 -9.79 -6.00
N LEU A 28 0.23 -9.31 -5.74
CA LEU A 28 1.19 -9.00 -6.80
C LEU A 28 1.98 -10.25 -7.12
N GLY A 29 2.19 -11.08 -6.09
CA GLY A 29 2.92 -12.33 -6.26
C GLY A 29 4.41 -12.18 -6.02
N TYR A 30 4.80 -11.32 -5.07
CA TYR A 30 6.21 -11.12 -4.76
C TYR A 30 6.83 -12.36 -4.12
N GLN A 31 8.07 -12.22 -3.66
CA GLN A 31 8.78 -13.33 -3.02
C GLN A 31 9.34 -12.91 -1.65
N ALA A 32 9.48 -13.88 -0.75
CA ALA A 32 10.01 -13.62 0.59
C ALA A 32 11.32 -12.85 0.55
N GLU A 33 12.20 -13.23 -0.38
CA GLU A 33 13.49 -12.54 -0.54
C GLU A 33 13.27 -11.04 -0.65
N ALA A 34 12.16 -10.67 -1.29
CA ALA A 34 11.81 -9.27 -1.45
C ALA A 34 10.96 -8.80 -0.28
N VAL A 35 10.14 -9.71 0.26
CA VAL A 35 9.31 -9.37 1.43
C VAL A 35 10.21 -9.07 2.63
N GLU A 36 11.41 -9.65 2.61
CA GLU A 36 12.37 -9.45 3.68
C GLU A 36 12.88 -8.00 3.65
N THR A 37 13.15 -7.51 2.44
CA THR A 37 13.62 -6.14 2.26
C THR A 37 12.45 -5.17 2.30
N MET A 38 11.37 -5.51 1.60
CA MET A 38 10.17 -4.67 1.56
C MET A 38 9.76 -4.22 2.96
N ALA A 39 9.84 -5.15 3.93
CA ALA A 39 9.48 -4.86 5.31
C ALA A 39 10.37 -3.78 5.93
N CYS A 40 11.54 -3.50 5.32
CA CYS A 40 12.44 -2.49 5.87
C CYS A 40 13.30 -1.80 4.78
N ASP A 41 12.69 -1.56 3.61
CA ASP A 41 13.41 -0.91 2.52
C ASP A 41 12.90 0.53 2.30
N GLN A 42 12.81 1.29 3.40
CA GLN A 42 12.35 2.67 3.36
C GLN A 42 10.84 2.75 3.07
N MET A 43 10.08 1.89 3.78
CA MET A 43 8.62 1.82 3.64
C MET A 43 8.21 1.08 2.36
N PRO A 44 7.55 -0.10 2.50
CA PRO A 44 7.08 -0.89 1.36
C PRO A 44 6.28 -0.05 0.38
N ALA A 45 5.43 0.82 0.91
CA ALA A 45 4.59 1.71 0.10
C ALA A 45 5.43 2.60 -0.82
N TYR A 46 6.57 3.08 -0.31
CA TYR A 46 7.46 3.91 -1.09
C TYR A 46 8.01 3.13 -2.27
N THR A 47 8.46 1.91 -2.00
CA THR A 47 8.96 1.03 -3.04
C THR A 47 7.80 0.52 -3.89
N LEU A 48 6.69 0.20 -3.22
CA LEU A 48 5.49 -0.29 -3.89
C LEU A 48 5.05 0.63 -5.02
N LEU A 49 5.11 1.94 -4.79
CA LEU A 49 4.72 2.92 -5.81
C LEU A 49 5.46 2.64 -7.12
N ARG A 50 6.73 2.25 -7.01
CA ARG A 50 7.54 1.95 -8.18
C ARG A 50 7.54 0.45 -8.48
N ASN A 51 7.33 -0.37 -7.46
CA ASN A 51 7.32 -1.83 -7.62
C ASN A 51 5.97 -2.33 -8.13
N TRP A 52 4.89 -1.85 -7.54
CA TRP A 52 3.55 -2.24 -7.93
C TRP A 52 3.11 -1.55 -9.22
N ALA A 53 3.39 -0.26 -9.33
CA ALA A 53 3.00 0.51 -10.52
C ALA A 53 4.07 0.47 -11.62
N ALA A 54 5.35 0.46 -11.21
CA ALA A 54 6.49 0.46 -12.13
C ALA A 54 7.02 1.88 -12.33
N GLN A 55 6.11 2.84 -12.20
CA GLN A 55 6.44 4.25 -12.35
C GLN A 55 5.60 5.12 -11.41
N GLU A 56 4.32 4.74 -11.22
CA GLU A 56 3.40 5.47 -10.34
C GLU A 56 1.96 4.99 -10.53
N GLY A 57 1.58 4.82 -11.79
CA GLY A 57 0.24 4.36 -12.13
C GLY A 57 0.16 3.86 -13.55
N ASN A 58 -0.29 2.62 -13.73
CA ASN A 58 -0.39 2.01 -15.05
C ASN A 58 -0.83 0.54 -14.96
N ARG A 59 -0.19 -0.22 -14.08
CA ARG A 59 -0.52 -1.65 -13.92
C ARG A 59 -1.32 -1.92 -12.65
N ALA A 60 -0.73 -1.66 -11.49
CA ALA A 60 -1.41 -1.88 -10.20
C ALA A 60 -2.05 -0.58 -9.69
N THR A 61 -2.86 0.05 -10.55
CA THR A 61 -3.51 1.31 -10.19
C THR A 61 -4.88 1.47 -10.87
N LEU A 62 -5.50 2.64 -10.69
CA LEU A 62 -6.82 2.92 -11.27
C LEU A 62 -7.90 2.03 -10.66
N ARG A 63 -7.73 0.73 -10.84
CA ARG A 63 -8.64 -0.26 -10.30
C ARG A 63 -7.90 -1.29 -9.45
N VAL A 64 -6.67 -1.64 -9.86
CA VAL A 64 -5.86 -2.61 -9.13
C VAL A 64 -5.62 -2.18 -7.68
N LEU A 65 -5.15 -0.95 -7.51
CA LEU A 65 -4.88 -0.41 -6.18
C LEU A 65 -6.04 -0.66 -5.22
N GLU A 66 -7.27 -0.61 -5.74
CA GLU A 66 -8.47 -0.83 -4.95
C GLU A 66 -8.93 -2.29 -5.00
N ASP A 67 -8.97 -2.87 -6.20
CA ASP A 67 -9.40 -4.26 -6.39
C ASP A 67 -8.42 -5.24 -5.75
N ALA A 68 -7.13 -5.06 -6.01
CA ALA A 68 -6.11 -5.92 -5.44
C ALA A 68 -6.10 -5.86 -3.92
N LEU A 69 -6.37 -4.67 -3.37
CA LEU A 69 -6.40 -4.50 -1.91
C LEU A 69 -7.64 -5.14 -1.29
N ALA A 70 -8.78 -5.00 -1.97
CA ALA A 70 -10.03 -5.57 -1.49
C ALA A 70 -10.07 -7.09 -1.62
N ALA A 71 -9.44 -7.62 -2.67
CA ALA A 71 -9.41 -9.08 -2.89
C ALA A 71 -8.89 -9.82 -1.65
N ILE A 72 -8.08 -9.14 -0.84
CA ILE A 72 -7.53 -9.74 0.38
C ILE A 72 -8.19 -9.16 1.63
N GLY A 73 -8.81 -7.99 1.50
CA GLY A 73 -9.45 -7.33 2.63
C GLY A 73 -8.48 -6.42 3.35
N ARG A 74 -7.80 -5.57 2.58
CA ARG A 74 -6.81 -4.64 3.13
C ARG A 74 -7.26 -3.20 3.05
N GLU A 75 -8.55 -2.97 3.31
CA GLU A 75 -9.11 -1.61 3.29
C GLU A 75 -8.36 -0.71 4.27
N ASP A 76 -7.65 -1.34 5.21
CA ASP A 76 -6.85 -0.63 6.20
C ASP A 76 -5.97 0.43 5.54
N VAL A 77 -5.56 0.17 4.29
CA VAL A 77 -4.74 1.14 3.55
C VAL A 77 -5.59 2.35 3.18
N VAL A 78 -6.80 2.09 2.70
CA VAL A 78 -7.73 3.15 2.37
C VAL A 78 -8.26 3.78 3.65
N GLN A 79 -8.47 2.93 4.67
CA GLN A 79 -8.96 3.37 5.98
C GLN A 79 -7.97 4.34 6.62
N VAL A 80 -6.68 3.97 6.64
CA VAL A 80 -5.64 4.81 7.22
C VAL A 80 -5.65 6.21 6.60
N LEU A 81 -5.85 6.27 5.28
CA LEU A 81 -5.89 7.55 4.57
C LEU A 81 -7.26 8.20 4.70
N SER A 82 -8.31 7.41 4.46
CA SER A 82 -9.70 7.89 4.58
C SER A 82 -10.02 9.02 3.59
N SER A 83 -9.55 8.87 2.34
CA SER A 83 -9.80 9.86 1.28
C SER A 83 -9.07 11.18 1.54
N PRO A 84 -7.85 11.34 1.00
CA PRO A 84 -7.06 12.56 1.18
C PRO A 84 -7.51 13.72 0.27
N ALA A 85 -7.87 13.40 -0.97
CA ALA A 85 -8.32 14.41 -1.94
C ALA A 85 -7.20 15.42 -2.22
N GLU A 86 -7.57 16.61 -2.72
CA GLU A 86 -6.58 17.65 -3.01
C GLU A 86 -6.08 18.29 -1.72
N SER A 87 -5.03 19.10 -1.83
CA SER A 87 -4.45 19.79 -0.66
C SER A 87 -5.43 20.82 -0.08
N SER A 88 -6.59 20.35 0.37
CA SER A 88 -7.62 21.22 0.96
C SER A 88 -7.23 21.64 2.38
N SER A 89 -6.14 22.40 2.49
CA SER A 89 -5.67 22.87 3.80
C SER A 89 -6.60 23.96 4.35
N VAL A 90 -6.93 24.94 3.52
CA VAL A 90 -7.81 26.05 3.91
C VAL A 90 -7.18 26.92 5.00
N VAL A 91 -7.83 28.04 5.30
CA VAL A 91 -7.35 28.96 6.32
C VAL A 91 -8.52 29.52 7.14
N PRO A 1 -2.18 11.96 -3.84
CA PRO A 1 -0.76 11.52 -4.07
C PRO A 1 0.13 11.83 -2.86
N GLN A 2 1.25 11.11 -2.76
CA GLN A 2 2.21 11.27 -1.66
C GLN A 2 1.59 10.93 -0.31
N GLN A 3 0.63 11.73 0.13
CA GLN A 3 -0.02 11.45 1.40
C GLN A 3 -0.71 10.07 1.36
N GLN A 4 -0.84 9.51 0.15
CA GLN A 4 -1.46 8.19 0.01
C GLN A 4 -0.48 7.08 0.35
N GLN A 5 0.80 7.41 0.49
CA GLN A 5 1.82 6.44 0.86
C GLN A 5 2.35 6.82 2.23
N GLU A 6 2.57 8.12 2.43
CA GLU A 6 3.04 8.65 3.69
C GLU A 6 2.02 8.35 4.79
N GLU A 7 0.73 8.50 4.46
CA GLU A 7 -0.32 8.23 5.44
C GLU A 7 -0.47 6.72 5.66
N VAL A 8 -0.47 5.97 4.56
CA VAL A 8 -0.58 4.52 4.64
C VAL A 8 0.58 3.95 5.46
N GLN A 9 1.75 4.58 5.33
CA GLN A 9 2.92 4.17 6.10
C GLN A 9 2.67 4.34 7.59
N ARG A 10 1.77 5.27 7.96
CA ARG A 10 1.43 5.49 9.36
C ARG A 10 0.39 4.47 9.80
N LEU A 11 0.73 3.21 9.56
CA LEU A 11 -0.13 2.06 9.88
C LEU A 11 0.48 0.80 9.26
N LEU A 12 0.86 0.92 7.98
CA LEU A 12 1.46 -0.20 7.26
C LEU A 12 2.99 -0.24 7.43
N MET A 13 3.59 0.88 7.87
CA MET A 13 5.04 0.94 8.07
C MET A 13 5.39 1.01 9.56
N MET A 14 4.56 0.40 10.40
CA MET A 14 4.78 0.38 11.84
C MET A 14 5.85 -0.66 12.23
N GLY A 15 6.11 -0.79 13.54
CA GLY A 15 7.11 -1.75 14.02
C GLY A 15 7.00 -3.12 13.38
N GLU A 16 5.91 -3.84 13.68
CA GLU A 16 5.69 -5.17 13.12
C GLU A 16 4.70 -5.07 11.95
N PRO A 17 4.88 -5.89 10.88
CA PRO A 17 4.00 -5.86 9.73
C PRO A 17 2.53 -5.80 10.13
N ALA A 18 1.89 -4.74 9.70
CA ALA A 18 0.48 -4.51 10.00
C ALA A 18 -0.43 -4.97 8.87
N LYS A 19 0.10 -5.87 8.05
CA LYS A 19 -0.62 -6.39 6.93
C LYS A 19 -0.93 -5.31 5.91
N GLY A 20 -0.66 -5.62 4.66
CA GLY A 20 -0.90 -4.68 3.58
C GLY A 20 0.10 -4.82 2.45
N TRP A 21 1.20 -4.07 2.51
CA TRP A 21 2.24 -4.15 1.48
C TRP A 21 2.74 -5.59 1.31
N GLN A 22 2.77 -6.36 2.40
CA GLN A 22 3.19 -7.76 2.35
C GLN A 22 2.16 -8.60 1.60
N GLU A 23 0.89 -8.20 1.67
CA GLU A 23 -0.20 -8.90 0.99
C GLU A 23 -0.28 -8.46 -0.49
N LEU A 24 0.02 -7.17 -0.73
CA LEU A 24 0.01 -6.61 -2.09
C LEU A 24 0.82 -7.49 -3.03
N ALA A 25 1.95 -7.97 -2.53
CA ALA A 25 2.82 -8.86 -3.30
C ALA A 25 2.00 -10.00 -3.90
N GLY A 26 0.91 -10.38 -3.22
CA GLY A 26 0.05 -11.45 -3.71
C GLY A 26 -0.80 -11.01 -4.89
N HIS A 27 -1.25 -9.75 -4.87
CA HIS A 27 -2.06 -9.19 -5.95
C HIS A 27 -1.18 -8.66 -7.08
N LEU A 28 0.08 -8.35 -6.77
CA LEU A 28 1.03 -7.83 -7.75
C LEU A 28 1.79 -8.98 -8.42
N GLY A 29 2.04 -10.04 -7.66
CA GLY A 29 2.77 -11.19 -8.17
C GLY A 29 4.22 -11.19 -7.75
N TYR A 30 4.47 -10.81 -6.50
CA TYR A 30 5.82 -10.77 -5.96
C TYR A 30 6.24 -12.13 -5.42
N GLN A 31 7.26 -12.16 -4.57
CA GLN A 31 7.75 -13.39 -3.99
C GLN A 31 7.72 -13.34 -2.46
N ALA A 32 7.40 -14.46 -1.82
CA ALA A 32 7.35 -14.51 -0.37
C ALA A 32 8.68 -14.07 0.23
N GLU A 33 9.76 -14.56 -0.38
CA GLU A 33 11.12 -14.21 0.04
C GLU A 33 11.37 -12.73 -0.21
N ALA A 34 10.67 -12.16 -1.20
CA ALA A 34 10.80 -10.75 -1.50
C ALA A 34 10.00 -9.92 -0.49
N VAL A 35 8.97 -10.52 0.10
CA VAL A 35 8.16 -9.84 1.11
C VAL A 35 9.02 -9.53 2.33
N GLU A 36 10.07 -10.32 2.52
CA GLU A 36 11.00 -10.15 3.63
C GLU A 36 11.87 -8.91 3.39
N THR A 37 12.34 -8.76 2.15
CA THR A 37 13.17 -7.61 1.76
C THR A 37 12.30 -6.38 1.46
N MET A 38 11.12 -6.60 0.87
CA MET A 38 10.20 -5.50 0.54
C MET A 38 10.07 -4.53 1.72
N ALA A 39 9.92 -5.08 2.92
CA ALA A 39 9.79 -4.25 4.13
C ALA A 39 10.98 -3.28 4.27
N CYS A 40 12.13 -3.67 3.71
CA CYS A 40 13.34 -2.83 3.78
C CYS A 40 13.84 -2.40 2.38
N ASP A 41 13.01 -2.57 1.36
CA ASP A 41 13.36 -2.19 0.00
C ASP A 41 13.04 -0.71 -0.23
N GLN A 42 13.79 0.17 0.44
CA GLN A 42 13.56 1.62 0.33
C GLN A 42 12.10 1.94 0.69
N MET A 43 11.59 1.23 1.70
CA MET A 43 10.21 1.39 2.17
C MET A 43 9.23 0.78 1.15
N PRO A 44 8.35 -0.13 1.61
CA PRO A 44 7.36 -0.77 0.74
C PRO A 44 6.42 0.24 0.09
N ALA A 45 5.92 1.16 0.90
CA ALA A 45 5.01 2.20 0.42
C ALA A 45 5.69 3.13 -0.60
N TYR A 46 7.00 3.33 -0.41
CA TYR A 46 7.79 4.18 -1.29
C TYR A 46 8.22 3.42 -2.54
N THR A 47 8.76 2.22 -2.35
CA THR A 47 9.20 1.39 -3.47
C THR A 47 8.02 0.90 -4.31
N LEU A 48 6.85 0.76 -3.67
CA LEU A 48 5.65 0.31 -4.39
C LEU A 48 5.42 1.12 -5.65
N LEU A 49 5.59 2.44 -5.57
CA LEU A 49 5.40 3.31 -6.73
C LEU A 49 6.32 2.90 -7.87
N ARG A 50 7.60 2.78 -7.55
CA ARG A 50 8.61 2.38 -8.52
C ARG A 50 8.46 0.90 -8.90
N ASN A 51 8.08 0.08 -7.94
CA ASN A 51 7.92 -1.36 -8.16
C ASN A 51 6.62 -1.69 -8.91
N TRP A 52 5.51 -1.17 -8.40
CA TRP A 52 4.20 -1.42 -8.98
C TRP A 52 3.96 -0.67 -10.29
N ALA A 53 4.59 0.51 -10.45
CA ALA A 53 4.39 1.30 -11.67
C ALA A 53 5.66 1.47 -12.51
N ALA A 54 6.86 1.36 -11.89
CA ALA A 54 8.13 1.54 -12.60
C ALA A 54 8.52 3.02 -12.69
N GLN A 55 7.52 3.89 -12.58
CA GLN A 55 7.70 5.35 -12.64
C GLN A 55 6.37 6.08 -12.39
N GLU A 56 5.54 5.47 -11.52
CA GLU A 56 4.22 6.03 -11.17
C GLU A 56 3.42 6.43 -12.43
N GLY A 57 3.62 5.67 -13.51
CA GLY A 57 2.91 5.96 -14.76
C GLY A 57 1.43 5.61 -14.71
N ASN A 58 0.73 6.17 -13.71
CA ASN A 58 -0.71 5.93 -13.51
C ASN A 58 -1.20 4.59 -14.08
N ARG A 59 -0.53 3.51 -13.68
CA ARG A 59 -0.89 2.17 -14.14
C ARG A 59 -1.28 1.26 -12.97
N ALA A 60 -0.48 1.28 -11.90
CA ALA A 60 -0.75 0.47 -10.72
C ALA A 60 -0.98 1.36 -9.50
N THR A 61 -2.03 2.18 -9.54
CA THR A 61 -2.37 3.08 -8.45
C THR A 61 -3.62 3.90 -8.79
N LEU A 62 -3.87 4.96 -8.01
CA LEU A 62 -5.05 5.82 -8.21
C LEU A 62 -6.33 5.03 -7.91
N ARG A 63 -6.59 3.99 -8.70
CA ARG A 63 -7.75 3.12 -8.50
C ARG A 63 -7.29 1.65 -8.42
N VAL A 64 -6.01 1.45 -8.12
CA VAL A 64 -5.42 0.12 -8.02
C VAL A 64 -5.00 -0.18 -6.57
N LEU A 65 -4.50 0.84 -5.87
CA LEU A 65 -4.06 0.71 -4.49
C LEU A 65 -5.18 0.18 -3.57
N GLU A 66 -6.43 0.35 -3.97
CA GLU A 66 -7.56 -0.13 -3.18
C GLU A 66 -7.81 -1.61 -3.46
N ASP A 67 -7.97 -1.93 -4.76
CA ASP A 67 -8.19 -3.30 -5.21
C ASP A 67 -7.09 -4.24 -4.71
N ALA A 68 -5.85 -3.87 -5.02
CA ALA A 68 -4.68 -4.65 -4.60
C ALA A 68 -4.74 -4.99 -3.11
N LEU A 69 -5.39 -4.13 -2.32
CA LEU A 69 -5.53 -4.34 -0.89
C LEU A 69 -6.83 -5.06 -0.54
N ALA A 70 -7.92 -4.66 -1.18
CA ALA A 70 -9.22 -5.27 -0.91
C ALA A 70 -9.28 -6.72 -1.40
N ALA A 71 -8.64 -7.00 -2.54
CA ALA A 71 -8.63 -8.35 -3.11
C ALA A 71 -7.98 -9.38 -2.17
N ILE A 72 -7.19 -8.90 -1.19
CA ILE A 72 -6.54 -9.82 -0.25
C ILE A 72 -7.30 -9.91 1.08
N GLY A 73 -8.36 -9.12 1.21
CA GLY A 73 -9.14 -9.12 2.44
C GLY A 73 -8.41 -8.36 3.53
N ARG A 74 -7.85 -7.21 3.16
CA ARG A 74 -7.11 -6.38 4.09
C ARG A 74 -7.16 -4.92 3.69
N GLU A 75 -8.20 -4.25 4.19
CA GLU A 75 -8.40 -2.82 3.97
C GLU A 75 -7.99 -2.07 5.24
N ASP A 76 -7.24 -2.77 6.11
CA ASP A 76 -6.74 -2.25 7.38
C ASP A 76 -6.20 -0.83 7.24
N VAL A 77 -5.62 -0.54 6.08
CA VAL A 77 -5.07 0.79 5.82
C VAL A 77 -5.92 1.56 4.82
N VAL A 78 -6.48 0.86 3.83
CA VAL A 78 -7.33 1.49 2.84
C VAL A 78 -8.53 2.14 3.54
N GLN A 79 -9.07 1.44 4.54
CA GLN A 79 -10.20 1.96 5.30
C GLN A 79 -9.79 3.24 6.03
N VAL A 80 -8.64 3.17 6.72
CA VAL A 80 -8.10 4.32 7.44
C VAL A 80 -7.82 5.47 6.48
N LEU A 81 -7.17 5.15 5.36
CA LEU A 81 -6.86 6.16 4.35
C LEU A 81 -8.15 6.70 3.72
N SER A 82 -9.04 5.78 3.33
CA SER A 82 -10.33 6.13 2.73
C SER A 82 -10.17 7.16 1.61
N SER A 83 -9.25 6.89 0.68
CA SER A 83 -8.99 7.78 -0.46
C SER A 83 -10.29 8.21 -1.15
N PRO A 84 -10.61 9.52 -1.13
CA PRO A 84 -11.83 10.06 -1.74
C PRO A 84 -11.80 10.00 -3.27
N ALA A 85 -12.97 10.22 -3.88
CA ALA A 85 -13.09 10.20 -5.34
C ALA A 85 -14.22 11.12 -5.81
N GLU A 86 -13.92 12.41 -5.93
CA GLU A 86 -14.91 13.41 -6.36
C GLU A 86 -15.52 13.05 -7.73
N SER A 87 -14.74 12.37 -8.58
CA SER A 87 -15.20 11.96 -9.91
C SER A 87 -15.50 13.18 -10.79
N SER A 88 -14.78 14.27 -10.56
CA SER A 88 -14.98 15.49 -11.35
C SER A 88 -13.77 16.42 -11.22
N SER A 89 -13.19 16.81 -12.36
CA SER A 89 -12.03 17.70 -12.37
C SER A 89 -11.58 17.99 -13.80
N VAL A 90 -11.10 16.95 -14.51
CA VAL A 90 -10.62 17.08 -15.89
C VAL A 90 -9.66 18.27 -16.07
N VAL A 91 -8.76 18.44 -15.10
CA VAL A 91 -7.78 19.52 -15.13
C VAL A 91 -6.36 18.95 -15.06
N PRO A 1 2.01 9.86 -6.17
CA PRO A 1 1.59 10.42 -4.86
C PRO A 1 2.52 9.99 -3.73
N GLN A 2 2.72 10.86 -2.75
CA GLN A 2 3.61 10.56 -1.62
C GLN A 2 2.85 10.61 -0.30
N GLN A 3 2.04 11.64 -0.09
CA GLN A 3 1.26 11.79 1.13
C GLN A 3 0.41 10.55 1.41
N GLN A 4 0.16 9.74 0.38
CA GLN A 4 -0.63 8.52 0.54
C GLN A 4 0.23 7.37 1.08
N GLN A 5 1.53 7.59 1.15
CA GLN A 5 2.46 6.60 1.68
C GLN A 5 3.04 7.15 2.98
N GLU A 6 3.39 8.45 2.97
CA GLU A 6 3.91 9.11 4.17
C GLU A 6 2.89 9.04 5.31
N GLU A 7 1.61 9.13 4.96
CA GLU A 7 0.55 9.05 5.97
C GLU A 7 0.21 7.60 6.30
N VAL A 8 0.21 6.74 5.29
CA VAL A 8 -0.08 5.33 5.48
C VAL A 8 1.06 4.63 6.21
N GLN A 9 2.30 4.94 5.83
CA GLN A 9 3.47 4.34 6.46
C GLN A 9 3.49 4.55 7.97
N ARG A 10 2.78 5.58 8.46
CA ARG A 10 2.74 5.82 9.90
C ARG A 10 1.94 4.70 10.59
N LEU A 11 1.13 3.98 9.82
CA LEU A 11 0.33 2.88 10.33
C LEU A 11 0.74 1.55 9.69
N LEU A 12 0.97 1.57 8.38
CA LEU A 12 1.38 0.37 7.65
C LEU A 12 2.87 0.03 7.86
N MET A 13 3.65 1.01 8.32
CA MET A 13 5.08 0.81 8.55
C MET A 13 5.48 1.12 9.99
N MET A 14 4.63 0.75 10.95
CA MET A 14 4.92 0.99 12.37
C MET A 14 5.14 -0.34 13.12
N GLY A 15 6.34 -0.51 13.66
CA GLY A 15 6.67 -1.73 14.40
C GLY A 15 7.16 -2.87 13.50
N GLU A 16 7.55 -2.52 12.26
CA GLU A 16 8.05 -3.51 11.31
C GLU A 16 7.01 -4.61 11.00
N PRO A 17 5.78 -4.22 10.61
CA PRO A 17 4.72 -5.19 10.30
C PRO A 17 5.02 -6.01 9.05
N ALA A 18 4.69 -7.30 9.13
CA ALA A 18 4.88 -8.21 8.01
C ALA A 18 3.65 -8.18 7.10
N LYS A 19 2.47 -8.08 7.72
CA LYS A 19 1.20 -8.02 6.98
C LYS A 19 1.05 -6.69 6.23
N GLY A 20 -0.15 -6.42 5.72
CA GLY A 20 -0.40 -5.18 4.99
C GLY A 20 0.27 -5.17 3.63
N TRP A 21 1.49 -4.60 3.57
CA TRP A 21 2.24 -4.54 2.32
C TRP A 21 2.46 -5.93 1.74
N GLN A 22 2.69 -6.91 2.61
CA GLN A 22 2.87 -8.30 2.18
C GLN A 22 1.57 -8.83 1.57
N GLU A 23 0.45 -8.44 2.19
CA GLU A 23 -0.87 -8.86 1.74
C GLU A 23 -1.21 -8.23 0.38
N LEU A 24 -1.17 -6.90 0.32
CA LEU A 24 -1.47 -6.18 -0.93
C LEU A 24 -0.55 -6.63 -2.05
N ALA A 25 0.77 -6.69 -1.78
CA ALA A 25 1.71 -7.15 -2.79
C ALA A 25 1.31 -8.54 -3.29
N GLY A 26 0.67 -9.32 -2.41
CA GLY A 26 0.21 -10.65 -2.79
C GLY A 26 -0.71 -10.59 -4.01
N HIS A 27 -1.40 -9.47 -4.17
CA HIS A 27 -2.30 -9.26 -5.31
C HIS A 27 -1.50 -8.86 -6.56
N LEU A 28 -0.25 -8.47 -6.36
CA LEU A 28 0.64 -8.11 -7.46
C LEU A 28 1.19 -9.39 -8.09
N GLY A 29 1.31 -10.43 -7.25
CA GLY A 29 1.81 -11.71 -7.72
C GLY A 29 3.32 -11.84 -7.63
N TYR A 30 3.94 -11.10 -6.71
CA TYR A 30 5.40 -11.16 -6.55
C TYR A 30 5.82 -12.47 -5.89
N GLN A 31 7.09 -12.54 -5.49
CA GLN A 31 7.63 -13.75 -4.87
C GLN A 31 8.15 -13.45 -3.46
N ALA A 32 8.05 -14.46 -2.58
CA ALA A 32 8.50 -14.33 -1.19
C ALA A 32 9.87 -13.67 -1.06
N GLU A 33 10.73 -13.90 -2.04
CA GLU A 33 12.07 -13.30 -2.05
C GLU A 33 11.99 -11.79 -1.94
N ALA A 34 10.95 -11.22 -2.54
CA ALA A 34 10.74 -9.77 -2.49
C ALA A 34 10.10 -9.34 -1.18
N VAL A 35 9.45 -10.28 -0.48
CA VAL A 35 8.83 -9.97 0.80
C VAL A 35 9.90 -9.65 1.85
N GLU A 36 11.10 -10.20 1.65
CA GLU A 36 12.21 -9.96 2.56
C GLU A 36 12.78 -8.55 2.38
N THR A 37 12.76 -8.07 1.14
CA THR A 37 13.26 -6.74 0.82
C THR A 37 12.19 -5.69 1.12
N MET A 38 10.98 -5.93 0.64
CA MET A 38 9.84 -5.02 0.85
C MET A 38 9.75 -4.55 2.30
N ALA A 39 9.93 -5.49 3.23
CA ALA A 39 9.87 -5.18 4.66
C ALA A 39 10.93 -4.16 5.08
N CYS A 40 12.01 -4.03 4.29
CA CYS A 40 13.09 -3.09 4.61
C CYS A 40 13.68 -2.45 3.35
N ASP A 41 12.83 -2.18 2.36
CA ASP A 41 13.27 -1.59 1.11
C ASP A 41 12.71 -0.17 0.96
N GLN A 42 13.37 0.78 1.62
CA GLN A 42 12.94 2.18 1.58
C GLN A 42 11.43 2.29 1.81
N MET A 43 10.92 1.45 2.72
CA MET A 43 9.50 1.40 3.06
C MET A 43 8.68 0.77 1.94
N PRO A 44 7.88 -0.27 2.25
CA PRO A 44 7.06 -0.97 1.26
C PRO A 44 6.10 -0.02 0.54
N ALA A 45 5.46 0.86 1.31
CA ALA A 45 4.52 1.83 0.74
C ALA A 45 5.21 2.80 -0.22
N TYR A 46 6.44 3.19 0.12
CA TYR A 46 7.21 4.10 -0.71
C TYR A 46 7.76 3.38 -1.94
N THR A 47 8.42 2.25 -1.69
CA THR A 47 9.00 1.45 -2.77
C THR A 47 7.93 0.87 -3.68
N LEU A 48 6.73 0.61 -3.14
CA LEU A 48 5.63 0.05 -3.93
C LEU A 48 5.45 0.77 -5.27
N LEU A 49 5.52 2.10 -5.27
CA LEU A 49 5.37 2.88 -6.49
C LEU A 49 6.37 2.42 -7.56
N ARG A 50 7.58 2.10 -7.12
CA ARG A 50 8.63 1.63 -8.04
C ARG A 50 8.63 0.10 -8.15
N ASN A 51 8.30 -0.59 -7.05
CA ASN A 51 8.27 -2.06 -7.04
C ASN A 51 7.01 -2.60 -7.71
N TRP A 52 5.85 -2.04 -7.35
CA TRP A 52 4.58 -2.46 -7.92
C TRP A 52 4.44 -1.99 -9.37
N ALA A 53 4.90 -0.76 -9.63
CA ALA A 53 4.83 -0.19 -10.98
C ALA A 53 6.03 -0.61 -11.83
N ALA A 54 7.23 -0.45 -11.28
CA ALA A 54 8.47 -0.79 -11.99
C ALA A 54 8.89 0.31 -12.97
N GLN A 55 7.97 1.23 -13.26
CA GLN A 55 8.25 2.35 -14.18
C GLN A 55 7.10 3.37 -14.21
N GLU A 56 6.42 3.54 -13.08
CA GLU A 56 5.30 4.50 -12.97
C GLU A 56 4.20 4.20 -14.00
N GLY A 57 3.95 2.91 -14.23
CA GLY A 57 2.90 2.51 -15.17
C GLY A 57 1.50 2.80 -14.67
N ASN A 58 0.60 3.18 -15.58
CA ASN A 58 -0.79 3.50 -15.20
C ASN A 58 -1.55 2.24 -14.75
N ARG A 59 -1.03 1.58 -13.72
CA ARG A 59 -1.64 0.37 -13.19
C ARG A 59 -1.44 0.27 -11.67
N ALA A 60 -0.20 0.49 -11.21
CA ALA A 60 0.09 0.45 -9.77
C ALA A 60 -0.26 1.79 -9.13
N THR A 61 -1.50 2.20 -9.34
CA THR A 61 -2.01 3.47 -8.81
C THR A 61 -2.90 3.24 -7.58
N LEU A 62 -3.22 4.33 -6.89
CA LEU A 62 -4.08 4.27 -5.70
C LEU A 62 -5.41 3.57 -6.02
N ARG A 63 -5.80 3.57 -7.30
CA ARG A 63 -7.05 2.93 -7.71
C ARG A 63 -6.97 1.41 -7.52
N VAL A 64 -6.00 0.78 -8.18
CA VAL A 64 -5.79 -0.68 -8.08
C VAL A 64 -5.49 -1.09 -6.64
N LEU A 65 -4.85 -0.18 -5.88
CA LEU A 65 -4.54 -0.45 -4.48
C LEU A 65 -5.78 -0.96 -3.75
N GLU A 66 -6.94 -0.35 -4.06
CA GLU A 66 -8.20 -0.77 -3.45
C GLU A 66 -8.43 -2.26 -3.66
N ASP A 67 -8.44 -2.68 -4.93
CA ASP A 67 -8.61 -4.09 -5.28
C ASP A 67 -7.44 -4.89 -4.72
N ALA A 68 -6.23 -4.37 -4.96
CA ALA A 68 -5.01 -5.01 -4.47
C ALA A 68 -5.07 -5.27 -2.96
N LEU A 69 -5.73 -4.37 -2.23
CA LEU A 69 -5.87 -4.49 -0.78
C LEU A 69 -7.15 -5.23 -0.37
N ALA A 70 -8.26 -4.93 -1.05
CA ALA A 70 -9.53 -5.57 -0.73
C ALA A 70 -9.54 -7.06 -1.07
N ALA A 71 -8.86 -7.43 -2.15
CA ALA A 71 -8.79 -8.83 -2.58
C ALA A 71 -8.20 -9.74 -1.48
N ILE A 72 -7.45 -9.14 -0.54
CA ILE A 72 -6.85 -9.92 0.55
C ILE A 72 -7.65 -9.82 1.85
N GLY A 73 -8.61 -8.91 1.89
CA GLY A 73 -9.44 -8.73 3.08
C GLY A 73 -8.77 -7.84 4.10
N ARG A 74 -8.19 -6.73 3.64
CA ARG A 74 -7.52 -5.79 4.53
C ARG A 74 -7.70 -4.35 4.05
N GLU A 75 -8.95 -3.96 3.84
CA GLU A 75 -9.31 -2.61 3.39
C GLU A 75 -8.92 -1.56 4.44
N ASP A 76 -8.64 -2.03 5.66
CA ASP A 76 -8.22 -1.17 6.76
C ASP A 76 -7.21 -0.12 6.27
N VAL A 77 -6.36 -0.55 5.34
CA VAL A 77 -5.36 0.34 4.75
C VAL A 77 -6.06 1.46 3.99
N VAL A 78 -6.91 1.07 3.05
CA VAL A 78 -7.69 2.03 2.28
C VAL A 78 -8.63 2.79 3.21
N GLN A 79 -9.16 2.07 4.21
CA GLN A 79 -10.05 2.68 5.19
C GLN A 79 -9.36 3.82 5.92
N VAL A 80 -8.13 3.57 6.38
CA VAL A 80 -7.36 4.60 7.07
C VAL A 80 -6.92 5.69 6.08
N LEU A 81 -6.45 5.25 4.92
CA LEU A 81 -5.99 6.17 3.87
C LEU A 81 -7.14 7.02 3.32
N SER A 82 -8.32 6.43 3.16
CA SER A 82 -9.47 7.15 2.63
C SER A 82 -10.51 7.44 3.73
N SER A 83 -10.03 7.76 4.93
CA SER A 83 -10.91 8.06 6.07
C SER A 83 -11.35 9.53 6.05
N PRO A 84 -12.64 9.80 5.74
CA PRO A 84 -13.16 11.16 5.68
C PRO A 84 -13.41 11.78 7.06
N ALA A 85 -14.24 11.13 7.88
CA ALA A 85 -14.55 11.63 9.22
C ALA A 85 -14.65 10.48 10.22
N GLU A 86 -13.88 10.59 11.32
CA GLU A 86 -13.85 9.58 12.40
C GLU A 86 -14.40 8.23 11.96
N SER A 87 -15.72 8.04 12.05
CA SER A 87 -16.35 6.79 11.64
C SER A 87 -17.65 7.06 10.88
N SER A 88 -17.55 7.84 9.80
CA SER A 88 -18.71 8.19 8.98
C SER A 88 -19.28 6.95 8.27
N SER A 89 -19.81 6.02 9.04
CA SER A 89 -20.39 4.79 8.50
C SER A 89 -21.82 5.05 8.00
N VAL A 90 -21.92 5.79 6.89
CA VAL A 90 -23.21 6.12 6.29
C VAL A 90 -24.02 7.09 7.16
N VAL A 91 -25.03 7.73 6.55
CA VAL A 91 -25.90 8.70 7.24
C VAL A 91 -25.23 10.09 7.34
N PRO A 1 0.45 13.49 -3.12
CA PRO A 1 0.56 12.32 -4.05
C PRO A 1 1.28 11.13 -3.40
N GLN A 2 2.60 11.28 -3.20
CA GLN A 2 3.41 10.20 -2.59
C GLN A 2 3.01 9.95 -1.14
N GLN A 3 2.67 11.01 -0.42
CA GLN A 3 2.26 10.88 0.98
C GLN A 3 1.12 9.87 1.15
N GLN A 4 0.39 9.60 0.07
CA GLN A 4 -0.70 8.65 0.11
C GLN A 4 -0.18 7.22 0.29
N GLN A 5 1.12 7.04 0.07
CA GLN A 5 1.75 5.74 0.24
C GLN A 5 2.63 5.78 1.48
N GLU A 6 3.36 6.87 1.63
CA GLU A 6 4.21 7.05 2.80
C GLU A 6 3.35 7.14 4.07
N GLU A 7 2.16 7.75 3.96
CA GLU A 7 1.26 7.89 5.10
C GLU A 7 0.49 6.58 5.35
N VAL A 8 0.09 5.91 4.28
CA VAL A 8 -0.63 4.65 4.39
C VAL A 8 0.19 3.62 5.15
N GLN A 9 1.50 3.58 4.87
CA GLN A 9 2.40 2.64 5.53
C GLN A 9 2.46 2.87 7.05
N ARG A 10 2.01 4.06 7.51
CA ARG A 10 2.03 4.37 8.94
C ARG A 10 1.22 3.36 9.78
N LEU A 11 0.31 2.63 9.15
CA LEU A 11 -0.51 1.65 9.86
C LEU A 11 -0.10 0.21 9.53
N LEU A 12 1.16 0.02 9.11
CA LEU A 12 1.66 -1.31 8.75
C LEU A 12 3.14 -1.46 9.04
N MET A 13 3.93 -0.43 8.72
CA MET A 13 5.37 -0.46 8.91
C MET A 13 5.80 -0.05 10.32
N MET A 14 4.86 0.43 11.14
CA MET A 14 5.17 0.83 12.51
C MET A 14 5.53 -0.38 13.38
N GLY A 15 6.63 -1.07 13.03
CA GLY A 15 7.04 -2.24 13.78
C GLY A 15 5.91 -3.25 13.87
N GLU A 16 5.16 -3.37 12.78
CA GLU A 16 4.01 -4.27 12.73
C GLU A 16 4.21 -5.39 11.70
N PRO A 17 3.27 -6.37 11.67
CA PRO A 17 3.31 -7.51 10.75
C PRO A 17 3.64 -7.12 9.30
N ALA A 18 4.14 -8.10 8.54
CA ALA A 18 4.44 -7.88 7.12
C ALA A 18 3.15 -7.59 6.34
N LYS A 19 2.01 -7.84 6.99
CA LYS A 19 0.69 -7.61 6.42
C LYS A 19 0.55 -6.22 5.80
N GLY A 20 -0.59 -5.98 5.17
CA GLY A 20 -0.83 -4.70 4.52
C GLY A 20 -0.04 -4.55 3.24
N TRP A 21 1.25 -4.20 3.37
CA TRP A 21 2.12 -4.05 2.21
C TRP A 21 2.34 -5.41 1.54
N GLN A 22 2.52 -6.46 2.35
CA GLN A 22 2.68 -7.81 1.80
C GLN A 22 1.37 -8.26 1.16
N GLU A 23 0.25 -7.98 1.85
CA GLU A 23 -1.08 -8.34 1.35
C GLU A 23 -1.33 -7.77 -0.04
N LEU A 24 -1.23 -6.44 -0.17
CA LEU A 24 -1.44 -5.77 -1.46
C LEU A 24 -0.42 -6.27 -2.48
N ALA A 25 0.83 -6.45 -2.02
CA ALA A 25 1.89 -6.97 -2.89
C ALA A 25 1.43 -8.30 -3.50
N GLY A 26 0.63 -9.05 -2.74
CA GLY A 26 0.11 -10.32 -3.21
C GLY A 26 -0.77 -10.17 -4.44
N HIS A 27 -1.44 -9.02 -4.56
CA HIS A 27 -2.30 -8.74 -5.70
C HIS A 27 -1.46 -8.37 -6.93
N LEU A 28 -0.24 -7.90 -6.68
CA LEU A 28 0.69 -7.53 -7.74
C LEU A 28 1.43 -8.78 -8.21
N GLY A 29 1.75 -9.65 -7.26
CA GLY A 29 2.44 -10.89 -7.57
C GLY A 29 3.87 -10.92 -7.05
N TYR A 30 4.11 -10.26 -5.92
CA TYR A 30 5.44 -10.24 -5.32
C TYR A 30 5.63 -11.43 -4.39
N GLN A 31 6.73 -11.45 -3.63
CA GLN A 31 7.00 -12.56 -2.72
C GLN A 31 7.76 -12.15 -1.47
N ALA A 32 7.85 -13.08 -0.51
CA ALA A 32 8.54 -12.86 0.77
C ALA A 32 9.99 -12.42 0.54
N GLU A 33 10.66 -13.02 -0.43
CA GLU A 33 12.04 -12.66 -0.75
C GLU A 33 12.16 -11.15 -0.89
N ALA A 34 11.11 -10.57 -1.47
CA ALA A 34 11.02 -9.13 -1.66
C ALA A 34 10.39 -8.47 -0.44
N VAL A 35 9.45 -9.16 0.18
CA VAL A 35 8.80 -8.66 1.39
C VAL A 35 9.79 -8.56 2.54
N GLU A 36 10.86 -9.35 2.45
CA GLU A 36 11.90 -9.36 3.48
C GLU A 36 12.78 -8.12 3.37
N THR A 37 13.08 -7.72 2.14
CA THR A 37 13.89 -6.52 1.89
C THR A 37 13.05 -5.26 2.02
N MET A 38 11.82 -5.30 1.48
CA MET A 38 10.90 -4.17 1.54
C MET A 38 10.84 -3.58 2.94
N ALA A 39 10.83 -4.45 3.96
CA ALA A 39 10.80 -4.03 5.35
C ALA A 39 11.97 -3.11 5.72
N CYS A 40 13.03 -3.10 4.89
CA CYS A 40 14.20 -2.26 5.17
C CYS A 40 14.81 -1.65 3.90
N ASP A 41 13.98 -1.34 2.91
CA ASP A 41 14.45 -0.75 1.67
C ASP A 41 13.76 0.58 1.36
N GLN A 42 14.28 1.66 1.94
CA GLN A 42 13.73 3.01 1.74
C GLN A 42 12.21 3.02 1.92
N MET A 43 11.73 2.29 2.94
CA MET A 43 10.30 2.18 3.23
C MET A 43 9.59 1.33 2.18
N PRO A 44 8.82 0.32 2.61
CA PRO A 44 8.08 -0.56 1.70
C PRO A 44 7.13 0.21 0.81
N ALA A 45 6.38 1.13 1.41
CA ALA A 45 5.42 1.96 0.67
C ALA A 45 6.08 2.77 -0.44
N TYR A 46 7.31 3.23 -0.19
CA TYR A 46 8.04 4.02 -1.17
C TYR A 46 8.69 3.12 -2.21
N THR A 47 9.33 2.06 -1.75
CA THR A 47 9.97 1.11 -2.66
C THR A 47 8.92 0.30 -3.42
N LEU A 48 7.88 -0.12 -2.70
CA LEU A 48 6.80 -0.90 -3.32
C LEU A 48 6.16 -0.16 -4.49
N LEU A 49 5.98 1.16 -4.34
CA LEU A 49 5.39 1.95 -5.43
C LEU A 49 6.24 1.83 -6.68
N ARG A 50 7.55 2.04 -6.54
CA ARG A 50 8.49 1.93 -7.65
C ARG A 50 8.67 0.46 -8.06
N ASN A 51 8.69 -0.44 -7.07
CA ASN A 51 8.85 -1.88 -7.33
C ASN A 51 7.59 -2.45 -7.99
N TRP A 52 6.43 -2.10 -7.45
CA TRP A 52 5.15 -2.56 -7.99
C TRP A 52 4.91 -1.92 -9.35
N ALA A 53 5.24 -0.63 -9.46
CA ALA A 53 5.09 0.11 -10.72
C ALA A 53 6.11 -0.35 -11.76
N ALA A 54 7.38 -0.45 -11.32
CA ALA A 54 8.51 -0.85 -12.18
C ALA A 54 9.24 0.38 -12.72
N GLN A 55 8.54 1.50 -12.76
CA GLN A 55 9.12 2.76 -13.23
C GLN A 55 8.88 3.87 -12.22
N GLU A 56 7.63 4.00 -11.75
CA GLU A 56 7.27 5.04 -10.77
C GLU A 56 5.89 4.77 -10.17
N GLY A 57 4.90 4.49 -11.02
CA GLY A 57 3.55 4.22 -10.54
C GLY A 57 2.50 4.23 -11.63
N ASN A 58 2.81 3.64 -12.79
CA ASN A 58 1.86 3.59 -13.90
C ASN A 58 0.85 2.44 -13.78
N ARG A 59 0.94 1.64 -12.72
CA ARG A 59 0.01 0.53 -12.51
C ARG A 59 -0.56 0.53 -11.09
N ALA A 60 0.29 0.78 -10.09
CA ALA A 60 -0.13 0.84 -8.70
C ALA A 60 -0.92 2.11 -8.39
N THR A 61 -1.88 2.42 -9.26
CA THR A 61 -2.71 3.62 -9.11
C THR A 61 -3.90 3.33 -8.19
N LEU A 62 -4.50 4.40 -7.66
CA LEU A 62 -5.67 4.27 -6.78
C LEU A 62 -6.70 3.29 -7.36
N ARG A 63 -6.75 3.21 -8.70
CA ARG A 63 -7.69 2.30 -9.38
C ARG A 63 -7.32 0.84 -9.09
N VAL A 64 -6.05 0.50 -9.32
CA VAL A 64 -5.56 -0.85 -9.08
C VAL A 64 -5.29 -1.05 -7.59
N LEU A 65 -4.78 -0.01 -6.94
CA LEU A 65 -4.50 -0.05 -5.50
C LEU A 65 -5.77 -0.43 -4.74
N GLU A 66 -6.89 0.24 -5.08
CA GLU A 66 -8.18 -0.04 -4.46
C GLU A 66 -8.46 -1.54 -4.48
N ASP A 67 -8.29 -2.15 -5.66
CA ASP A 67 -8.47 -3.58 -5.81
C ASP A 67 -7.34 -4.33 -5.11
N ALA A 68 -6.10 -3.89 -5.38
CA ALA A 68 -4.92 -4.49 -4.76
C ALA A 68 -5.08 -4.63 -3.25
N LEU A 69 -5.74 -3.66 -2.63
CA LEU A 69 -5.97 -3.68 -1.19
C LEU A 69 -7.30 -4.35 -0.82
N ALA A 70 -8.34 -4.08 -1.62
CA ALA A 70 -9.67 -4.64 -1.35
C ALA A 70 -9.78 -6.12 -1.73
N ALA A 71 -9.18 -6.51 -2.85
CA ALA A 71 -9.21 -7.91 -3.27
C ALA A 71 -8.67 -8.85 -2.20
N ILE A 72 -7.83 -8.32 -1.30
CA ILE A 72 -7.25 -9.11 -0.22
C ILE A 72 -7.96 -8.84 1.11
N GLY A 73 -8.66 -7.71 1.19
CA GLY A 73 -9.36 -7.35 2.41
C GLY A 73 -8.48 -6.56 3.35
N ARG A 74 -7.82 -5.52 2.84
CA ARG A 74 -6.93 -4.71 3.66
C ARG A 74 -7.43 -3.27 3.80
N GLU A 75 -8.74 -3.10 3.95
CA GLU A 75 -9.32 -1.76 4.14
C GLU A 75 -8.89 -1.20 5.51
N ASP A 76 -8.37 -2.09 6.36
CA ASP A 76 -7.88 -1.73 7.69
C ASP A 76 -7.00 -0.47 7.64
N VAL A 77 -6.29 -0.29 6.53
CA VAL A 77 -5.42 0.86 6.35
C VAL A 77 -6.15 1.96 5.60
N VAL A 78 -6.82 1.57 4.51
CA VAL A 78 -7.59 2.53 3.71
C VAL A 78 -8.64 3.22 4.59
N GLN A 79 -9.23 2.45 5.50
CA GLN A 79 -10.23 2.99 6.42
C GLN A 79 -9.65 4.19 7.17
N VAL A 80 -8.43 4.04 7.67
CA VAL A 80 -7.74 5.12 8.37
C VAL A 80 -7.44 6.25 7.39
N LEU A 81 -6.92 5.88 6.21
CA LEU A 81 -6.61 6.85 5.16
C LEU A 81 -7.87 7.63 4.75
N SER A 82 -9.02 6.95 4.73
CA SER A 82 -10.28 7.57 4.37
C SER A 82 -11.10 7.95 5.61
N SER A 83 -10.42 8.33 6.69
CA SER A 83 -11.09 8.72 7.92
C SER A 83 -10.39 9.90 8.59
N PRO A 84 -11.17 10.81 9.21
CA PRO A 84 -10.62 11.99 9.89
C PRO A 84 -9.96 11.65 11.23
N ALA A 85 -10.28 10.47 11.78
CA ALA A 85 -9.74 10.02 13.07
C ALA A 85 -10.30 10.85 14.23
N GLU A 86 -10.04 12.17 14.20
CA GLU A 86 -10.52 13.10 15.24
C GLU A 86 -10.51 12.48 16.64
N SER A 87 -9.42 11.77 16.96
CA SER A 87 -9.28 11.13 18.27
C SER A 87 -8.07 11.69 19.02
N SER A 88 -6.87 11.27 18.63
CA SER A 88 -5.63 11.72 19.27
C SER A 88 -5.60 11.37 20.75
N SER A 89 -5.71 10.08 21.05
CA SER A 89 -5.70 9.60 22.44
C SER A 89 -4.31 9.73 23.07
N VAL A 90 -3.26 9.57 22.25
CA VAL A 90 -1.87 9.65 22.72
C VAL A 90 -1.62 8.66 23.88
N VAL A 91 -2.45 7.62 23.96
CA VAL A 91 -2.35 6.60 25.00
C VAL A 91 -3.34 5.45 24.74
N PRO A 1 4.06 11.07 -5.76
CA PRO A 1 3.11 11.38 -4.66
C PRO A 1 3.12 10.29 -3.58
N GLN A 2 4.19 10.24 -2.81
CA GLN A 2 4.35 9.24 -1.76
C GLN A 2 3.64 9.64 -0.46
N GLN A 3 3.14 10.87 -0.38
CA GLN A 3 2.42 11.35 0.82
C GLN A 3 1.29 10.41 1.21
N GLN A 4 0.76 9.67 0.24
CA GLN A 4 -0.30 8.72 0.48
C GLN A 4 0.24 7.42 1.06
N GLN A 5 1.57 7.28 1.05
CA GLN A 5 2.24 6.11 1.58
C GLN A 5 2.91 6.47 2.91
N GLU A 6 3.64 7.59 2.92
CA GLU A 6 4.29 8.04 4.16
C GLU A 6 3.24 8.35 5.22
N GLU A 7 2.06 8.80 4.76
CA GLU A 7 0.95 9.09 5.67
C GLU A 7 0.32 7.78 6.12
N VAL A 8 -0.02 6.93 5.15
CA VAL A 8 -0.60 5.62 5.43
C VAL A 8 0.33 4.78 6.30
N GLN A 9 1.63 4.82 5.96
CA GLN A 9 2.65 4.09 6.70
C GLN A 9 2.51 4.29 8.21
N ARG A 10 1.87 5.38 8.65
CA ARG A 10 1.68 5.63 10.06
C ARG A 10 0.91 4.47 10.73
N LEU A 11 0.17 3.71 9.92
CA LEU A 11 -0.59 2.56 10.42
C LEU A 11 -0.13 1.26 9.73
N LEU A 12 1.13 1.26 9.26
CA LEU A 12 1.70 0.10 8.59
C LEU A 12 3.09 -0.23 9.12
N MET A 13 3.93 0.80 9.24
CA MET A 13 5.29 0.60 9.74
C MET A 13 5.31 0.49 11.27
N MET A 14 4.26 0.99 11.92
CA MET A 14 4.16 0.96 13.38
C MET A 14 4.14 -0.48 13.90
N GLY A 15 5.13 -0.81 14.72
CA GLY A 15 5.22 -2.16 15.29
C GLY A 15 6.08 -3.11 14.46
N GLU A 16 6.61 -2.62 13.32
CA GLU A 16 7.45 -3.45 12.45
C GLU A 16 6.73 -4.74 12.04
N PRO A 17 5.52 -4.63 11.42
CA PRO A 17 4.74 -5.78 10.98
C PRO A 17 5.08 -6.24 9.57
N ALA A 18 5.01 -7.54 9.35
CA ALA A 18 5.28 -8.13 8.04
C ALA A 18 4.03 -7.98 7.17
N LYS A 19 2.86 -8.23 7.77
CA LYS A 19 1.59 -8.10 7.07
C LYS A 19 1.25 -6.62 6.86
N GLY A 20 0.13 -6.37 6.19
CA GLY A 20 -0.27 -4.99 5.93
C GLY A 20 0.29 -4.50 4.61
N TRP A 21 1.59 -4.68 4.42
CA TRP A 21 2.28 -4.26 3.20
C TRP A 21 2.73 -5.49 2.38
N GLN A 22 3.05 -6.60 3.05
CA GLN A 22 3.49 -7.82 2.35
C GLN A 22 2.38 -8.35 1.43
N GLU A 23 1.13 -8.32 1.92
CA GLU A 23 0.00 -8.80 1.14
C GLU A 23 -0.09 -8.10 -0.23
N LEU A 24 0.46 -6.89 -0.31
CA LEU A 24 0.48 -6.12 -1.55
C LEU A 24 1.21 -6.90 -2.63
N ALA A 25 2.30 -7.56 -2.23
CA ALA A 25 3.09 -8.37 -3.15
C ALA A 25 2.21 -9.43 -3.82
N GLY A 26 1.18 -9.88 -3.08
CA GLY A 26 0.26 -10.88 -3.61
C GLY A 26 -0.53 -10.36 -4.81
N HIS A 27 -0.94 -9.10 -4.75
CA HIS A 27 -1.69 -8.47 -5.83
C HIS A 27 -0.76 -7.67 -6.75
N LEU A 28 0.41 -7.32 -6.23
CA LEU A 28 1.42 -6.57 -6.97
C LEU A 28 2.06 -7.45 -8.05
N GLY A 29 2.06 -8.76 -7.81
CA GLY A 29 2.67 -9.69 -8.75
C GLY A 29 4.08 -10.06 -8.33
N TYR A 30 4.32 -10.09 -7.02
CA TYR A 30 5.63 -10.43 -6.48
C TYR A 30 5.59 -11.74 -5.68
N GLN A 31 6.69 -12.03 -4.98
CA GLN A 31 6.80 -13.24 -4.17
C GLN A 31 7.35 -12.91 -2.77
N ALA A 32 6.92 -13.69 -1.78
CA ALA A 32 7.36 -13.49 -0.39
C ALA A 32 8.88 -13.29 -0.29
N GLU A 33 9.64 -14.03 -1.11
CA GLU A 33 11.10 -13.92 -1.13
C GLU A 33 11.51 -12.47 -1.40
N ALA A 34 10.70 -11.77 -2.19
CA ALA A 34 10.95 -10.37 -2.51
C ALA A 34 10.35 -9.46 -1.45
N VAL A 35 9.28 -9.93 -0.80
CA VAL A 35 8.64 -9.17 0.27
C VAL A 35 9.62 -8.98 1.41
N GLU A 36 10.55 -9.94 1.55
CA GLU A 36 11.57 -9.88 2.59
C GLU A 36 12.45 -8.66 2.37
N THR A 37 12.82 -8.44 1.12
CA THR A 37 13.62 -7.29 0.73
C THR A 37 12.76 -6.03 0.83
N MET A 38 11.50 -6.16 0.38
CA MET A 38 10.53 -5.07 0.42
C MET A 38 10.54 -4.39 1.79
N ALA A 39 10.64 -5.19 2.85
CA ALA A 39 10.70 -4.67 4.21
C ALA A 39 11.81 -3.63 4.37
N CYS A 40 12.88 -3.78 3.58
CA CYS A 40 14.02 -2.85 3.63
C CYS A 40 14.38 -2.31 2.23
N ASP A 41 13.46 -2.44 1.29
CA ASP A 41 13.66 -1.96 -0.08
C ASP A 41 13.11 -0.54 -0.21
N GLN A 42 13.84 0.42 0.36
CA GLN A 42 13.41 1.81 0.33
C GLN A 42 11.96 1.93 0.83
N MET A 43 11.65 1.19 1.90
CA MET A 43 10.32 1.16 2.49
C MET A 43 9.33 0.41 1.58
N PRO A 44 8.60 -0.58 2.12
CA PRO A 44 7.63 -1.37 1.35
C PRO A 44 6.54 -0.50 0.71
N ALA A 45 6.24 0.62 1.36
CA ALA A 45 5.22 1.54 0.88
C ALA A 45 5.77 2.50 -0.18
N TYR A 46 7.08 2.76 -0.13
CA TYR A 46 7.73 3.65 -1.09
C TYR A 46 8.12 2.92 -2.36
N THR A 47 8.86 1.83 -2.20
CA THR A 47 9.31 1.03 -3.35
C THR A 47 8.11 0.56 -4.18
N LEU A 48 7.00 0.25 -3.52
CA LEU A 48 5.79 -0.20 -4.22
C LEU A 48 5.39 0.74 -5.36
N LEU A 49 5.49 2.05 -5.13
CA LEU A 49 5.13 3.03 -6.17
C LEU A 49 5.95 2.81 -7.45
N ARG A 50 7.22 2.45 -7.27
CA ARG A 50 8.11 2.20 -8.40
C ARG A 50 8.11 0.72 -8.81
N ASN A 51 7.81 -0.16 -7.85
CA ASN A 51 7.76 -1.61 -8.11
C ASN A 51 6.42 -2.02 -8.70
N TRP A 52 5.34 -1.52 -8.10
CA TRP A 52 3.98 -1.82 -8.56
C TRP A 52 3.71 -1.16 -9.90
N ALA A 53 4.09 0.11 -10.01
CA ALA A 53 3.88 0.88 -11.25
C ALA A 53 4.97 0.57 -12.28
N ALA A 54 6.23 0.66 -11.87
CA ALA A 54 7.38 0.40 -12.75
C ALA A 54 7.43 1.38 -13.93
N GLN A 55 7.01 2.62 -13.70
CA GLN A 55 7.03 3.65 -14.74
C GLN A 55 6.64 5.03 -14.21
N GLU A 56 5.68 5.10 -13.29
CA GLU A 56 5.26 6.40 -12.75
C GLU A 56 4.65 6.32 -11.34
N GLY A 57 3.74 5.36 -11.13
CA GLY A 57 3.11 5.20 -9.83
C GLY A 57 1.65 5.65 -9.83
N ASN A 58 0.92 5.34 -10.90
CA ASN A 58 -0.48 5.73 -11.02
C ASN A 58 -1.42 4.53 -10.93
N ARG A 59 -1.19 3.52 -11.77
CA ARG A 59 -2.02 2.31 -11.81
C ARG A 59 -2.12 1.66 -10.45
N ALA A 60 -1.00 1.60 -9.73
CA ALA A 60 -0.97 1.02 -8.39
C ALA A 60 -1.54 1.97 -7.33
N THR A 61 -2.37 2.91 -7.77
CA THR A 61 -2.99 3.89 -6.89
C THR A 61 -4.42 4.20 -7.32
N LEU A 62 -5.18 4.86 -6.45
CA LEU A 62 -6.56 5.23 -6.75
C LEU A 62 -7.46 4.00 -6.93
N ARG A 63 -7.09 3.12 -7.86
CA ARG A 63 -7.86 1.92 -8.13
C ARG A 63 -7.18 0.67 -7.55
N VAL A 64 -5.85 0.59 -7.69
CA VAL A 64 -5.10 -0.54 -7.16
C VAL A 64 -5.19 -0.64 -5.65
N LEU A 65 -4.96 0.47 -4.96
CA LEU A 65 -5.02 0.51 -3.49
C LEU A 65 -6.27 -0.21 -2.97
N GLU A 66 -7.39 -0.05 -3.68
CA GLU A 66 -8.66 -0.67 -3.31
C GLU A 66 -8.65 -2.17 -3.58
N ASP A 67 -8.23 -2.55 -4.78
CA ASP A 67 -8.19 -3.97 -5.18
C ASP A 67 -6.96 -4.70 -4.60
N ALA A 68 -5.78 -4.10 -4.77
CA ALA A 68 -4.53 -4.68 -4.27
C ALA A 68 -4.60 -5.02 -2.78
N LEU A 69 -5.40 -4.27 -2.03
CA LEU A 69 -5.52 -4.49 -0.59
C LEU A 69 -6.78 -5.29 -0.22
N ALA A 70 -7.88 -5.05 -0.94
CA ALA A 70 -9.13 -5.76 -0.67
C ALA A 70 -9.05 -7.22 -1.08
N ALA A 71 -8.40 -7.48 -2.22
CA ALA A 71 -8.24 -8.85 -2.71
C ALA A 71 -7.57 -9.76 -1.67
N ILE A 72 -6.80 -9.16 -0.75
CA ILE A 72 -6.12 -9.93 0.29
C ILE A 72 -6.90 -9.91 1.61
N GLY A 73 -7.94 -9.08 1.67
CA GLY A 73 -8.75 -8.97 2.89
C GLY A 73 -8.05 -8.13 3.93
N ARG A 74 -7.47 -7.02 3.50
CA ARG A 74 -6.74 -6.13 4.38
C ARG A 74 -6.97 -4.64 4.02
N GLU A 75 -8.24 -4.24 4.00
CA GLU A 75 -8.61 -2.85 3.69
C GLU A 75 -8.47 -1.93 4.91
N ASP A 76 -8.09 -2.51 6.05
CA ASP A 76 -7.90 -1.76 7.30
C ASP A 76 -7.17 -0.44 7.05
N VAL A 77 -6.27 -0.45 6.07
CA VAL A 77 -5.49 0.75 5.71
C VAL A 77 -6.24 1.55 4.65
N VAL A 78 -6.82 0.85 3.67
CA VAL A 78 -7.60 1.50 2.62
C VAL A 78 -8.74 2.30 3.24
N GLN A 79 -9.30 1.74 4.32
CA GLN A 79 -10.39 2.39 5.05
C GLN A 79 -9.96 3.78 5.55
N VAL A 80 -8.74 3.85 6.10
CA VAL A 80 -8.20 5.11 6.61
C VAL A 80 -7.88 6.06 5.46
N LEU A 81 -7.32 5.51 4.38
CA LEU A 81 -6.96 6.32 3.21
C LEU A 81 -8.19 6.76 2.41
N SER A 82 -9.22 5.90 2.38
CA SER A 82 -10.45 6.20 1.67
C SER A 82 -11.62 6.32 2.64
N SER A 83 -11.40 7.05 3.73
CA SER A 83 -12.44 7.26 4.76
C SER A 83 -13.67 7.95 4.18
N PRO A 84 -14.80 7.23 4.04
CA PRO A 84 -16.05 7.81 3.51
C PRO A 84 -16.55 8.99 4.36
N ALA A 85 -16.16 10.19 3.96
CA ALA A 85 -16.55 11.42 4.68
C ALA A 85 -15.98 12.66 3.98
N GLU A 86 -14.68 12.60 3.67
CA GLU A 86 -13.96 13.69 2.99
C GLU A 86 -14.50 15.08 3.38
N SER A 87 -15.40 15.65 2.58
CA SER A 87 -15.98 16.97 2.87
C SER A 87 -17.06 17.33 1.85
N SER A 88 -17.51 18.58 1.89
CA SER A 88 -18.54 19.05 0.97
C SER A 88 -17.91 19.53 -0.34
N SER A 89 -18.30 18.88 -1.44
CA SER A 89 -17.77 19.24 -2.78
C SER A 89 -17.87 20.74 -3.01
N VAL A 90 -16.70 21.40 -3.10
CA VAL A 90 -16.63 22.85 -3.31
C VAL A 90 -17.45 23.63 -2.26
N VAL A 91 -17.60 23.03 -1.07
CA VAL A 91 -18.34 23.64 0.05
C VAL A 91 -19.84 23.65 -0.22
N PRO A 1 3.45 13.63 -5.20
CA PRO A 1 3.95 12.86 -4.03
C PRO A 1 3.07 11.65 -3.71
N GLN A 2 3.62 10.71 -2.94
CA GLN A 2 2.89 9.49 -2.58
C GLN A 2 2.24 9.62 -1.19
N GLN A 3 1.46 10.69 -1.00
CA GLN A 3 0.78 10.92 0.27
C GLN A 3 -0.04 9.70 0.69
N GLN A 4 -0.59 9.01 -0.28
CA GLN A 4 -1.37 7.81 -0.03
C GLN A 4 -0.49 6.64 0.41
N GLN A 5 0.82 6.79 0.24
CA GLN A 5 1.78 5.77 0.68
C GLN A 5 2.57 6.27 1.88
N GLU A 6 2.93 7.55 1.85
CA GLU A 6 3.66 8.16 2.96
C GLU A 6 2.73 8.32 4.17
N GLU A 7 1.44 8.52 3.92
CA GLU A 7 0.45 8.67 4.98
C GLU A 7 -0.02 7.29 5.47
N VAL A 8 -0.23 6.37 4.52
CA VAL A 8 -0.65 5.01 4.85
C VAL A 8 0.40 4.36 5.75
N GLN A 9 1.65 4.73 5.53
CA GLN A 9 2.76 4.23 6.34
C GLN A 9 2.46 4.45 7.83
N ARG A 10 1.71 5.51 8.13
CA ARG A 10 1.34 5.82 9.51
C ARG A 10 0.31 4.83 10.04
N LEU A 11 0.65 3.55 9.97
CA LEU A 11 -0.22 2.47 10.43
C LEU A 11 0.52 1.12 10.39
N LEU A 12 0.83 0.66 9.17
CA LEU A 12 1.53 -0.62 8.98
C LEU A 12 3.01 -0.52 9.35
N MET A 13 3.60 0.66 9.16
CA MET A 13 5.00 0.89 9.48
C MET A 13 5.26 0.83 11.00
N MET A 14 4.20 0.98 11.79
CA MET A 14 4.30 0.94 13.25
C MET A 14 4.59 -0.49 13.74
N GLY A 15 4.54 -0.69 15.05
CA GLY A 15 4.78 -2.01 15.62
C GLY A 15 3.68 -3.00 15.30
N GLU A 16 3.45 -3.24 14.02
CA GLU A 16 2.41 -4.17 13.57
C GLU A 16 3.03 -5.37 12.84
N PRO A 17 2.19 -6.38 12.48
CA PRO A 17 2.65 -7.58 11.77
C PRO A 17 3.30 -7.27 10.42
N ALA A 18 4.28 -8.10 10.03
CA ALA A 18 4.96 -7.92 8.75
C ALA A 18 3.95 -7.96 7.58
N LYS A 19 2.78 -8.54 7.83
CA LYS A 19 1.71 -8.63 6.83
C LYS A 19 1.19 -7.24 6.45
N GLY A 20 0.07 -7.19 5.73
CA GLY A 20 -0.49 -5.91 5.33
C GLY A 20 0.16 -5.35 4.08
N TRP A 21 1.30 -4.67 4.24
CA TRP A 21 2.01 -4.10 3.10
C TRP A 21 2.54 -5.19 2.18
N GLN A 22 2.92 -6.33 2.76
CA GLN A 22 3.42 -7.46 1.99
C GLN A 22 2.28 -8.14 1.22
N GLU A 23 1.07 -8.14 1.82
CA GLU A 23 -0.11 -8.75 1.20
C GLU A 23 -0.34 -8.20 -0.21
N LEU A 24 0.06 -6.94 -0.43
CA LEU A 24 -0.08 -6.29 -1.74
C LEU A 24 0.72 -7.05 -2.79
N ALA A 25 1.93 -7.47 -2.41
CA ALA A 25 2.80 -8.23 -3.30
C ALA A 25 2.06 -9.44 -3.87
N GLY A 26 1.13 -9.98 -3.07
CA GLY A 26 0.34 -11.12 -3.52
C GLY A 26 -0.53 -10.78 -4.71
N HIS A 27 -1.05 -9.56 -4.72
CA HIS A 27 -1.88 -9.08 -5.82
C HIS A 27 -1.02 -8.47 -6.93
N LEU A 28 0.15 -7.95 -6.55
CA LEU A 28 1.07 -7.35 -7.49
C LEU A 28 1.76 -8.42 -8.33
N GLY A 29 2.04 -9.56 -7.71
CA GLY A 29 2.71 -10.67 -8.39
C GLY A 29 4.09 -10.97 -7.84
N TYR A 30 4.38 -10.45 -6.64
CA TYR A 30 5.67 -10.67 -5.99
C TYR A 30 5.62 -11.92 -5.10
N GLN A 31 6.65 -12.12 -4.28
CA GLN A 31 6.68 -13.29 -3.39
C GLN A 31 7.71 -13.14 -2.27
N ALA A 32 7.79 -14.16 -1.41
CA ALA A 32 8.70 -14.18 -0.26
C ALA A 32 10.11 -13.67 -0.58
N GLU A 33 10.68 -14.12 -1.69
CA GLU A 33 12.04 -13.69 -2.09
C GLU A 33 12.13 -12.17 -2.17
N ALA A 34 11.02 -11.53 -2.50
CA ALA A 34 10.98 -10.09 -2.60
C ALA A 34 10.33 -9.50 -1.34
N VAL A 35 9.40 -10.25 -0.75
CA VAL A 35 8.73 -9.83 0.47
C VAL A 35 9.75 -9.70 1.61
N GLU A 36 10.84 -10.47 1.51
CA GLU A 36 11.88 -10.44 2.52
C GLU A 36 12.64 -9.11 2.48
N THR A 37 12.85 -8.60 1.27
CA THR A 37 13.55 -7.33 1.06
C THR A 37 12.60 -6.14 1.18
N MET A 38 11.37 -6.29 0.68
CA MET A 38 10.37 -5.21 0.74
C MET A 38 10.33 -4.56 2.12
N ALA A 39 10.33 -5.39 3.16
CA ALA A 39 10.32 -4.92 4.54
C ALA A 39 11.51 -4.01 4.84
N CYS A 40 12.65 -4.25 4.18
CA CYS A 40 13.85 -3.44 4.41
C CYS A 40 14.30 -2.68 3.15
N ASP A 41 13.44 -2.63 2.14
CA ASP A 41 13.77 -1.92 0.91
C ASP A 41 13.29 -0.47 0.98
N GLN A 42 13.95 0.33 1.82
CA GLN A 42 13.59 1.74 1.98
C GLN A 42 12.09 1.89 2.27
N MET A 43 11.60 1.11 3.25
CA MET A 43 10.19 1.13 3.64
C MET A 43 9.29 0.52 2.56
N PRO A 44 8.49 -0.49 2.93
CA PRO A 44 7.58 -1.17 2.00
C PRO A 44 6.55 -0.21 1.41
N ALA A 45 5.87 0.55 2.28
CA ALA A 45 4.86 1.51 1.84
C ALA A 45 5.44 2.48 0.80
N TYR A 46 6.71 2.83 0.96
CA TYR A 46 7.39 3.73 0.03
C TYR A 46 7.88 2.96 -1.19
N THR A 47 8.56 1.84 -0.92
CA THR A 47 9.10 0.98 -1.98
C THR A 47 7.98 0.38 -2.85
N LEU A 48 6.84 0.09 -2.24
CA LEU A 48 5.70 -0.50 -2.93
C LEU A 48 5.35 0.21 -4.24
N LEU A 49 5.19 1.53 -4.18
CA LEU A 49 4.85 2.30 -5.37
C LEU A 49 5.86 2.04 -6.48
N ARG A 50 7.14 2.15 -6.12
CA ARG A 50 8.22 1.90 -7.07
C ARG A 50 8.13 0.47 -7.60
N ASN A 51 7.81 -0.47 -6.71
CA ASN A 51 7.69 -1.87 -7.05
C ASN A 51 6.46 -2.13 -7.93
N TRP A 52 5.30 -1.65 -7.47
CA TRP A 52 4.06 -1.83 -8.21
C TRP A 52 4.12 -1.10 -9.55
N ALA A 53 4.80 0.05 -9.57
CA ALA A 53 4.94 0.83 -10.79
C ALA A 53 6.01 0.23 -11.71
N ALA A 54 7.26 0.25 -11.24
CA ALA A 54 8.40 -0.28 -12.02
C ALA A 54 8.94 0.78 -13.00
N GLN A 55 8.14 1.79 -13.27
CA GLN A 55 8.53 2.87 -14.18
C GLN A 55 7.93 4.21 -13.72
N GLU A 56 6.68 4.18 -13.26
CA GLU A 56 5.98 5.38 -12.80
C GLU A 56 4.79 5.04 -11.92
N GLY A 57 3.87 4.23 -12.45
CA GLY A 57 2.69 3.83 -11.69
C GLY A 57 1.41 3.70 -12.52
N ASN A 58 1.50 3.63 -13.85
CA ASN A 58 0.32 3.51 -14.72
C ASN A 58 -0.49 2.23 -14.41
N ARG A 59 0.13 1.26 -13.74
CA ARG A 59 -0.51 0.01 -13.39
C ARG A 59 -1.15 0.08 -12.01
N ALA A 60 -0.36 0.49 -11.01
CA ALA A 60 -0.84 0.59 -9.63
C ALA A 60 -1.73 1.84 -9.41
N THR A 61 -2.53 2.19 -10.42
CA THR A 61 -3.43 3.35 -10.33
C THR A 61 -4.41 3.19 -9.18
N LEU A 62 -4.97 4.32 -8.73
CA LEU A 62 -5.94 4.32 -7.63
C LEU A 62 -7.04 3.27 -7.88
N ARG A 63 -7.37 3.06 -9.16
CA ARG A 63 -8.40 2.08 -9.53
C ARG A 63 -7.90 0.66 -9.30
N VAL A 64 -6.61 0.44 -9.55
CA VAL A 64 -6.00 -0.88 -9.36
C VAL A 64 -5.50 -1.04 -7.93
N LEU A 65 -4.87 0.00 -7.39
CA LEU A 65 -4.35 -0.03 -6.02
C LEU A 65 -5.48 -0.43 -5.06
N GLU A 66 -6.67 0.09 -5.29
CA GLU A 66 -7.83 -0.24 -4.46
C GLU A 66 -8.01 -1.76 -4.42
N ASP A 67 -8.06 -2.37 -5.60
CA ASP A 67 -8.19 -3.82 -5.71
C ASP A 67 -6.91 -4.49 -5.20
N ALA A 68 -5.77 -3.99 -5.68
CA ALA A 68 -4.46 -4.50 -5.29
C ALA A 68 -4.34 -4.66 -3.77
N LEU A 69 -5.05 -3.81 -3.02
CA LEU A 69 -5.01 -3.86 -1.56
C LEU A 69 -6.32 -4.39 -0.96
N ALA A 70 -7.46 -4.02 -1.54
CA ALA A 70 -8.76 -4.46 -1.04
C ALA A 70 -9.04 -5.94 -1.35
N ALA A 71 -8.50 -6.44 -2.45
CA ALA A 71 -8.70 -7.85 -2.82
C ALA A 71 -8.14 -8.80 -1.75
N ILE A 72 -7.20 -8.30 -0.94
CA ILE A 72 -6.60 -9.11 0.12
C ILE A 72 -7.23 -8.78 1.48
N GLY A 73 -7.85 -7.61 1.57
CA GLY A 73 -8.45 -7.17 2.82
C GLY A 73 -7.55 -6.20 3.55
N ARG A 74 -7.16 -5.13 2.87
CA ARG A 74 -6.27 -4.14 3.46
C ARG A 74 -6.92 -2.75 3.56
N GLU A 75 -8.23 -2.70 3.51
CA GLU A 75 -8.94 -1.43 3.66
C GLU A 75 -8.72 -0.88 5.07
N ASP A 76 -8.28 -1.76 5.98
CA ASP A 76 -7.99 -1.40 7.36
C ASP A 76 -7.06 -0.17 7.42
N VAL A 77 -6.24 0.01 6.39
CA VAL A 77 -5.33 1.14 6.33
C VAL A 77 -5.88 2.26 5.44
N VAL A 78 -6.57 1.88 4.36
CA VAL A 78 -7.17 2.86 3.46
C VAL A 78 -8.36 3.53 4.14
N GLN A 79 -9.11 2.75 4.93
CA GLN A 79 -10.28 3.26 5.65
C GLN A 79 -9.88 4.42 6.56
N VAL A 80 -8.77 4.25 7.27
CA VAL A 80 -8.27 5.28 8.17
C VAL A 80 -7.84 6.50 7.35
N LEU A 81 -7.06 6.25 6.31
CA LEU A 81 -6.57 7.30 5.42
C LEU A 81 -7.72 7.99 4.68
N SER A 82 -8.66 7.20 4.16
CA SER A 82 -9.80 7.73 3.44
C SER A 82 -11.06 7.70 4.30
N SER A 83 -10.89 8.00 5.59
CA SER A 83 -11.99 8.00 6.55
C SER A 83 -12.98 9.13 6.25
N PRO A 84 -14.22 8.78 5.85
CA PRO A 84 -15.26 9.77 5.52
C PRO A 84 -15.75 10.55 6.76
N ALA A 85 -14.87 11.34 7.35
CA ALA A 85 -15.22 12.13 8.54
C ALA A 85 -16.10 13.32 8.16
N GLU A 86 -17.36 13.04 7.80
CA GLU A 86 -18.31 14.08 7.43
C GLU A 86 -18.55 15.07 8.57
N SER A 87 -18.50 16.36 8.25
CA SER A 87 -18.70 17.41 9.25
C SER A 87 -19.31 18.67 8.60
N SER A 88 -20.32 18.47 7.77
CA SER A 88 -21.00 19.58 7.08
C SER A 88 -22.35 19.88 7.72
N SER A 89 -23.14 20.70 7.04
CA SER A 89 -24.47 21.08 7.53
C SER A 89 -25.52 20.85 6.44
N VAL A 90 -25.93 19.58 6.27
CA VAL A 90 -26.93 19.20 5.28
C VAL A 90 -26.40 19.37 3.85
N VAL A 91 -27.19 18.91 2.87
CA VAL A 91 -26.81 19.00 1.46
C VAL A 91 -28.03 19.29 0.58
#